data_1ZNE
# 
_entry.id   1ZNE 
# 
_audit_conform.dict_name       mmcif_pdbx.dic 
_audit_conform.dict_version    5.397 
_audit_conform.dict_location   http://mmcif.pdb.org/dictionaries/ascii/mmcif_pdbx.dic 
# 
loop_
_database_2.database_id 
_database_2.database_code 
_database_2.pdbx_database_accession 
_database_2.pdbx_DOI 
PDB   1ZNE         pdb_00001zne 10.2210/pdb1zne/pdb 
RCSB  RCSB032922   ?            ?                   
WWPDB D_1000032922 ?            ?                   
# 
loop_
_pdbx_audit_revision_history.ordinal 
_pdbx_audit_revision_history.data_content_type 
_pdbx_audit_revision_history.major_revision 
_pdbx_audit_revision_history.minor_revision 
_pdbx_audit_revision_history.revision_date 
1 'Structure model' 1 0 2005-12-20 
2 'Structure model' 1 1 2008-04-30 
3 'Structure model' 1 2 2011-07-13 
4 'Structure model' 2 0 2023-08-23 
5 'Structure model' 2 1 2024-10-30 
# 
_pdbx_audit_revision_details.ordinal             1 
_pdbx_audit_revision_details.revision_ordinal    1 
_pdbx_audit_revision_details.data_content_type   'Structure model' 
_pdbx_audit_revision_details.provider            repository 
_pdbx_audit_revision_details.type                'Initial release' 
_pdbx_audit_revision_details.description         ? 
_pdbx_audit_revision_details.details             ? 
# 
loop_
_pdbx_audit_revision_group.ordinal 
_pdbx_audit_revision_group.revision_ordinal 
_pdbx_audit_revision_group.data_content_type 
_pdbx_audit_revision_group.group 
1 2 'Structure model' 'Version format compliance' 
2 3 'Structure model' 'Version format compliance' 
3 4 'Structure model' 'Atomic model'              
4 4 'Structure model' 'Data collection'           
5 4 'Structure model' 'Database references'       
6 4 'Structure model' 'Derived calculations'      
7 4 'Structure model' 'Refinement description'    
8 5 'Structure model' 'Structure summary'         
# 
loop_
_pdbx_audit_revision_category.ordinal 
_pdbx_audit_revision_category.revision_ordinal 
_pdbx_audit_revision_category.data_content_type 
_pdbx_audit_revision_category.category 
1  4 'Structure model' atom_site                     
2  4 'Structure model' chem_comp_atom                
3  4 'Structure model' chem_comp_bond                
4  4 'Structure model' database_2                    
5  4 'Structure model' pdbx_initial_refinement_model 
6  4 'Structure model' pdbx_struct_conn_angle        
7  4 'Structure model' struct_conn                   
8  4 'Structure model' struct_ref_seq_dif            
9  4 'Structure model' struct_site                   
10 5 'Structure model' pdbx_entry_details            
11 5 'Structure model' pdbx_modification_feature     
# 
loop_
_pdbx_audit_revision_item.ordinal 
_pdbx_audit_revision_item.revision_ordinal 
_pdbx_audit_revision_item.data_content_type 
_pdbx_audit_revision_item.item 
1  4 'Structure model' '_atom_site.occupancy'                        
2  4 'Structure model' '_database_2.pdbx_DOI'                        
3  4 'Structure model' '_database_2.pdbx_database_accession'         
4  4 'Structure model' '_pdbx_struct_conn_angle.ptnr1_auth_comp_id'  
5  4 'Structure model' '_pdbx_struct_conn_angle.ptnr1_auth_seq_id'   
6  4 'Structure model' '_pdbx_struct_conn_angle.ptnr1_label_asym_id' 
7  4 'Structure model' '_pdbx_struct_conn_angle.ptnr1_label_atom_id' 
8  4 'Structure model' '_pdbx_struct_conn_angle.ptnr1_label_comp_id' 
9  4 'Structure model' '_pdbx_struct_conn_angle.ptnr1_label_seq_id'  
10 4 'Structure model' '_pdbx_struct_conn_angle.ptnr1_symmetry'      
11 4 'Structure model' '_pdbx_struct_conn_angle.ptnr2_auth_seq_id'   
12 4 'Structure model' '_pdbx_struct_conn_angle.ptnr2_label_asym_id' 
13 4 'Structure model' '_pdbx_struct_conn_angle.ptnr3_auth_comp_id'  
14 4 'Structure model' '_pdbx_struct_conn_angle.ptnr3_auth_seq_id'   
15 4 'Structure model' '_pdbx_struct_conn_angle.ptnr3_label_asym_id' 
16 4 'Structure model' '_pdbx_struct_conn_angle.ptnr3_label_atom_id' 
17 4 'Structure model' '_pdbx_struct_conn_angle.ptnr3_label_comp_id' 
18 4 'Structure model' '_pdbx_struct_conn_angle.ptnr3_label_seq_id'  
19 4 'Structure model' '_pdbx_struct_conn_angle.ptnr3_symmetry'      
20 4 'Structure model' '_pdbx_struct_conn_angle.value'               
21 4 'Structure model' '_struct_conn.pdbx_dist_value'                
22 4 'Structure model' '_struct_conn.ptnr1_auth_comp_id'             
23 4 'Structure model' '_struct_conn.ptnr1_auth_seq_id'              
24 4 'Structure model' '_struct_conn.ptnr1_label_asym_id'            
25 4 'Structure model' '_struct_conn.ptnr1_label_atom_id'            
26 4 'Structure model' '_struct_conn.ptnr1_label_comp_id'            
27 4 'Structure model' '_struct_conn.ptnr1_label_seq_id'             
28 4 'Structure model' '_struct_conn.ptnr1_symmetry'                 
29 4 'Structure model' '_struct_conn.ptnr2_auth_comp_id'             
30 4 'Structure model' '_struct_conn.ptnr2_auth_seq_id'              
31 4 'Structure model' '_struct_conn.ptnr2_label_asym_id'            
32 4 'Structure model' '_struct_conn.ptnr2_label_atom_id'            
33 4 'Structure model' '_struct_conn.ptnr2_label_comp_id'            
34 4 'Structure model' '_struct_conn.ptnr2_label_seq_id'             
35 4 'Structure model' '_struct_conn.ptnr2_symmetry'                 
36 4 'Structure model' '_struct_ref_seq_dif.details'                 
37 4 'Structure model' '_struct_site.pdbx_auth_asym_id'              
38 4 'Structure model' '_struct_site.pdbx_auth_comp_id'              
39 4 'Structure model' '_struct_site.pdbx_auth_seq_id'               
# 
_pdbx_database_status.status_code                     REL 
_pdbx_database_status.entry_id                        1ZNE 
_pdbx_database_status.recvd_initial_deposition_date   2005-05-11 
_pdbx_database_status.deposit_site                    RCSB 
_pdbx_database_status.process_site                    RCSB 
_pdbx_database_status.status_code_sf                  REL 
_pdbx_database_status.status_code_mr                  ? 
_pdbx_database_status.SG_entry                        ? 
_pdbx_database_status.pdb_format_compatible           Y 
_pdbx_database_status.status_code_cs                  ? 
_pdbx_database_status.status_code_nmr_data            ? 
_pdbx_database_status.methods_development_category    ? 
# 
loop_
_pdbx_database_related.db_name 
_pdbx_database_related.db_id 
_pdbx_database_related.details 
_pdbx_database_related.content_type 
PDB 1ZND . unspecified 
PDB 1ZNG . unspecified 
PDB 1ZNH . unspecified 
PDB 1ZNK . unspecified 
PDB 1ZNL . unspecified 
# 
loop_
_audit_author.name 
_audit_author.pdbx_ordinal 
'Malham, R.'     1 
'Johnstone, S.'  2 
'Bingham, R.J.'  3 
'Barratt, E.'    4 
'Phillips, S.E.' 5 
'Laughton, C.A.' 6 
'Homans, S.W.'   7 
# 
_citation.id                        primary 
_citation.title                     'Strong Solute-Solute Dispersive Interactions in a Protein-Ligand Complex.' 
_citation.journal_abbrev            J.Am.Chem.Soc. 
_citation.journal_volume            127 
_citation.page_first                17061 
_citation.page_last                 17067 
_citation.year                      2005 
_citation.journal_id_ASTM           JACSAT 
_citation.country                   US 
_citation.journal_id_ISSN           0002-7863 
_citation.journal_id_CSD            0004 
_citation.book_publisher            ? 
_citation.pdbx_database_id_PubMed   16316253 
_citation.pdbx_database_id_DOI      10.1021/ja055454g 
# 
loop_
_citation_author.citation_id 
_citation_author.name 
_citation_author.ordinal 
_citation_author.identifier_ORCID 
primary 'Malham, R.'     1 ? 
primary 'Johnstone, S.'  2 ? 
primary 'Bingham, R.J.'  3 ? 
primary 'Barratt, E.'    4 ? 
primary 'Phillips, S.E.' 5 ? 
primary 'Laughton, C.A.' 6 ? 
primary 'Homans, S.W.'   7 ? 
# 
loop_
_entity.id 
_entity.type 
_entity.src_method 
_entity.pdbx_description 
_entity.formula_weight 
_entity.pdbx_number_of_molecules 
_entity.pdbx_ec 
_entity.pdbx_mutation 
_entity.pdbx_fragment 
_entity.details 
1 polymer     man 'Major Urinary Protein' 20139.400 1   ? ? ? ? 
2 non-polymer syn 'CADMIUM ION'           112.411   5   ? ? ? ? 
3 non-polymer syn HEXAN-1-OL              102.175   1   ? ? ? ? 
4 water       nat water                   18.015    151 ? ? ? ? 
# 
_entity_poly.entity_id                      1 
_entity_poly.type                           'polypeptide(L)' 
_entity_poly.nstd_linkage                   no 
_entity_poly.nstd_monomer                   no 
_entity_poly.pdbx_seq_one_letter_code       
;MRGSHHHHHHGSEEASSTGRNFNVEKINGEWHTIILASDKREKIEDNGNFRLFLEQIHVLEKSLVLKFHTVRDEECSELS
MVADKTEKAGEYSVTYDGFNTFTIPKTDYDNFLMAHLINEKDGETFQLMGLYGREPDLSSDIKERFAQLCEEHGILRENI
IDLSNANRCLQARE
;
_entity_poly.pdbx_seq_one_letter_code_can   
;MRGSHHHHHHGSEEASSTGRNFNVEKINGEWHTIILASDKREKIEDNGNFRLFLEQIHVLEKSLVLKFHTVRDEECSELS
MVADKTEKAGEYSVTYDGFNTFTIPKTDYDNFLMAHLINEKDGETFQLMGLYGREPDLSSDIKERFAQLCEEHGILRENI
IDLSNANRCLQARE
;
_entity_poly.pdbx_strand_id                 A 
_entity_poly.pdbx_target_identifier         ? 
# 
loop_
_pdbx_entity_nonpoly.entity_id 
_pdbx_entity_nonpoly.name 
_pdbx_entity_nonpoly.comp_id 
2 'CADMIUM ION' CD  
3 HEXAN-1-OL    HE2 
4 water         HOH 
# 
loop_
_entity_poly_seq.entity_id 
_entity_poly_seq.num 
_entity_poly_seq.mon_id 
_entity_poly_seq.hetero 
1 1   MET n 
1 2   ARG n 
1 3   GLY n 
1 4   SER n 
1 5   HIS n 
1 6   HIS n 
1 7   HIS n 
1 8   HIS n 
1 9   HIS n 
1 10  HIS n 
1 11  GLY n 
1 12  SER n 
1 13  GLU n 
1 14  GLU n 
1 15  ALA n 
1 16  SER n 
1 17  SER n 
1 18  THR n 
1 19  GLY n 
1 20  ARG n 
1 21  ASN n 
1 22  PHE n 
1 23  ASN n 
1 24  VAL n 
1 25  GLU n 
1 26  LYS n 
1 27  ILE n 
1 28  ASN n 
1 29  GLY n 
1 30  GLU n 
1 31  TRP n 
1 32  HIS n 
1 33  THR n 
1 34  ILE n 
1 35  ILE n 
1 36  LEU n 
1 37  ALA n 
1 38  SER n 
1 39  ASP n 
1 40  LYS n 
1 41  ARG n 
1 42  GLU n 
1 43  LYS n 
1 44  ILE n 
1 45  GLU n 
1 46  ASP n 
1 47  ASN n 
1 48  GLY n 
1 49  ASN n 
1 50  PHE n 
1 51  ARG n 
1 52  LEU n 
1 53  PHE n 
1 54  LEU n 
1 55  GLU n 
1 56  GLN n 
1 57  ILE n 
1 58  HIS n 
1 59  VAL n 
1 60  LEU n 
1 61  GLU n 
1 62  LYS n 
1 63  SER n 
1 64  LEU n 
1 65  VAL n 
1 66  LEU n 
1 67  LYS n 
1 68  PHE n 
1 69  HIS n 
1 70  THR n 
1 71  VAL n 
1 72  ARG n 
1 73  ASP n 
1 74  GLU n 
1 75  GLU n 
1 76  CYS n 
1 77  SER n 
1 78  GLU n 
1 79  LEU n 
1 80  SER n 
1 81  MET n 
1 82  VAL n 
1 83  ALA n 
1 84  ASP n 
1 85  LYS n 
1 86  THR n 
1 87  GLU n 
1 88  LYS n 
1 89  ALA n 
1 90  GLY n 
1 91  GLU n 
1 92  TYR n 
1 93  SER n 
1 94  VAL n 
1 95  THR n 
1 96  TYR n 
1 97  ASP n 
1 98  GLY n 
1 99  PHE n 
1 100 ASN n 
1 101 THR n 
1 102 PHE n 
1 103 THR n 
1 104 ILE n 
1 105 PRO n 
1 106 LYS n 
1 107 THR n 
1 108 ASP n 
1 109 TYR n 
1 110 ASP n 
1 111 ASN n 
1 112 PHE n 
1 113 LEU n 
1 114 MET n 
1 115 ALA n 
1 116 HIS n 
1 117 LEU n 
1 118 ILE n 
1 119 ASN n 
1 120 GLU n 
1 121 LYS n 
1 122 ASP n 
1 123 GLY n 
1 124 GLU n 
1 125 THR n 
1 126 PHE n 
1 127 GLN n 
1 128 LEU n 
1 129 MET n 
1 130 GLY n 
1 131 LEU n 
1 132 TYR n 
1 133 GLY n 
1 134 ARG n 
1 135 GLU n 
1 136 PRO n 
1 137 ASP n 
1 138 LEU n 
1 139 SER n 
1 140 SER n 
1 141 ASP n 
1 142 ILE n 
1 143 LYS n 
1 144 GLU n 
1 145 ARG n 
1 146 PHE n 
1 147 ALA n 
1 148 GLN n 
1 149 LEU n 
1 150 CYS n 
1 151 GLU n 
1 152 GLU n 
1 153 HIS n 
1 154 GLY n 
1 155 ILE n 
1 156 LEU n 
1 157 ARG n 
1 158 GLU n 
1 159 ASN n 
1 160 ILE n 
1 161 ILE n 
1 162 ASP n 
1 163 LEU n 
1 164 SER n 
1 165 ASN n 
1 166 ALA n 
1 167 ASN n 
1 168 ARG n 
1 169 CYS n 
1 170 LEU n 
1 171 GLN n 
1 172 ALA n 
1 173 ARG n 
1 174 GLU n 
# 
_entity_src_gen.entity_id                          1 
_entity_src_gen.pdbx_src_id                        1 
_entity_src_gen.pdbx_alt_source_flag               sample 
_entity_src_gen.pdbx_seq_type                      ? 
_entity_src_gen.pdbx_beg_seq_num                   ? 
_entity_src_gen.pdbx_end_seq_num                   ? 
_entity_src_gen.gene_src_common_name               'house mouse' 
_entity_src_gen.gene_src_genus                     Mus 
_entity_src_gen.pdbx_gene_src_gene                 MUP1 
_entity_src_gen.gene_src_species                   ? 
_entity_src_gen.gene_src_strain                    ? 
_entity_src_gen.gene_src_tissue                    ? 
_entity_src_gen.gene_src_tissue_fraction           ? 
_entity_src_gen.gene_src_details                   ? 
_entity_src_gen.pdbx_gene_src_fragment             ? 
_entity_src_gen.pdbx_gene_src_scientific_name      'Mus musculus' 
_entity_src_gen.pdbx_gene_src_ncbi_taxonomy_id     10090 
_entity_src_gen.pdbx_gene_src_variant              ? 
_entity_src_gen.pdbx_gene_src_cell_line            ? 
_entity_src_gen.pdbx_gene_src_atcc                 ? 
_entity_src_gen.pdbx_gene_src_organ                ? 
_entity_src_gen.pdbx_gene_src_organelle            ? 
_entity_src_gen.pdbx_gene_src_cell                 ? 
_entity_src_gen.pdbx_gene_src_cellular_location    ? 
_entity_src_gen.host_org_common_name               ? 
_entity_src_gen.pdbx_host_org_scientific_name      'Escherichia coli' 
_entity_src_gen.pdbx_host_org_ncbi_taxonomy_id     562 
_entity_src_gen.host_org_genus                     Escherichia 
_entity_src_gen.pdbx_host_org_gene                 ? 
_entity_src_gen.pdbx_host_org_organ                ? 
_entity_src_gen.host_org_species                   ? 
_entity_src_gen.pdbx_host_org_tissue               ? 
_entity_src_gen.pdbx_host_org_tissue_fraction      ? 
_entity_src_gen.pdbx_host_org_strain               SG13009 
_entity_src_gen.pdbx_host_org_variant              ? 
_entity_src_gen.pdbx_host_org_cell_line            ? 
_entity_src_gen.pdbx_host_org_atcc                 ? 
_entity_src_gen.pdbx_host_org_culture_collection   ? 
_entity_src_gen.pdbx_host_org_cell                 ? 
_entity_src_gen.pdbx_host_org_organelle            ? 
_entity_src_gen.pdbx_host_org_cellular_location    ? 
_entity_src_gen.pdbx_host_org_vector_type          PLASMID 
_entity_src_gen.pdbx_host_org_vector               ? 
_entity_src_gen.host_org_details                   ? 
_entity_src_gen.expression_system_id               ? 
_entity_src_gen.plasmid_name                       pQE30 
_entity_src_gen.plasmid_details                    ? 
_entity_src_gen.pdbx_description                   ? 
# 
loop_
_chem_comp.id 
_chem_comp.type 
_chem_comp.mon_nstd_flag 
_chem_comp.name 
_chem_comp.pdbx_synonyms 
_chem_comp.formula 
_chem_comp.formula_weight 
ALA 'L-peptide linking' y ALANINE         ? 'C3 H7 N O2'     89.093  
ARG 'L-peptide linking' y ARGININE        ? 'C6 H15 N4 O2 1' 175.209 
ASN 'L-peptide linking' y ASPARAGINE      ? 'C4 H8 N2 O3'    132.118 
ASP 'L-peptide linking' y 'ASPARTIC ACID' ? 'C4 H7 N O4'     133.103 
CD  non-polymer         . 'CADMIUM ION'   ? 'Cd 2'           112.411 
CYS 'L-peptide linking' y CYSTEINE        ? 'C3 H7 N O2 S'   121.158 
GLN 'L-peptide linking' y GLUTAMINE       ? 'C5 H10 N2 O3'   146.144 
GLU 'L-peptide linking' y 'GLUTAMIC ACID' ? 'C5 H9 N O4'     147.129 
GLY 'peptide linking'   y GLYCINE         ? 'C2 H5 N O2'     75.067  
HE2 non-polymer         . HEXAN-1-OL      ? 'C6 H14 O'       102.175 
HIS 'L-peptide linking' y HISTIDINE       ? 'C6 H10 N3 O2 1' 156.162 
HOH non-polymer         . WATER           ? 'H2 O'           18.015  
ILE 'L-peptide linking' y ISOLEUCINE      ? 'C6 H13 N O2'    131.173 
LEU 'L-peptide linking' y LEUCINE         ? 'C6 H13 N O2'    131.173 
LYS 'L-peptide linking' y LYSINE          ? 'C6 H15 N2 O2 1' 147.195 
MET 'L-peptide linking' y METHIONINE      ? 'C5 H11 N O2 S'  149.211 
PHE 'L-peptide linking' y PHENYLALANINE   ? 'C9 H11 N O2'    165.189 
PRO 'L-peptide linking' y PROLINE         ? 'C5 H9 N O2'     115.130 
SER 'L-peptide linking' y SERINE          ? 'C3 H7 N O3'     105.093 
THR 'L-peptide linking' y THREONINE       ? 'C4 H9 N O3'     119.119 
TRP 'L-peptide linking' y TRYPTOPHAN      ? 'C11 H12 N2 O2'  204.225 
TYR 'L-peptide linking' y TYROSINE        ? 'C9 H11 N O3'    181.189 
VAL 'L-peptide linking' y VALINE          ? 'C5 H11 N O2'    117.146 
# 
loop_
_pdbx_poly_seq_scheme.asym_id 
_pdbx_poly_seq_scheme.entity_id 
_pdbx_poly_seq_scheme.seq_id 
_pdbx_poly_seq_scheme.mon_id 
_pdbx_poly_seq_scheme.ndb_seq_num 
_pdbx_poly_seq_scheme.pdb_seq_num 
_pdbx_poly_seq_scheme.auth_seq_num 
_pdbx_poly_seq_scheme.pdb_mon_id 
_pdbx_poly_seq_scheme.auth_mon_id 
_pdbx_poly_seq_scheme.pdb_strand_id 
_pdbx_poly_seq_scheme.pdb_ins_code 
_pdbx_poly_seq_scheme.hetero 
A 1 1   MET 1   -11 ?   ?   ?   A . n 
A 1 2   ARG 2   -10 ?   ?   ?   A . n 
A 1 3   GLY 3   -9  ?   ?   ?   A . n 
A 1 4   SER 4   -8  ?   ?   ?   A . n 
A 1 5   HIS 5   -7  ?   ?   ?   A . n 
A 1 6   HIS 6   -6  ?   ?   ?   A . n 
A 1 7   HIS 7   -5  ?   ?   ?   A . n 
A 1 8   HIS 8   -4  ?   ?   ?   A . n 
A 1 9   HIS 9   -3  ?   ?   ?   A . n 
A 1 10  HIS 10  -2  ?   ?   ?   A . n 
A 1 11  GLY 11  -1  ?   ?   ?   A . n 
A 1 12  SER 12  0   ?   ?   ?   A . n 
A 1 13  GLU 13  1   1   GLU GLU A . n 
A 1 14  GLU 14  2   2   GLU GLU A . n 
A 1 15  ALA 15  3   3   ALA ALA A . n 
A 1 16  SER 16  4   4   SER SER A . n 
A 1 17  SER 17  5   5   SER SER A . n 
A 1 18  THR 18  6   6   THR THR A . n 
A 1 19  GLY 19  7   7   GLY GLY A . n 
A 1 20  ARG 20  8   8   ARG ARG A . n 
A 1 21  ASN 21  9   9   ASN ASN A . n 
A 1 22  PHE 22  10  10  PHE PHE A . n 
A 1 23  ASN 23  11  11  ASN ASN A . n 
A 1 24  VAL 24  12  12  VAL VAL A . n 
A 1 25  GLU 25  13  13  GLU GLU A . n 
A 1 26  LYS 26  14  14  LYS LYS A . n 
A 1 27  ILE 27  15  15  ILE ILE A . n 
A 1 28  ASN 28  16  16  ASN ASN A . n 
A 1 29  GLY 29  17  17  GLY GLY A . n 
A 1 30  GLU 30  18  18  GLU GLU A . n 
A 1 31  TRP 31  19  19  TRP TRP A . n 
A 1 32  HIS 32  20  20  HIS HIS A . n 
A 1 33  THR 33  21  21  THR THR A . n 
A 1 34  ILE 34  22  22  ILE ILE A . n 
A 1 35  ILE 35  23  23  ILE ILE A . n 
A 1 36  LEU 36  24  24  LEU LEU A . n 
A 1 37  ALA 37  25  25  ALA ALA A . n 
A 1 38  SER 38  26  26  SER SER A . n 
A 1 39  ASP 39  27  27  ASP ASP A . n 
A 1 40  LYS 40  28  28  LYS LYS A . n 
A 1 41  ARG 41  29  29  ARG ARG A . n 
A 1 42  GLU 42  30  30  GLU GLU A . n 
A 1 43  LYS 43  31  31  LYS LYS A . n 
A 1 44  ILE 44  32  32  ILE ILE A . n 
A 1 45  GLU 45  33  33  GLU GLU A . n 
A 1 46  ASP 46  34  34  ASP ASP A . n 
A 1 47  ASN 47  35  35  ASN ASN A . n 
A 1 48  GLY 48  36  36  GLY GLY A . n 
A 1 49  ASN 49  37  37  ASN ASN A . n 
A 1 50  PHE 50  38  38  PHE PHE A . n 
A 1 51  ARG 51  39  39  ARG ARG A . n 
A 1 52  LEU 52  40  40  LEU LEU A . n 
A 1 53  PHE 53  41  41  PHE PHE A . n 
A 1 54  LEU 54  42  42  LEU LEU A . n 
A 1 55  GLU 55  43  43  GLU GLU A . n 
A 1 56  GLN 56  44  44  GLN GLN A . n 
A 1 57  ILE 57  45  45  ILE ILE A . n 
A 1 58  HIS 58  46  46  HIS HIS A . n 
A 1 59  VAL 59  47  47  VAL VAL A . n 
A 1 60  LEU 60  48  48  LEU LEU A . n 
A 1 61  GLU 61  49  49  GLU GLU A . n 
A 1 62  LYS 62  50  50  LYS LYS A . n 
A 1 63  SER 63  51  51  SER SER A . n 
A 1 64  LEU 64  52  52  LEU LEU A . n 
A 1 65  VAL 65  53  53  VAL VAL A . n 
A 1 66  LEU 66  54  54  LEU LEU A . n 
A 1 67  LYS 67  55  55  LYS LYS A . n 
A 1 68  PHE 68  56  56  PHE PHE A . n 
A 1 69  HIS 69  57  57  HIS HIS A . n 
A 1 70  THR 70  58  58  THR THR A . n 
A 1 71  VAL 71  59  59  VAL VAL A . n 
A 1 72  ARG 72  60  60  ARG ARG A . n 
A 1 73  ASP 73  61  61  ASP ASP A . n 
A 1 74  GLU 74  62  62  GLU GLU A . n 
A 1 75  GLU 75  63  63  GLU GLU A . n 
A 1 76  CYS 76  64  64  CYS CYS A . n 
A 1 77  SER 77  65  65  SER SER A . n 
A 1 78  GLU 78  66  66  GLU GLU A . n 
A 1 79  LEU 79  67  67  LEU LEU A . n 
A 1 80  SER 80  68  68  SER SER A . n 
A 1 81  MET 81  69  69  MET MET A . n 
A 1 82  VAL 82  70  70  VAL VAL A . n 
A 1 83  ALA 83  71  71  ALA ALA A . n 
A 1 84  ASP 84  72  72  ASP ASP A . n 
A 1 85  LYS 85  73  73  LYS LYS A . n 
A 1 86  THR 86  74  74  THR THR A . n 
A 1 87  GLU 87  75  75  GLU GLU A . n 
A 1 88  LYS 88  76  76  LYS LYS A . n 
A 1 89  ALA 89  77  77  ALA ALA A . n 
A 1 90  GLY 90  78  78  GLY GLY A . n 
A 1 91  GLU 91  79  79  GLU GLU A . n 
A 1 92  TYR 92  80  80  TYR TYR A . n 
A 1 93  SER 93  81  81  SER SER A . n 
A 1 94  VAL 94  82  82  VAL VAL A . n 
A 1 95  THR 95  83  83  THR THR A . n 
A 1 96  TYR 96  84  84  TYR TYR A . n 
A 1 97  ASP 97  85  85  ASP ASP A . n 
A 1 98  GLY 98  86  86  GLY GLY A . n 
A 1 99  PHE 99  87  87  PHE PHE A . n 
A 1 100 ASN 100 88  88  ASN ASN A . n 
A 1 101 THR 101 89  89  THR THR A . n 
A 1 102 PHE 102 90  90  PHE PHE A . n 
A 1 103 THR 103 91  91  THR THR A . n 
A 1 104 ILE 104 92  92  ILE ILE A . n 
A 1 105 PRO 105 93  93  PRO PRO A . n 
A 1 106 LYS 106 94  94  LYS LYS A . n 
A 1 107 THR 107 95  95  THR THR A . n 
A 1 108 ASP 108 96  96  ASP ASP A . n 
A 1 109 TYR 109 97  97  TYR TYR A . n 
A 1 110 ASP 110 98  98  ASP ASP A . n 
A 1 111 ASN 111 99  99  ASN ASN A . n 
A 1 112 PHE 112 100 100 PHE PHE A . n 
A 1 113 LEU 113 101 101 LEU LEU A . n 
A 1 114 MET 114 102 102 MET MET A . n 
A 1 115 ALA 115 103 103 ALA ALA A . n 
A 1 116 HIS 116 104 104 HIS HIS A . n 
A 1 117 LEU 117 105 105 LEU LEU A . n 
A 1 118 ILE 118 106 106 ILE ILE A . n 
A 1 119 ASN 119 107 107 ASN ASN A . n 
A 1 120 GLU 120 108 108 GLU GLU A . n 
A 1 121 LYS 121 109 109 LYS LYS A . n 
A 1 122 ASP 122 110 110 ASP ASP A . n 
A 1 123 GLY 123 111 111 GLY GLY A . n 
A 1 124 GLU 124 112 112 GLU GLU A . n 
A 1 125 THR 125 113 113 THR THR A . n 
A 1 126 PHE 126 114 114 PHE PHE A . n 
A 1 127 GLN 127 115 115 GLN GLN A . n 
A 1 128 LEU 128 116 116 LEU LEU A . n 
A 1 129 MET 129 117 117 MET MET A . n 
A 1 130 GLY 130 118 118 GLY GLY A . n 
A 1 131 LEU 131 119 119 LEU LEU A . n 
A 1 132 TYR 132 120 120 TYR TYR A . n 
A 1 133 GLY 133 121 121 GLY GLY A . n 
A 1 134 ARG 134 122 122 ARG ARG A . n 
A 1 135 GLU 135 123 123 GLU GLU A . n 
A 1 136 PRO 136 124 124 PRO PRO A . n 
A 1 137 ASP 137 125 125 ASP ASP A . n 
A 1 138 LEU 138 126 126 LEU LEU A . n 
A 1 139 SER 139 127 127 SER SER A . n 
A 1 140 SER 140 128 128 SER SER A . n 
A 1 141 ASP 141 129 129 ASP ASP A . n 
A 1 142 ILE 142 130 130 ILE ILE A . n 
A 1 143 LYS 143 131 131 LYS LYS A . n 
A 1 144 GLU 144 132 132 GLU GLU A . n 
A 1 145 ARG 145 133 133 ARG ARG A . n 
A 1 146 PHE 146 134 134 PHE PHE A . n 
A 1 147 ALA 147 135 135 ALA ALA A . n 
A 1 148 GLN 148 136 136 GLN GLN A . n 
A 1 149 LEU 149 137 137 LEU LEU A . n 
A 1 150 CYS 150 138 138 CYS CYS A . n 
A 1 151 GLU 151 139 139 GLU GLU A . n 
A 1 152 GLU 152 140 140 GLU GLU A . n 
A 1 153 HIS 153 141 141 HIS HIS A . n 
A 1 154 GLY 154 142 142 GLY GLY A . n 
A 1 155 ILE 155 143 143 ILE ILE A . n 
A 1 156 LEU 156 144 144 LEU LEU A . n 
A 1 157 ARG 157 145 145 ARG ARG A . n 
A 1 158 GLU 158 146 146 GLU GLU A . n 
A 1 159 ASN 159 147 147 ASN ASN A . n 
A 1 160 ILE 160 148 148 ILE ILE A . n 
A 1 161 ILE 161 149 149 ILE ILE A . n 
A 1 162 ASP 162 150 150 ASP ASP A . n 
A 1 163 LEU 163 151 151 LEU LEU A . n 
A 1 164 SER 164 152 152 SER SER A . n 
A 1 165 ASN 165 153 153 ASN ASN A . n 
A 1 166 ALA 166 154 154 ALA ALA A . n 
A 1 167 ASN 167 155 155 ASN ASN A . n 
A 1 168 ARG 168 156 156 ARG ARG A . n 
A 1 169 CYS 169 157 157 CYS CYS A . n 
A 1 170 LEU 170 158 ?   ?   ?   A . n 
A 1 171 GLN 171 159 ?   ?   ?   A . n 
A 1 172 ALA 172 160 ?   ?   ?   A . n 
A 1 173 ARG 173 161 ?   ?   ?   A . n 
A 1 174 GLU 174 162 ?   ?   ?   A . n 
# 
loop_
_pdbx_nonpoly_scheme.asym_id 
_pdbx_nonpoly_scheme.entity_id 
_pdbx_nonpoly_scheme.mon_id 
_pdbx_nonpoly_scheme.ndb_seq_num 
_pdbx_nonpoly_scheme.pdb_seq_num 
_pdbx_nonpoly_scheme.auth_seq_num 
_pdbx_nonpoly_scheme.pdb_mon_id 
_pdbx_nonpoly_scheme.auth_mon_id 
_pdbx_nonpoly_scheme.pdb_strand_id 
_pdbx_nonpoly_scheme.pdb_ins_code 
B 2 CD  1   200 200 CD  CD  A . 
C 2 CD  1   201 201 CD  CD  A . 
D 2 CD  1   199 199 CD  CD  A . 
E 2 CD  1   198 198 CD  CD  A . 
F 2 CD  1   202 202 CD  CD  A . 
G 3 HE2 1   500 500 HE2 HEX A . 
H 4 HOH 1   204 204 HOH WAT A . 
H 4 HOH 2   205 205 HOH WAT A . 
H 4 HOH 3   208 208 HOH WAT A . 
H 4 HOH 4   209 209 HOH WAT A . 
H 4 HOH 5   210 210 HOH WAT A . 
H 4 HOH 6   211 211 HOH WAT A . 
H 4 HOH 7   212 212 HOH WAT A . 
H 4 HOH 8   213 213 HOH WAT A . 
H 4 HOH 9   214 214 HOH WAT A . 
H 4 HOH 10  216 216 HOH WAT A . 
H 4 HOH 11  217 217 HOH WAT A . 
H 4 HOH 12  218 218 HOH WAT A . 
H 4 HOH 13  219 219 HOH WAT A . 
H 4 HOH 14  220 220 HOH WAT A . 
H 4 HOH 15  221 221 HOH WAT A . 
H 4 HOH 16  222 222 HOH WAT A . 
H 4 HOH 17  223 223 HOH WAT A . 
H 4 HOH 18  224 224 HOH WAT A . 
H 4 HOH 19  225 225 HOH WAT A . 
H 4 HOH 20  226 226 HOH WAT A . 
H 4 HOH 21  228 228 HOH WAT A . 
H 4 HOH 22  229 229 HOH WAT A . 
H 4 HOH 23  230 230 HOH WAT A . 
H 4 HOH 24  231 231 HOH WAT A . 
H 4 HOH 25  232 232 HOH WAT A . 
H 4 HOH 26  233 233 HOH WAT A . 
H 4 HOH 27  235 235 HOH WAT A . 
H 4 HOH 28  236 236 HOH WAT A . 
H 4 HOH 29  237 237 HOH WAT A . 
H 4 HOH 30  238 238 HOH WAT A . 
H 4 HOH 31  239 239 HOH WAT A . 
H 4 HOH 32  240 240 HOH WAT A . 
H 4 HOH 33  241 241 HOH WAT A . 
H 4 HOH 34  242 242 HOH WAT A . 
H 4 HOH 35  243 243 HOH WAT A . 
H 4 HOH 36  244 244 HOH WAT A . 
H 4 HOH 37  245 245 HOH WAT A . 
H 4 HOH 38  246 246 HOH WAT A . 
H 4 HOH 39  247 247 HOH WAT A . 
H 4 HOH 40  248 248 HOH WAT A . 
H 4 HOH 41  249 249 HOH WAT A . 
H 4 HOH 42  250 250 HOH WAT A . 
H 4 HOH 43  251 251 HOH WAT A . 
H 4 HOH 44  252 252 HOH WAT A . 
H 4 HOH 45  254 254 HOH WAT A . 
H 4 HOH 46  255 255 HOH WAT A . 
H 4 HOH 47  256 256 HOH WAT A . 
H 4 HOH 48  257 257 HOH WAT A . 
H 4 HOH 49  258 258 HOH WAT A . 
H 4 HOH 50  259 259 HOH WAT A . 
H 4 HOH 51  260 260 HOH WAT A . 
H 4 HOH 52  261 261 HOH WAT A . 
H 4 HOH 53  262 262 HOH WAT A . 
H 4 HOH 54  263 263 HOH WAT A . 
H 4 HOH 55  264 264 HOH WAT A . 
H 4 HOH 56  265 265 HOH WAT A . 
H 4 HOH 57  266 266 HOH WAT A . 
H 4 HOH 58  267 267 HOH WAT A . 
H 4 HOH 59  268 268 HOH WAT A . 
H 4 HOH 60  269 269 HOH WAT A . 
H 4 HOH 61  270 270 HOH WAT A . 
H 4 HOH 62  271 271 HOH WAT A . 
H 4 HOH 63  272 272 HOH WAT A . 
H 4 HOH 64  273 273 HOH WAT A . 
H 4 HOH 65  274 274 HOH WAT A . 
H 4 HOH 66  275 275 HOH WAT A . 
H 4 HOH 67  276 276 HOH WAT A . 
H 4 HOH 68  277 277 HOH WAT A . 
H 4 HOH 69  278 278 HOH WAT A . 
H 4 HOH 70  280 280 HOH WAT A . 
H 4 HOH 71  281 281 HOH WAT A . 
H 4 HOH 72  283 283 HOH WAT A . 
H 4 HOH 73  284 284 HOH WAT A . 
H 4 HOH 74  285 285 HOH WAT A . 
H 4 HOH 75  286 286 HOH WAT A . 
H 4 HOH 76  287 287 HOH WAT A . 
H 4 HOH 77  288 288 HOH WAT A . 
H 4 HOH 78  289 289 HOH WAT A . 
H 4 HOH 79  290 290 HOH WAT A . 
H 4 HOH 80  291 291 HOH WAT A . 
H 4 HOH 81  292 292 HOH WAT A . 
H 4 HOH 82  293 293 HOH WAT A . 
H 4 HOH 83  294 294 HOH WAT A . 
H 4 HOH 84  295 295 HOH WAT A . 
H 4 HOH 85  296 296 HOH WAT A . 
H 4 HOH 86  297 297 HOH WAT A . 
H 4 HOH 87  299 299 HOH WAT A . 
H 4 HOH 88  300 300 HOH WAT A . 
H 4 HOH 89  301 301 HOH WAT A . 
H 4 HOH 90  302 302 HOH WAT A . 
H 4 HOH 91  303 303 HOH WAT A . 
H 4 HOH 92  304 304 HOH WAT A . 
H 4 HOH 93  305 305 HOH WAT A . 
H 4 HOH 94  306 306 HOH WAT A . 
H 4 HOH 95  307 307 HOH WAT A . 
H 4 HOH 96  308 308 HOH WAT A . 
H 4 HOH 97  309 309 HOH WAT A . 
H 4 HOH 98  310 310 HOH WAT A . 
H 4 HOH 99  311 311 HOH WAT A . 
H 4 HOH 100 312 312 HOH WAT A . 
H 4 HOH 101 313 313 HOH WAT A . 
H 4 HOH 102 314 314 HOH WAT A . 
H 4 HOH 103 315 315 HOH WAT A . 
H 4 HOH 104 316 316 HOH WAT A . 
H 4 HOH 105 317 317 HOH WAT A . 
H 4 HOH 106 318 318 HOH WAT A . 
H 4 HOH 107 319 319 HOH WAT A . 
H 4 HOH 108 320 320 HOH WAT A . 
H 4 HOH 109 321 321 HOH WAT A . 
H 4 HOH 110 322 322 HOH WAT A . 
H 4 HOH 111 323 323 HOH WAT A . 
H 4 HOH 112 324 324 HOH WAT A . 
H 4 HOH 113 325 325 HOH WAT A . 
H 4 HOH 114 326 326 HOH WAT A . 
H 4 HOH 115 412 412 HOH WAT A . 
H 4 HOH 116 413 413 HOH WAT A . 
H 4 HOH 117 414 414 HOH WAT A . 
H 4 HOH 118 415 415 HOH WAT A . 
H 4 HOH 119 416 416 HOH WAT A . 
H 4 HOH 120 417 417 HOH WAT A . 
H 4 HOH 121 418 418 HOH WAT A . 
H 4 HOH 122 419 419 HOH WAT A . 
H 4 HOH 123 420 420 HOH WAT A . 
H 4 HOH 124 421 421 HOH WAT A . 
H 4 HOH 125 422 422 HOH WAT A . 
H 4 HOH 126 423 423 HOH WAT A . 
H 4 HOH 127 424 424 HOH WAT A . 
H 4 HOH 128 425 425 HOH WAT A . 
H 4 HOH 129 426 426 HOH WAT A . 
H 4 HOH 130 427 427 HOH WAT A . 
H 4 HOH 131 428 428 HOH WAT A . 
H 4 HOH 132 429 429 HOH WAT A . 
H 4 HOH 133 430 430 HOH WAT A . 
H 4 HOH 134 431 431 HOH WAT A . 
H 4 HOH 135 432 432 HOH WAT A . 
H 4 HOH 136 433 433 HOH WAT A . 
H 4 HOH 137 434 434 HOH WAT A . 
H 4 HOH 138 435 435 HOH WAT A . 
H 4 HOH 139 436 436 HOH WAT A . 
H 4 HOH 140 437 437 HOH WAT A . 
H 4 HOH 141 438 438 HOH WAT A . 
H 4 HOH 142 439 439 HOH WAT A . 
H 4 HOH 143 440 440 HOH WAT A . 
H 4 HOH 144 441 441 HOH WAT A . 
H 4 HOH 145 442 442 HOH WAT A . 
H 4 HOH 146 443 443 HOH WAT A . 
H 4 HOH 147 444 444 HOH WAT A . 
H 4 HOH 148 445 445 HOH WAT A . 
H 4 HOH 149 446 446 HOH WAT A . 
H 4 HOH 150 447 447 HOH WAT A . 
H 4 HOH 151 448 448 HOH WAT A . 
# 
loop_
_software.name 
_software.classification 
_software.version 
_software.citation_id 
_software.pdbx_ordinal 
MOSFLM 'data reduction' .         ? 1 
SCALA  'data scaling'   .         ? 2 
CNS    refinement       .         ? 3 
CCP4   'data scaling'   '(SCALA)' ? 4 
CNS    phasing          .         ? 5 
# 
_cell.entry_id           1ZNE 
_cell.length_a           53.228 
_cell.length_b           53.228 
_cell.length_c           137.060 
_cell.angle_alpha        90.00 
_cell.angle_beta         90.00 
_cell.angle_gamma        90.00 
_cell.Z_PDB              8 
_cell.pdbx_unique_axis   ? 
# 
_symmetry.entry_id                         1ZNE 
_symmetry.space_group_name_H-M             'P 43 21 2' 
_symmetry.pdbx_full_space_group_name_H-M   ? 
_symmetry.cell_setting                     ? 
_symmetry.Int_Tables_number                96 
_symmetry.space_group_name_Hall            ? 
# 
_exptl.entry_id          1ZNE 
_exptl.method            'X-RAY DIFFRACTION' 
_exptl.crystals_number   1 
# 
_exptl_crystal.id                    1 
_exptl_crystal.density_meas          ? 
_exptl_crystal.density_Matthews      2.75 
_exptl_crystal.density_percent_sol   54.88 
_exptl_crystal.description           ? 
_exptl_crystal.F_000                 ? 
_exptl_crystal.preparation           ? 
# 
_exptl_crystal_grow.crystal_id      1 
_exptl_crystal_grow.method          'VAPOR DIFFUSION, HANGING DROP' 
_exptl_crystal_grow.temp            291 
_exptl_crystal_grow.temp_details    ? 
_exptl_crystal_grow.pH              4.9 
_exptl_crystal_grow.pdbx_details    'CdCl, Malate, HCl, pH 4.9, VAPOR DIFFUSION, HANGING DROP, temperature 291K' 
_exptl_crystal_grow.pdbx_pH_range   . 
# 
_diffrn.id                     1 
_diffrn.ambient_temp           100 
_diffrn.ambient_temp_details   ? 
_diffrn.crystal_id             1 
# 
_diffrn_detector.diffrn_id              1 
_diffrn_detector.detector               'IMAGE PLATE' 
_diffrn_detector.type                   'RIGAKU RAXIS IV' 
_diffrn_detector.pdbx_collection_date   2004-10-12 
_diffrn_detector.details                'confocal max fluc (osmic)' 
# 
_diffrn_radiation.diffrn_id                        1 
_diffrn_radiation.wavelength_id                    1 
_diffrn_radiation.pdbx_monochromatic_or_laue_m_l   M 
_diffrn_radiation.monochromator                    'Ni filter' 
_diffrn_radiation.pdbx_diffrn_protocol             'SINGLE WAVELENGTH' 
_diffrn_radiation.pdbx_scattering_type             x-ray 
# 
_diffrn_radiation_wavelength.id           1 
_diffrn_radiation_wavelength.wavelength   1.5418 
_diffrn_radiation_wavelength.wt           1.0 
# 
_diffrn_source.diffrn_id                   1 
_diffrn_source.source                      'ROTATING ANODE' 
_diffrn_source.type                        RIGAKU 
_diffrn_source.pdbx_synchrotron_site       ? 
_diffrn_source.pdbx_synchrotron_beamline   ? 
_diffrn_source.pdbx_wavelength             ? 
_diffrn_source.pdbx_wavelength_list        1.5418 
# 
_reflns.entry_id                     1ZNE 
_reflns.observed_criterion_sigma_F   0 
_reflns.observed_criterion_sigma_I   0 
_reflns.d_resolution_high            2.0 
_reflns.d_resolution_low             26.6 
_reflns.number_all                   13860 
_reflns.number_obs                   13860 
_reflns.percent_possible_obs         98.6 
_reflns.pdbx_Rmerge_I_obs            ? 
_reflns.pdbx_Rsym_value              0.094 
_reflns.pdbx_netI_over_sigmaI        6.5 
_reflns.B_iso_Wilson_estimate        10.2 
_reflns.pdbx_redundancy              5.6 
_reflns.R_free_details               ? 
_reflns.limit_h_max                  ? 
_reflns.limit_h_min                  ? 
_reflns.limit_k_max                  ? 
_reflns.limit_k_min                  ? 
_reflns.limit_l_max                  ? 
_reflns.limit_l_min                  ? 
_reflns.observed_criterion_F_max     ? 
_reflns.observed_criterion_F_min     ? 
_reflns.pdbx_chi_squared             ? 
_reflns.pdbx_scaling_rejects         ? 
_reflns.pdbx_diffrn_id               1 
_reflns.pdbx_ordinal                 1 
# 
_reflns_shell.d_res_high             2.0 
_reflns_shell.d_res_low              2.11 
_reflns_shell.percent_possible_all   100 
_reflns_shell.Rmerge_I_obs           ? 
_reflns_shell.pdbx_Rsym_value        0.367 
_reflns_shell.meanI_over_sigI_obs    1.9 
_reflns_shell.pdbx_redundancy        5.2 
_reflns_shell.percent_possible_obs   ? 
_reflns_shell.number_unique_all      2007 
_reflns_shell.number_measured_all    ? 
_reflns_shell.number_measured_obs    ? 
_reflns_shell.number_unique_obs      ? 
_reflns_shell.pdbx_chi_squared       ? 
_reflns_shell.pdbx_diffrn_id         ? 
_reflns_shell.pdbx_ordinal           1 
# 
_refine.entry_id                                 1ZNE 
_refine.ls_d_res_high                            2.0 
_refine.ls_d_res_low                             26.6 
_refine.pdbx_ls_sigma_F                          0 
_refine.pdbx_ls_sigma_I                          0 
_refine.ls_number_reflns_all                     13860 
_refine.ls_number_reflns_obs                     13860 
_refine.ls_number_reflns_R_free                  690 
_refine.ls_percent_reflns_obs                    98.6 
_refine.ls_R_factor_all                          0.1928 
_refine.ls_R_factor_obs                          0.1928 
_refine.ls_R_factor_R_work                       0.1912 
_refine.ls_R_factor_R_free                       0.2239 
_refine.ls_redundancy_reflns_obs                 ? 
_refine.pdbx_data_cutoff_high_absF               ? 
_refine.pdbx_data_cutoff_low_absF                ? 
_refine.ls_number_parameters                     ? 
_refine.ls_number_restraints                     ? 
_refine.ls_percent_reflns_R_free                 ? 
_refine.ls_R_factor_R_free_error                 ? 
_refine.ls_R_factor_R_free_error_details         ? 
_refine.pdbx_method_to_determine_struct          'MOLECULAR REPLACEMENT' 
_refine.pdbx_starting_model                      1QY0 
_refine.pdbx_ls_cross_valid_method               THROUGHOUT 
_refine.pdbx_R_Free_selection_details            random 
_refine.pdbx_stereochem_target_val_spec_case     ? 
_refine.pdbx_stereochemistry_target_values       'Engh & Huber' 
_refine.solvent_model_details                    ? 
_refine.solvent_model_param_bsol                 ? 
_refine.solvent_model_param_ksol                 ? 
_refine.occupancy_max                            ? 
_refine.occupancy_min                            ? 
_refine.pdbx_isotropic_thermal_model             isotropic 
_refine.B_iso_mean                               27.8 
_refine.aniso_B[1][1]                            -4.380 
_refine.aniso_B[1][2]                            0 
_refine.aniso_B[1][3]                            0 
_refine.aniso_B[2][2]                            -4.380 
_refine.aniso_B[2][3]                            0 
_refine.aniso_B[3][3]                            8.760 
_refine.details                                  ? 
_refine.B_iso_min                                ? 
_refine.B_iso_max                                ? 
_refine.correlation_coeff_Fo_to_Fc               ? 
_refine.correlation_coeff_Fo_to_Fc_free          ? 
_refine.pdbx_solvent_vdw_probe_radii             ? 
_refine.pdbx_solvent_ion_probe_radii             ? 
_refine.pdbx_solvent_shrinkage_radii             ? 
_refine.overall_SU_R_Cruickshank_DPI             ? 
_refine.overall_SU_R_free                        ? 
_refine.overall_SU_ML                            ? 
_refine.overall_SU_B                             ? 
_refine.pdbx_overall_ESU_R_Free                  ? 
_refine.pdbx_data_cutoff_high_rms_absF           ? 
_refine.pdbx_overall_ESU_R                       ? 
_refine.ls_wR_factor_R_free                      ? 
_refine.ls_wR_factor_R_work                      ? 
_refine.overall_FOM_free_R_set                   ? 
_refine.overall_FOM_work_R_set                   ? 
_refine.pdbx_refine_id                           'X-RAY DIFFRACTION' 
_refine.pdbx_diffrn_id                           1 
_refine.pdbx_TLS_residual_ADP_flag               ? 
_refine.pdbx_overall_phase_error                 ? 
_refine.pdbx_overall_SU_R_free_Cruickshank_DPI   ? 
_refine.pdbx_overall_SU_R_Blow_DPI               ? 
_refine.pdbx_overall_SU_R_free_Blow_DPI          ? 
# 
_refine_analyze.entry_id                        1ZNE 
_refine_analyze.Luzzati_coordinate_error_obs    0.2 
_refine_analyze.Luzzati_sigma_a_obs             0.14 
_refine_analyze.Luzzati_d_res_low_obs           5 
_refine_analyze.Luzzati_coordinate_error_free   0.24 
_refine_analyze.Luzzati_sigma_a_free            0.14 
_refine_analyze.Luzzati_d_res_low_free          ? 
_refine_analyze.number_disordered_residues      ? 
_refine_analyze.occupancy_sum_non_hydrogen      ? 
_refine_analyze.occupancy_sum_hydrogen          ? 
_refine_analyze.pdbx_Luzzati_d_res_high_obs     ? 
_refine_analyze.pdbx_refine_id                  'X-RAY DIFFRACTION' 
# 
_refine_hist.pdbx_refine_id                   'X-RAY DIFFRACTION' 
_refine_hist.cycle_id                         LAST 
_refine_hist.pdbx_number_atoms_protein        1272 
_refine_hist.pdbx_number_atoms_nucleic_acid   0 
_refine_hist.pdbx_number_atoms_ligand         12 
_refine_hist.number_atoms_solvent             151 
_refine_hist.number_atoms_total               1435 
_refine_hist.d_res_high                       2.0 
_refine_hist.d_res_low                        26.6 
# 
loop_
_refine_ls_restr.type 
_refine_ls_restr.dev_ideal 
_refine_ls_restr.dev_ideal_target 
_refine_ls_restr.weight 
_refine_ls_restr.number 
_refine_ls_restr.pdbx_refine_id 
_refine_ls_restr.pdbx_restraint_function 
c_bond_d    0.013 ? ? ? 'X-RAY DIFFRACTION' ? 
c_angle_deg 1.71  ? ? ? 'X-RAY DIFFRACTION' ? 
# 
_refine_ls_shell.pdbx_total_number_of_bins_used   ? 
_refine_ls_shell.d_res_high                       2.0 
_refine_ls_shell.d_res_low                        2.13 
_refine_ls_shell.number_reflns_R_work             ? 
_refine_ls_shell.R_factor_R_work                  0.214 
_refine_ls_shell.percent_reflns_obs               100 
_refine_ls_shell.R_factor_R_free                  0.246 
_refine_ls_shell.R_factor_R_free_error            0.023 
_refine_ls_shell.percent_reflns_R_free            ? 
_refine_ls_shell.number_reflns_R_free             115 
_refine_ls_shell.number_reflns_obs                2287 
_refine_ls_shell.redundancy_reflns_obs            ? 
_refine_ls_shell.number_reflns_all                ? 
_refine_ls_shell.pdbx_refine_id                   'X-RAY DIFFRACTION' 
_refine_ls_shell.R_factor_all                     ? 
# 
_struct.entry_id                  1ZNE 
_struct.title                     'Strong Solute-Solute Dispersive Interactions in a Protein-Ligand Complex' 
_struct.pdbx_model_details        ? 
_struct.pdbx_CASP_flag            ? 
_struct.pdbx_model_type_details   ? 
# 
_struct_keywords.entry_id        1ZNE 
_struct_keywords.pdbx_keywords   'TRANSPORT PROTEIN' 
_struct_keywords.text            'LIPOCALIN, BETA-BARREL, Transport Protein' 
# 
loop_
_struct_asym.id 
_struct_asym.pdbx_blank_PDB_chainid_flag 
_struct_asym.pdbx_modified 
_struct_asym.entity_id 
_struct_asym.details 
A N N 1 ? 
B N N 2 ? 
C N N 2 ? 
D N N 2 ? 
E N N 2 ? 
F N N 2 ? 
G N N 3 ? 
H N N 4 ? 
# 
_struct_ref.id                         1 
_struct_ref.db_name                    UNP 
_struct_ref.db_code                    MUP2_MOUSE 
_struct_ref.pdbx_db_accession          P11589 
_struct_ref.entity_id                  1 
_struct_ref.pdbx_seq_one_letter_code   
;EEASSTGRNFNVEKINGEWHTIILASDKREKIEDNGNFRLFLEQIHVLEKSLVLKFHTVRDEECSELSMVADKTEKAGEY
SVTYDGFNTFTIPKTDYDNFLMAHLINEKDGETFQLMGLYGREPDLSSDIKERFAQLCEEHGILRENIIDLSNANRCLQA
RE
;
_struct_ref.pdbx_align_begin           19 
_struct_ref.pdbx_db_isoform            ? 
# 
_struct_ref_seq.align_id                      1 
_struct_ref_seq.ref_id                        1 
_struct_ref_seq.pdbx_PDB_id_code              1ZNE 
_struct_ref_seq.pdbx_strand_id                A 
_struct_ref_seq.seq_align_beg                 13 
_struct_ref_seq.pdbx_seq_align_beg_ins_code   ? 
_struct_ref_seq.seq_align_end                 174 
_struct_ref_seq.pdbx_seq_align_end_ins_code   ? 
_struct_ref_seq.pdbx_db_accession             P11589 
_struct_ref_seq.db_align_beg                  19 
_struct_ref_seq.pdbx_db_align_beg_ins_code    ? 
_struct_ref_seq.db_align_end                  180 
_struct_ref_seq.pdbx_db_align_end_ins_code    ? 
_struct_ref_seq.pdbx_auth_seq_align_beg       1 
_struct_ref_seq.pdbx_auth_seq_align_end       162 
# 
loop_
_struct_ref_seq_dif.align_id 
_struct_ref_seq_dif.pdbx_pdb_id_code 
_struct_ref_seq_dif.mon_id 
_struct_ref_seq_dif.pdbx_pdb_strand_id 
_struct_ref_seq_dif.seq_num 
_struct_ref_seq_dif.pdbx_pdb_ins_code 
_struct_ref_seq_dif.pdbx_seq_db_name 
_struct_ref_seq_dif.pdbx_seq_db_accession_code 
_struct_ref_seq_dif.db_mon_id 
_struct_ref_seq_dif.pdbx_seq_db_seq_num 
_struct_ref_seq_dif.details 
_struct_ref_seq_dif.pdbx_auth_seq_num 
_struct_ref_seq_dif.pdbx_ordinal 
1 1ZNE MET A 1  ? UNP P11589 ? ? 'cloning artifact' -11 1  
1 1ZNE ARG A 2  ? UNP P11589 ? ? 'cloning artifact' -10 2  
1 1ZNE GLY A 3  ? UNP P11589 ? ? 'cloning artifact' -9  3  
1 1ZNE SER A 4  ? UNP P11589 ? ? 'cloning artifact' -8  4  
1 1ZNE HIS A 5  ? UNP P11589 ? ? 'expression tag'   -7  5  
1 1ZNE HIS A 6  ? UNP P11589 ? ? 'expression tag'   -6  6  
1 1ZNE HIS A 7  ? UNP P11589 ? ? 'expression tag'   -5  7  
1 1ZNE HIS A 8  ? UNP P11589 ? ? 'expression tag'   -4  8  
1 1ZNE HIS A 9  ? UNP P11589 ? ? 'expression tag'   -3  9  
1 1ZNE HIS A 10 ? UNP P11589 ? ? 'expression tag'   -2  10 
1 1ZNE GLY A 11 ? UNP P11589 ? ? 'cloning artifact' -1  11 
1 1ZNE SER A 12 ? UNP P11589 ? ? 'cloning artifact' 0   12 
# 
_pdbx_struct_assembly.id                   1 
_pdbx_struct_assembly.details              author_defined_assembly 
_pdbx_struct_assembly.method_details       ? 
_pdbx_struct_assembly.oligomeric_details   monomeric 
_pdbx_struct_assembly.oligomeric_count     1 
# 
_pdbx_struct_assembly_gen.assembly_id       1 
_pdbx_struct_assembly_gen.oper_expression   1 
_pdbx_struct_assembly_gen.asym_id_list      A,B,C,D,E,F,G,H 
# 
_pdbx_struct_oper_list.id                   1 
_pdbx_struct_oper_list.type                 'identity operation' 
_pdbx_struct_oper_list.name                 1_555 
_pdbx_struct_oper_list.symmetry_operation   x,y,z 
_pdbx_struct_oper_list.matrix[1][1]         1.0000000000 
_pdbx_struct_oper_list.matrix[1][2]         0.0000000000 
_pdbx_struct_oper_list.matrix[1][3]         0.0000000000 
_pdbx_struct_oper_list.vector[1]            0.0000000000 
_pdbx_struct_oper_list.matrix[2][1]         0.0000000000 
_pdbx_struct_oper_list.matrix[2][2]         1.0000000000 
_pdbx_struct_oper_list.matrix[2][3]         0.0000000000 
_pdbx_struct_oper_list.vector[2]            0.0000000000 
_pdbx_struct_oper_list.matrix[3][1]         0.0000000000 
_pdbx_struct_oper_list.matrix[3][2]         0.0000000000 
_pdbx_struct_oper_list.matrix[3][3]         1.0000000000 
_pdbx_struct_oper_list.vector[3]            0.0000000000 
# 
_struct_biol.id                    1 
_struct_biol.pdbx_parent_biol_id   ? 
_struct_biol.details               ? 
# 
loop_
_struct_conf.conf_type_id 
_struct_conf.id 
_struct_conf.pdbx_PDB_helix_id 
_struct_conf.beg_label_comp_id 
_struct_conf.beg_label_asym_id 
_struct_conf.beg_label_seq_id 
_struct_conf.pdbx_beg_PDB_ins_code 
_struct_conf.end_label_comp_id 
_struct_conf.end_label_asym_id 
_struct_conf.end_label_seq_id 
_struct_conf.pdbx_end_PDB_ins_code 
_struct_conf.beg_auth_comp_id 
_struct_conf.beg_auth_asym_id 
_struct_conf.beg_auth_seq_id 
_struct_conf.end_auth_comp_id 
_struct_conf.end_auth_asym_id 
_struct_conf.end_auth_seq_id 
_struct_conf.pdbx_PDB_helix_class 
_struct_conf.details 
_struct_conf.pdbx_PDB_helix_length 
HELX_P HELX_P1 1 ASN A 23  ? ASN A 28  ? ASN A 11  ASN A 16  5 ? 6  
HELX_P HELX_P2 2 LYS A 40  ? GLU A 45  ? LYS A 28  GLU A 33  5 ? 6  
HELX_P HELX_P3 3 SER A 139 ? HIS A 153 ? SER A 127 HIS A 141 1 ? 15 
HELX_P HELX_P4 4 LEU A 156 ? GLU A 158 ? LEU A 144 GLU A 146 5 ? 3  
# 
_struct_conf_type.id          HELX_P 
_struct_conf_type.criteria    ? 
_struct_conf_type.reference   ? 
# 
loop_
_struct_conn.id 
_struct_conn.conn_type_id 
_struct_conn.pdbx_leaving_atom_flag 
_struct_conn.pdbx_PDB_id 
_struct_conn.ptnr1_label_asym_id 
_struct_conn.ptnr1_label_comp_id 
_struct_conn.ptnr1_label_seq_id 
_struct_conn.ptnr1_label_atom_id 
_struct_conn.pdbx_ptnr1_label_alt_id 
_struct_conn.pdbx_ptnr1_PDB_ins_code 
_struct_conn.pdbx_ptnr1_standard_comp_id 
_struct_conn.ptnr1_symmetry 
_struct_conn.ptnr2_label_asym_id 
_struct_conn.ptnr2_label_comp_id 
_struct_conn.ptnr2_label_seq_id 
_struct_conn.ptnr2_label_atom_id 
_struct_conn.pdbx_ptnr2_label_alt_id 
_struct_conn.pdbx_ptnr2_PDB_ins_code 
_struct_conn.ptnr1_auth_asym_id 
_struct_conn.ptnr1_auth_comp_id 
_struct_conn.ptnr1_auth_seq_id 
_struct_conn.ptnr2_auth_asym_id 
_struct_conn.ptnr2_auth_comp_id 
_struct_conn.ptnr2_auth_seq_id 
_struct_conn.ptnr2_symmetry 
_struct_conn.pdbx_ptnr3_label_atom_id 
_struct_conn.pdbx_ptnr3_label_seq_id 
_struct_conn.pdbx_ptnr3_label_comp_id 
_struct_conn.pdbx_ptnr3_label_asym_id 
_struct_conn.pdbx_ptnr3_label_alt_id 
_struct_conn.pdbx_ptnr3_PDB_ins_code 
_struct_conn.details 
_struct_conn.pdbx_dist_value 
_struct_conn.pdbx_value_order 
_struct_conn.pdbx_role 
disulf1  disulf ? ? A CYS 76  SG  ? ? ? 1_555 A CYS 169 SG ? ? A CYS 64  A CYS 157 1_555 ? ? ? ? ? ? ? 2.030 ? ? 
metalc1  metalc ? ? A GLU 25  OE2 ? ? ? 1_555 C CD  .   CD ? ? A GLU 13  A CD  201 1_555 ? ? ? ? ? ? ? 2.683 ? ? 
metalc2  metalc ? ? A GLU 25  OE1 ? ? ? 1_555 C CD  .   CD ? ? A GLU 13  A CD  201 1_555 ? ? ? ? ? ? ? 2.426 ? ? 
metalc3  metalc ? ? A GLU 30  OE2 ? ? ? 5_645 B CD  .   CD ? ? A GLU 18  A CD  200 1_555 ? ? ? ? ? ? ? 2.394 ? ? 
metalc4  metalc ? ? A GLU 30  OE1 ? ? ? 5_645 B CD  .   CD ? ? A GLU 18  A CD  200 1_555 ? ? ? ? ? ? ? 2.530 ? ? 
metalc5  metalc ? ? A ASP 110 OD2 ? ? ? 1_555 F CD  .   CD ? ? A ASP 98  A CD  202 1_555 ? ? ? ? ? ? ? 2.580 ? ? 
metalc6  metalc ? ? A HIS 116 ND1 ? ? ? 1_555 D CD  .   CD ? ? A HIS 104 A CD  199 1_555 ? ? ? ? ? ? ? 2.470 ? ? 
metalc7  metalc ? ? A ASP 122 OD2 ? ? ? 8_675 C CD  .   CD ? ? A ASP 110 A CD  201 1_555 ? ? ? ? ? ? ? 2.333 ? ? 
metalc8  metalc ? ? A GLU 151 OE1 ? ? ? 1_555 B CD  .   CD ? ? A GLU 139 A CD  200 1_555 ? ? ? ? ? ? ? 2.397 ? ? 
metalc9  metalc ? ? A GLU 151 OE2 ? ? ? 1_555 B CD  .   CD ? ? A GLU 139 A CD  200 1_555 ? ? ? ? ? ? ? 2.484 ? ? 
metalc10 metalc ? ? A HIS 153 NE2 ? ? ? 1_555 E CD  .   CD ? ? A HIS 141 A CD  198 1_555 ? ? ? ? ? ? ? 2.470 ? ? 
metalc11 metalc ? ? E CD  .   CD  ? ? ? 1_555 H HOH .   O  ? ? A CD  198 A HOH 212 8_665 ? ? ? ? ? ? ? 2.943 ? ? 
metalc12 metalc ? ? E CD  .   CD  ? ? ? 1_555 H HOH .   O  ? ? A CD  198 A HOH 445 1_555 ? ? ? ? ? ? ? 2.501 ? ? 
metalc13 metalc ? ? E CD  .   CD  ? ? ? 1_555 H HOH .   O  ? ? A CD  198 A HOH 447 1_555 ? ? ? ? ? ? ? 2.427 ? ? 
metalc14 metalc ? ? D CD  .   CD  ? ? ? 1_555 H HOH .   O  ? ? A CD  199 A HOH 212 8_665 ? ? ? ? ? ? ? 2.453 ? ? 
metalc15 metalc ? ? D CD  .   CD  ? ? ? 1_555 H HOH .   O  ? ? A CD  199 A HOH 445 1_555 ? ? ? ? ? ? ? 2.473 ? ? 
metalc16 metalc ? ? D CD  .   CD  ? ? ? 1_555 H HOH .   O  ? ? A CD  199 A HOH 446 1_555 ? ? ? ? ? ? ? 2.325 ? ? 
metalc17 metalc ? ? B CD  .   CD  ? ? ? 1_555 H HOH .   O  ? ? A CD  200 A HOH 213 1_555 ? ? ? ? ? ? ? 2.488 ? ? 
metalc18 metalc ? ? B CD  .   CD  ? ? ? 1_555 H HOH .   O  ? ? A CD  200 A HOH 319 1_555 ? ? ? ? ? ? ? 2.420 ? ? 
metalc19 metalc ? ? B CD  .   CD  ? ? ? 1_555 H HOH .   O  ? ? A CD  200 A HOH 320 1_555 ? ? ? ? ? ? ? 2.446 ? ? 
metalc20 metalc ? ? C CD  .   CD  ? ? ? 1_555 H HOH .   O  ? ? A CD  201 A HOH 208 5_655 ? ? ? ? ? ? ? 2.941 ? ? 
metalc21 metalc ? ? C CD  .   CD  ? ? ? 1_555 H HOH .   O  ? ? A CD  201 A HOH 322 1_555 ? ? ? ? ? ? ? 2.477 ? ? 
metalc22 metalc ? ? C CD  .   CD  ? ? ? 1_555 H HOH .   O  ? ? A CD  201 A HOH 323 1_555 ? ? ? ? ? ? ? 1.858 ? ? 
metalc23 metalc ? ? C CD  .   CD  ? ? ? 1_555 H HOH .   O  ? ? A CD  201 A HOH 324 1_555 ? ? ? ? ? ? ? 2.266 ? ? 
metalc24 metalc ? ? F CD  .   CD  ? ? ? 1_555 H HOH .   O  ? ? A CD  202 A HOH 414 1_555 ? ? ? ? ? ? ? 2.355 ? ? 
metalc25 metalc ? ? F CD  .   CD  ? ? ? 1_555 H HOH .   O  ? ? A CD  202 A HOH 448 1_555 ? ? ? ? ? ? ? 2.616 ? ? 
# 
loop_
_struct_conn_type.id 
_struct_conn_type.criteria 
_struct_conn_type.reference 
disulf ? ? 
metalc ? ? 
# 
loop_
_pdbx_struct_conn_angle.id 
_pdbx_struct_conn_angle.ptnr1_label_atom_id 
_pdbx_struct_conn_angle.ptnr1_label_alt_id 
_pdbx_struct_conn_angle.ptnr1_label_asym_id 
_pdbx_struct_conn_angle.ptnr1_label_comp_id 
_pdbx_struct_conn_angle.ptnr1_label_seq_id 
_pdbx_struct_conn_angle.ptnr1_auth_atom_id 
_pdbx_struct_conn_angle.ptnr1_auth_asym_id 
_pdbx_struct_conn_angle.ptnr1_auth_comp_id 
_pdbx_struct_conn_angle.ptnr1_auth_seq_id 
_pdbx_struct_conn_angle.ptnr1_PDB_ins_code 
_pdbx_struct_conn_angle.ptnr1_symmetry 
_pdbx_struct_conn_angle.ptnr2_label_atom_id 
_pdbx_struct_conn_angle.ptnr2_label_alt_id 
_pdbx_struct_conn_angle.ptnr2_label_asym_id 
_pdbx_struct_conn_angle.ptnr2_label_comp_id 
_pdbx_struct_conn_angle.ptnr2_label_seq_id 
_pdbx_struct_conn_angle.ptnr2_auth_atom_id 
_pdbx_struct_conn_angle.ptnr2_auth_asym_id 
_pdbx_struct_conn_angle.ptnr2_auth_comp_id 
_pdbx_struct_conn_angle.ptnr2_auth_seq_id 
_pdbx_struct_conn_angle.ptnr2_PDB_ins_code 
_pdbx_struct_conn_angle.ptnr2_symmetry 
_pdbx_struct_conn_angle.ptnr3_label_atom_id 
_pdbx_struct_conn_angle.ptnr3_label_alt_id 
_pdbx_struct_conn_angle.ptnr3_label_asym_id 
_pdbx_struct_conn_angle.ptnr3_label_comp_id 
_pdbx_struct_conn_angle.ptnr3_label_seq_id 
_pdbx_struct_conn_angle.ptnr3_auth_atom_id 
_pdbx_struct_conn_angle.ptnr3_auth_asym_id 
_pdbx_struct_conn_angle.ptnr3_auth_comp_id 
_pdbx_struct_conn_angle.ptnr3_auth_seq_id 
_pdbx_struct_conn_angle.ptnr3_PDB_ins_code 
_pdbx_struct_conn_angle.ptnr3_symmetry 
_pdbx_struct_conn_angle.value 
_pdbx_struct_conn_angle.value_esd 
1  OE2 ? A GLU 25  ? A GLU 13  ? 1_555 CD ? C CD . ? A CD 201 ? 1_555 OE1 ? A GLU 25  ? A GLU 13  ? 1_555 51.1  ? 
2  OE2 ? A GLU 25  ? A GLU 13  ? 1_555 CD ? C CD . ? A CD 201 ? 1_555 OD2 ? A ASP 122 ? A ASP 110 ? 8_675 76.4  ? 
3  OE1 ? A GLU 25  ? A GLU 13  ? 1_555 CD ? C CD . ? A CD 201 ? 1_555 OD2 ? A ASP 122 ? A ASP 110 ? 8_675 113.0 ? 
4  OE2 ? A GLU 25  ? A GLU 13  ? 1_555 CD ? C CD . ? A CD 201 ? 1_555 O   ? H HOH .   ? A HOH 208 ? 5_655 123.6 ? 
5  OE1 ? A GLU 25  ? A GLU 13  ? 1_555 CD ? C CD . ? A CD 201 ? 1_555 O   ? H HOH .   ? A HOH 208 ? 5_655 84.9  ? 
6  OD2 ? A ASP 122 ? A ASP 110 ? 8_675 CD ? C CD . ? A CD 201 ? 1_555 O   ? H HOH .   ? A HOH 208 ? 5_655 95.7  ? 
7  OE2 ? A GLU 25  ? A GLU 13  ? 1_555 CD ? C CD . ? A CD 201 ? 1_555 O   ? H HOH .   ? A HOH 322 ? 1_555 149.9 ? 
8  OE1 ? A GLU 25  ? A GLU 13  ? 1_555 CD ? C CD . ? A CD 201 ? 1_555 O   ? H HOH .   ? A HOH 322 ? 1_555 148.8 ? 
9  OD2 ? A ASP 122 ? A ASP 110 ? 8_675 CD ? C CD . ? A CD 201 ? 1_555 O   ? H HOH .   ? A HOH 322 ? 1_555 97.6  ? 
10 O   ? H HOH .   ? A HOH 208 ? 5_655 CD ? C CD . ? A CD 201 ? 1_555 O   ? H HOH .   ? A HOH 322 ? 1_555 86.1  ? 
11 OE2 ? A GLU 25  ? A GLU 13  ? 1_555 CD ? C CD . ? A CD 201 ? 1_555 O   ? H HOH .   ? A HOH 323 ? 1_555 56.3  ? 
12 OE1 ? A GLU 25  ? A GLU 13  ? 1_555 CD ? C CD . ? A CD 201 ? 1_555 O   ? H HOH .   ? A HOH 323 ? 1_555 98.0  ? 
13 OD2 ? A ASP 122 ? A ASP 110 ? 8_675 CD ? C CD . ? A CD 201 ? 1_555 O   ? H HOH .   ? A HOH 323 ? 1_555 78.9  ? 
14 O   ? H HOH .   ? A HOH 208 ? 5_655 CD ? C CD . ? A CD 201 ? 1_555 O   ? H HOH .   ? A HOH 323 ? 1_555 174.5 ? 
15 O   ? H HOH .   ? A HOH 322 ? 1_555 CD ? C CD . ? A CD 201 ? 1_555 O   ? H HOH .   ? A HOH 323 ? 1_555 93.7  ? 
16 OE2 ? A GLU 25  ? A GLU 13  ? 1_555 CD ? C CD . ? A CD 201 ? 1_555 O   ? H HOH .   ? A HOH 324 ? 1_555 96.1  ? 
17 OE1 ? A GLU 25  ? A GLU 13  ? 1_555 CD ? C CD . ? A CD 201 ? 1_555 O   ? H HOH .   ? A HOH 324 ? 1_555 84.9  ? 
18 OD2 ? A ASP 122 ? A ASP 110 ? 8_675 CD ? C CD . ? A CD 201 ? 1_555 O   ? H HOH .   ? A HOH 324 ? 1_555 59.9  ? 
19 O   ? H HOH .   ? A HOH 208 ? 5_655 CD ? C CD . ? A CD 201 ? 1_555 O   ? H HOH .   ? A HOH 324 ? 1_555 39.6  ? 
20 O   ? H HOH .   ? A HOH 322 ? 1_555 CD ? C CD . ? A CD 201 ? 1_555 O   ? H HOH .   ? A HOH 324 ? 1_555 106.4 ? 
21 O   ? H HOH .   ? A HOH 323 ? 1_555 CD ? C CD . ? A CD 201 ? 1_555 O   ? H HOH .   ? A HOH 324 ? 1_555 135.7 ? 
22 OE2 ? A GLU 30  ? A GLU 18  ? 5_645 CD ? B CD . ? A CD 200 ? 1_555 OE1 ? A GLU 30  ? A GLU 18  ? 5_645 53.0  ? 
23 OE2 ? A GLU 30  ? A GLU 18  ? 5_645 CD ? B CD . ? A CD 200 ? 1_555 OE1 ? A GLU 151 ? A GLU 139 ? 1_555 162.9 ? 
24 OE1 ? A GLU 30  ? A GLU 18  ? 5_645 CD ? B CD . ? A CD 200 ? 1_555 OE1 ? A GLU 151 ? A GLU 139 ? 1_555 143.9 ? 
25 OE2 ? A GLU 30  ? A GLU 18  ? 5_645 CD ? B CD . ? A CD 200 ? 1_555 OE2 ? A GLU 151 ? A GLU 139 ? 1_555 143.4 ? 
26 OE1 ? A GLU 30  ? A GLU 18  ? 5_645 CD ? B CD . ? A CD 200 ? 1_555 OE2 ? A GLU 151 ? A GLU 139 ? 1_555 90.4  ? 
27 OE1 ? A GLU 151 ? A GLU 139 ? 1_555 CD ? B CD . ? A CD 200 ? 1_555 OE2 ? A GLU 151 ? A GLU 139 ? 1_555 53.6  ? 
28 OE2 ? A GLU 30  ? A GLU 18  ? 5_645 CD ? B CD . ? A CD 200 ? 1_555 O   ? H HOH .   ? A HOH 213 ? 1_555 93.0  ? 
29 OE1 ? A GLU 30  ? A GLU 18  ? 5_645 CD ? B CD . ? A CD 200 ? 1_555 O   ? H HOH .   ? A HOH 213 ? 1_555 89.4  ? 
30 OE1 ? A GLU 151 ? A GLU 139 ? 1_555 CD ? B CD . ? A CD 200 ? 1_555 O   ? H HOH .   ? A HOH 213 ? 1_555 86.1  ? 
31 OE2 ? A GLU 151 ? A GLU 139 ? 1_555 CD ? B CD . ? A CD 200 ? 1_555 O   ? H HOH .   ? A HOH 213 ? 1_555 83.5  ? 
32 OE2 ? A GLU 30  ? A GLU 18  ? 5_645 CD ? B CD . ? A CD 200 ? 1_555 O   ? H HOH .   ? A HOH 319 ? 1_555 93.5  ? 
33 OE1 ? A GLU 30  ? A GLU 18  ? 5_645 CD ? B CD . ? A CD 200 ? 1_555 O   ? H HOH .   ? A HOH 319 ? 1_555 79.5  ? 
34 OE1 ? A GLU 151 ? A GLU 139 ? 1_555 CD ? B CD . ? A CD 200 ? 1_555 O   ? H HOH .   ? A HOH 319 ? 1_555 93.0  ? 
35 OE2 ? A GLU 151 ? A GLU 139 ? 1_555 CD ? B CD . ? A CD 200 ? 1_555 O   ? H HOH .   ? A HOH 319 ? 1_555 80.0  ? 
36 O   ? H HOH .   ? A HOH 213 ? 1_555 CD ? B CD . ? A CD 200 ? 1_555 O   ? H HOH .   ? A HOH 319 ? 1_555 160.0 ? 
37 OE2 ? A GLU 30  ? A GLU 18  ? 5_645 CD ? B CD . ? A CD 200 ? 1_555 O   ? H HOH .   ? A HOH 320 ? 1_555 80.8  ? 
38 OE1 ? A GLU 30  ? A GLU 18  ? 5_645 CD ? B CD . ? A CD 200 ? 1_555 O   ? H HOH .   ? A HOH 320 ? 1_555 133.8 ? 
39 OE1 ? A GLU 151 ? A GLU 139 ? 1_555 CD ? B CD . ? A CD 200 ? 1_555 O   ? H HOH .   ? A HOH 320 ? 1_555 82.1  ? 
40 OE2 ? A GLU 151 ? A GLU 139 ? 1_555 CD ? B CD . ? A CD 200 ? 1_555 O   ? H HOH .   ? A HOH 320 ? 1_555 135.6 ? 
41 O   ? H HOH .   ? A HOH 213 ? 1_555 CD ? B CD . ? A CD 200 ? 1_555 O   ? H HOH .   ? A HOH 320 ? 1_555 91.4  ? 
42 O   ? H HOH .   ? A HOH 319 ? 1_555 CD ? B CD . ? A CD 200 ? 1_555 O   ? H HOH .   ? A HOH 320 ? 1_555 108.2 ? 
43 OD2 ? A ASP 110 ? A ASP 98  ? 1_555 CD ? F CD . ? A CD 202 ? 1_555 O   ? H HOH .   ? A HOH 414 ? 1_555 130.0 ? 
44 OD2 ? A ASP 110 ? A ASP 98  ? 1_555 CD ? F CD . ? A CD 202 ? 1_555 O   ? H HOH .   ? A HOH 448 ? 1_555 55.9  ? 
45 O   ? H HOH .   ? A HOH 414 ? 1_555 CD ? F CD . ? A CD 202 ? 1_555 O   ? H HOH .   ? A HOH 448 ? 1_555 74.9  ? 
46 ND1 ? A HIS 116 ? A HIS 104 ? 1_555 CD ? D CD . ? A CD 199 ? 1_555 O   ? H HOH .   ? A HOH 212 ? 8_665 100.8 ? 
47 ND1 ? A HIS 116 ? A HIS 104 ? 1_555 CD ? D CD . ? A CD 199 ? 1_555 O   ? H HOH .   ? A HOH 445 ? 1_555 101.6 ? 
48 O   ? H HOH .   ? A HOH 212 ? 8_665 CD ? D CD . ? A CD 199 ? 1_555 O   ? H HOH .   ? A HOH 445 ? 1_555 102.0 ? 
49 ND1 ? A HIS 116 ? A HIS 104 ? 1_555 CD ? D CD . ? A CD 199 ? 1_555 O   ? H HOH .   ? A HOH 446 ? 1_555 76.5  ? 
50 O   ? H HOH .   ? A HOH 212 ? 8_665 CD ? D CD . ? A CD 199 ? 1_555 O   ? H HOH .   ? A HOH 446 ? 1_555 153.8 ? 
51 O   ? H HOH .   ? A HOH 445 ? 1_555 CD ? D CD . ? A CD 199 ? 1_555 O   ? H HOH .   ? A HOH 446 ? 1_555 104.1 ? 
52 NE2 ? A HIS 153 ? A HIS 141 ? 1_555 CD ? E CD . ? A CD 198 ? 1_555 O   ? H HOH .   ? A HOH 212 ? 8_665 84.9  ? 
53 NE2 ? A HIS 153 ? A HIS 141 ? 1_555 CD ? E CD . ? A CD 198 ? 1_555 O   ? H HOH .   ? A HOH 445 ? 1_555 104.7 ? 
54 O   ? H HOH .   ? A HOH 212 ? 8_665 CD ? E CD . ? A CD 198 ? 1_555 O   ? H HOH .   ? A HOH 445 ? 1_555 89.0  ? 
55 NE2 ? A HIS 153 ? A HIS 141 ? 1_555 CD ? E CD . ? A CD 198 ? 1_555 O   ? H HOH .   ? A HOH 447 ? 1_555 88.8  ? 
56 O   ? H HOH .   ? A HOH 212 ? 8_665 CD ? E CD . ? A CD 198 ? 1_555 O   ? H HOH .   ? A HOH 447 ? 1_555 173.6 ? 
57 O   ? H HOH .   ? A HOH 445 ? 1_555 CD ? E CD . ? A CD 198 ? 1_555 O   ? H HOH .   ? A HOH 447 ? 1_555 91.5  ? 
# 
_pdbx_modification_feature.ordinal                            1 
_pdbx_modification_feature.label_comp_id                      CYS 
_pdbx_modification_feature.label_asym_id                      A 
_pdbx_modification_feature.label_seq_id                       76 
_pdbx_modification_feature.label_alt_id                       ? 
_pdbx_modification_feature.modified_residue_label_comp_id     CYS 
_pdbx_modification_feature.modified_residue_label_asym_id     A 
_pdbx_modification_feature.modified_residue_label_seq_id      169 
_pdbx_modification_feature.modified_residue_label_alt_id      ? 
_pdbx_modification_feature.auth_comp_id                       CYS 
_pdbx_modification_feature.auth_asym_id                       A 
_pdbx_modification_feature.auth_seq_id                        64 
_pdbx_modification_feature.PDB_ins_code                       ? 
_pdbx_modification_feature.symmetry                           1_555 
_pdbx_modification_feature.modified_residue_auth_comp_id      CYS 
_pdbx_modification_feature.modified_residue_auth_asym_id      A 
_pdbx_modification_feature.modified_residue_auth_seq_id       157 
_pdbx_modification_feature.modified_residue_PDB_ins_code      ? 
_pdbx_modification_feature.modified_residue_symmetry          1_555 
_pdbx_modification_feature.comp_id_linking_atom               SG 
_pdbx_modification_feature.modified_residue_id_linking_atom   SG 
_pdbx_modification_feature.modified_residue_id                . 
_pdbx_modification_feature.ref_pcm_id                         . 
_pdbx_modification_feature.ref_comp_id                        . 
_pdbx_modification_feature.type                               None 
_pdbx_modification_feature.category                           'Disulfide bridge' 
# 
_struct_sheet.id               A 
_struct_sheet.type             ? 
_struct_sheet.number_strands   10 
_struct_sheet.details          ? 
# 
loop_
_struct_sheet_order.sheet_id 
_struct_sheet_order.range_id_1 
_struct_sheet_order.range_id_2 
_struct_sheet_order.offset 
_struct_sheet_order.sense 
A 1 2  ? anti-parallel 
A 2 3  ? anti-parallel 
A 3 4  ? anti-parallel 
A 4 5  ? anti-parallel 
A 5 6  ? anti-parallel 
A 6 7  ? anti-parallel 
A 7 8  ? anti-parallel 
A 8 9  ? anti-parallel 
A 9 10 ? anti-parallel 
# 
loop_
_struct_sheet_range.sheet_id 
_struct_sheet_range.id 
_struct_sheet_range.beg_label_comp_id 
_struct_sheet_range.beg_label_asym_id 
_struct_sheet_range.beg_label_seq_id 
_struct_sheet_range.pdbx_beg_PDB_ins_code 
_struct_sheet_range.end_label_comp_id 
_struct_sheet_range.end_label_asym_id 
_struct_sheet_range.end_label_seq_id 
_struct_sheet_range.pdbx_end_PDB_ins_code 
_struct_sheet_range.beg_auth_comp_id 
_struct_sheet_range.beg_auth_asym_id 
_struct_sheet_range.beg_auth_seq_id 
_struct_sheet_range.end_auth_comp_id 
_struct_sheet_range.end_auth_asym_id 
_struct_sheet_range.end_auth_seq_id 
A 1  GLY A 29  ? GLU A 30  ? GLY A 17  GLU A 18  
A 2  PHE A 53  ? VAL A 59  ? PHE A 41  VAL A 47  
A 3  SER A 63  ? ARG A 72  ? SER A 51  ARG A 60  
A 4  GLU A 75  ? LYS A 85  ? GLU A 63  LYS A 73  
A 5  TYR A 92  ? THR A 95  ? TYR A 80  THR A 83  
A 6  PHE A 99  ? THR A 107 ? PHE A 87  THR A 95  
A 7  PHE A 112 ? LYS A 121 ? PHE A 100 LYS A 109 
A 8  GLU A 124 ? GLY A 133 ? GLU A 112 GLY A 121 
A 9  HIS A 32  ? SER A 38  ? HIS A 20  SER A 26  
A 10 ILE A 160 ? ASP A 162 ? ILE A 148 ASP A 150 
# 
loop_
_pdbx_struct_sheet_hbond.sheet_id 
_pdbx_struct_sheet_hbond.range_id_1 
_pdbx_struct_sheet_hbond.range_id_2 
_pdbx_struct_sheet_hbond.range_1_label_atom_id 
_pdbx_struct_sheet_hbond.range_1_label_comp_id 
_pdbx_struct_sheet_hbond.range_1_label_asym_id 
_pdbx_struct_sheet_hbond.range_1_label_seq_id 
_pdbx_struct_sheet_hbond.range_1_PDB_ins_code 
_pdbx_struct_sheet_hbond.range_1_auth_atom_id 
_pdbx_struct_sheet_hbond.range_1_auth_comp_id 
_pdbx_struct_sheet_hbond.range_1_auth_asym_id 
_pdbx_struct_sheet_hbond.range_1_auth_seq_id 
_pdbx_struct_sheet_hbond.range_2_label_atom_id 
_pdbx_struct_sheet_hbond.range_2_label_comp_id 
_pdbx_struct_sheet_hbond.range_2_label_asym_id 
_pdbx_struct_sheet_hbond.range_2_label_seq_id 
_pdbx_struct_sheet_hbond.range_2_PDB_ins_code 
_pdbx_struct_sheet_hbond.range_2_auth_atom_id 
_pdbx_struct_sheet_hbond.range_2_auth_comp_id 
_pdbx_struct_sheet_hbond.range_2_auth_asym_id 
_pdbx_struct_sheet_hbond.range_2_auth_seq_id 
A 1 2  N GLY A 29  ? N GLY A 17  O ILE A 57  ? O ILE A 45  
A 2 3  N HIS A 58  ? N HIS A 46  O VAL A 65  ? O VAL A 53  
A 3 4  N PHE A 68  ? N PHE A 56  O LEU A 79  ? O LEU A 67  
A 4 5  N ASP A 84  ? N ASP A 72  O SER A 93  ? O SER A 81  
A 5 6  N TYR A 92  ? N TYR A 80  O PHE A 102 ? O PHE A 90  
A 6 7  N PHE A 99  ? N PHE A 87  O GLU A 120 ? O GLU A 108 
A 7 8  N LEU A 117 ? N LEU A 105 O LEU A 128 ? O LEU A 116 
A 8 9  O LEU A 131 ? O LEU A 119 N ILE A 34  ? N ILE A 22  
A 9 10 N LEU A 36  ? N LEU A 24  O ILE A 161 ? O ILE A 149 
# 
loop_
_struct_site.id 
_struct_site.pdbx_evidence_code 
_struct_site.pdbx_auth_asym_id 
_struct_site.pdbx_auth_comp_id 
_struct_site.pdbx_auth_seq_id 
_struct_site.pdbx_auth_ins_code 
_struct_site.pdbx_num_residues 
_struct_site.details 
AC1 Software A CD  200 ? 5 'BINDING SITE FOR RESIDUE CD A 200'  
AC2 Software A CD  201 ? 6 'BINDING SITE FOR RESIDUE CD A 201'  
AC3 Software A CD  199 ? 6 'BINDING SITE FOR RESIDUE CD A 199'  
AC4 Software A CD  198 ? 5 'BINDING SITE FOR RESIDUE CD A 198'  
AC5 Software A CD  202 ? 3 'BINDING SITE FOR RESIDUE CD A 202'  
AC6 Software A HE2 500 ? 6 'BINDING SITE FOR RESIDUE HE2 A 500' 
# 
loop_
_struct_site_gen.id 
_struct_site_gen.site_id 
_struct_site_gen.pdbx_num_res 
_struct_site_gen.label_comp_id 
_struct_site_gen.label_asym_id 
_struct_site_gen.label_seq_id 
_struct_site_gen.pdbx_auth_ins_code 
_struct_site_gen.auth_comp_id 
_struct_site_gen.auth_asym_id 
_struct_site_gen.auth_seq_id 
_struct_site_gen.label_atom_id 
_struct_site_gen.label_alt_id 
_struct_site_gen.symmetry 
_struct_site_gen.details 
1  AC1 5 GLU A 30  ? GLU A 18  . ? 5_645 ? 
2  AC1 5 GLU A 151 ? GLU A 139 . ? 1_555 ? 
3  AC1 5 HOH H .   ? HOH A 213 . ? 1_555 ? 
4  AC1 5 HOH H .   ? HOH A 319 . ? 1_555 ? 
5  AC1 5 HOH H .   ? HOH A 320 . ? 1_555 ? 
6  AC2 6 GLU A 25  ? GLU A 13  . ? 1_555 ? 
7  AC2 6 ASP A 122 ? ASP A 110 . ? 8_675 ? 
8  AC2 6 HOH H .   ? HOH A 208 . ? 5_655 ? 
9  AC2 6 HOH H .   ? HOH A 322 . ? 1_555 ? 
10 AC2 6 HOH H .   ? HOH A 323 . ? 1_555 ? 
11 AC2 6 HOH H .   ? HOH A 324 . ? 1_555 ? 
12 AC3 6 THR A 103 ? THR A 91  . ? 1_555 ? 
13 AC3 6 HIS A 116 ? HIS A 104 . ? 1_555 ? 
14 AC3 6 CD  E .   ? CD  A 198 . ? 1_555 ? 
15 AC3 6 HOH H .   ? HOH A 212 . ? 8_665 ? 
16 AC3 6 HOH H .   ? HOH A 445 . ? 1_555 ? 
17 AC3 6 HOH H .   ? HOH A 446 . ? 1_555 ? 
18 AC4 5 HIS A 153 ? HIS A 141 . ? 1_555 ? 
19 AC4 5 CD  D .   ? CD  A 199 . ? 1_555 ? 
20 AC4 5 HOH H .   ? HOH A 212 . ? 8_665 ? 
21 AC4 5 HOH H .   ? HOH A 445 . ? 1_555 ? 
22 AC4 5 HOH H .   ? HOH A 447 . ? 1_555 ? 
23 AC5 3 ASP A 110 ? ASP A 98  . ? 1_555 ? 
24 AC5 3 HOH H .   ? HOH A 414 . ? 1_555 ? 
25 AC5 3 HOH H .   ? HOH A 448 . ? 1_555 ? 
26 AC6 6 LEU A 36  ? LEU A 24  . ? 1_555 ? 
27 AC6 6 PHE A 50  ? PHE A 38  . ? 1_555 ? 
28 AC6 6 LEU A 52  ? LEU A 40  . ? 1_555 ? 
29 AC6 6 PHE A 68  ? PHE A 56  . ? 1_555 ? 
30 AC6 6 LEU A 117 ? LEU A 105 . ? 1_555 ? 
31 AC6 6 TYR A 132 ? TYR A 120 . ? 1_555 ? 
# 
_pdbx_entry_details.entry_id                   1ZNE 
_pdbx_entry_details.compound_details           ? 
_pdbx_entry_details.source_details             ? 
_pdbx_entry_details.nonpolymer_details         ? 
_pdbx_entry_details.sequence_details           ? 
_pdbx_entry_details.has_ligand_of_interest     ? 
_pdbx_entry_details.has_protein_modification   Y 
# 
loop_
_pdbx_validate_close_contact.id 
_pdbx_validate_close_contact.PDB_model_num 
_pdbx_validate_close_contact.auth_atom_id_1 
_pdbx_validate_close_contact.auth_asym_id_1 
_pdbx_validate_close_contact.auth_comp_id_1 
_pdbx_validate_close_contact.auth_seq_id_1 
_pdbx_validate_close_contact.PDB_ins_code_1 
_pdbx_validate_close_contact.label_alt_id_1 
_pdbx_validate_close_contact.auth_atom_id_2 
_pdbx_validate_close_contact.auth_asym_id_2 
_pdbx_validate_close_contact.auth_comp_id_2 
_pdbx_validate_close_contact.auth_seq_id_2 
_pdbx_validate_close_contact.PDB_ins_code_2 
_pdbx_validate_close_contact.label_alt_id_2 
_pdbx_validate_close_contact.dist 
1 1 O   A HOH 325 ? ? O A HOH 326 ? ? 1.94 
2 1 ND1 A HIS 46  ? ? O A HOH 412 ? ? 2.19 
# 
_pdbx_validate_symm_contact.id                1 
_pdbx_validate_symm_contact.PDB_model_num     1 
_pdbx_validate_symm_contact.auth_atom_id_1    O 
_pdbx_validate_symm_contact.auth_asym_id_1    A 
_pdbx_validate_symm_contact.auth_comp_id_1    HOH 
_pdbx_validate_symm_contact.auth_seq_id_1     208 
_pdbx_validate_symm_contact.PDB_ins_code_1    ? 
_pdbx_validate_symm_contact.label_alt_id_1    ? 
_pdbx_validate_symm_contact.site_symmetry_1   1_555 
_pdbx_validate_symm_contact.auth_atom_id_2    O 
_pdbx_validate_symm_contact.auth_asym_id_2    A 
_pdbx_validate_symm_contact.auth_comp_id_2    HOH 
_pdbx_validate_symm_contact.auth_seq_id_2     324 
_pdbx_validate_symm_contact.PDB_ins_code_2    ? 
_pdbx_validate_symm_contact.label_alt_id_2    ? 
_pdbx_validate_symm_contact.site_symmetry_2   5_645 
_pdbx_validate_symm_contact.dist              1.88 
# 
loop_
_pdbx_validate_torsion.id 
_pdbx_validate_torsion.PDB_model_num 
_pdbx_validate_torsion.auth_comp_id 
_pdbx_validate_torsion.auth_asym_id 
_pdbx_validate_torsion.auth_seq_id 
_pdbx_validate_torsion.PDB_ins_code 
_pdbx_validate_torsion.label_alt_id 
_pdbx_validate_torsion.phi 
_pdbx_validate_torsion.psi 
1 1 GLU A 62  ? ? 48.03   22.33  
2 1 TYR A 84  ? ? -173.57 113.55 
3 1 TYR A 97  ? ? 64.62   -45.43 
4 1 ASN A 99  ? ? -125.48 -56.68 
5 1 PRO A 124 ? ? -69.75  6.58   
6 1 ALA A 154 ? ? -140.13 13.29  
# 
loop_
_pdbx_struct_special_symmetry.id 
_pdbx_struct_special_symmetry.PDB_model_num 
_pdbx_struct_special_symmetry.auth_asym_id 
_pdbx_struct_special_symmetry.auth_comp_id 
_pdbx_struct_special_symmetry.auth_seq_id 
_pdbx_struct_special_symmetry.PDB_ins_code 
_pdbx_struct_special_symmetry.label_asym_id 
_pdbx_struct_special_symmetry.label_comp_id 
_pdbx_struct_special_symmetry.label_seq_id 
1 1 A HOH 211 ? H HOH . 
2 1 A HOH 284 ? H HOH . 
3 1 A HOH 415 ? H HOH . 
# 
loop_
_pdbx_unobs_or_zero_occ_residues.id 
_pdbx_unobs_or_zero_occ_residues.PDB_model_num 
_pdbx_unobs_or_zero_occ_residues.polymer_flag 
_pdbx_unobs_or_zero_occ_residues.occupancy_flag 
_pdbx_unobs_or_zero_occ_residues.auth_asym_id 
_pdbx_unobs_or_zero_occ_residues.auth_comp_id 
_pdbx_unobs_or_zero_occ_residues.auth_seq_id 
_pdbx_unobs_or_zero_occ_residues.PDB_ins_code 
_pdbx_unobs_or_zero_occ_residues.label_asym_id 
_pdbx_unobs_or_zero_occ_residues.label_comp_id 
_pdbx_unobs_or_zero_occ_residues.label_seq_id 
1  1 Y 1 A MET -11 ? A MET 1   
2  1 Y 1 A ARG -10 ? A ARG 2   
3  1 Y 1 A GLY -9  ? A GLY 3   
4  1 Y 1 A SER -8  ? A SER 4   
5  1 Y 1 A HIS -7  ? A HIS 5   
6  1 Y 1 A HIS -6  ? A HIS 6   
7  1 Y 1 A HIS -5  ? A HIS 7   
8  1 Y 1 A HIS -4  ? A HIS 8   
9  1 Y 1 A HIS -3  ? A HIS 9   
10 1 Y 1 A HIS -2  ? A HIS 10  
11 1 Y 1 A GLY -1  ? A GLY 11  
12 1 Y 1 A SER 0   ? A SER 12  
13 1 Y 1 A LEU 158 ? A LEU 170 
14 1 Y 1 A GLN 159 ? A GLN 171 
15 1 Y 1 A ALA 160 ? A ALA 172 
16 1 Y 1 A ARG 161 ? A ARG 173 
17 1 Y 1 A GLU 162 ? A GLU 174 
# 
loop_
_chem_comp_atom.comp_id 
_chem_comp_atom.atom_id 
_chem_comp_atom.type_symbol 
_chem_comp_atom.pdbx_aromatic_flag 
_chem_comp_atom.pdbx_stereo_config 
_chem_comp_atom.pdbx_ordinal 
ALA N    N  N N 1   
ALA CA   C  N S 2   
ALA C    C  N N 3   
ALA O    O  N N 4   
ALA CB   C  N N 5   
ALA OXT  O  N N 6   
ALA H    H  N N 7   
ALA H2   H  N N 8   
ALA HA   H  N N 9   
ALA HB1  H  N N 10  
ALA HB2  H  N N 11  
ALA HB3  H  N N 12  
ALA HXT  H  N N 13  
ARG N    N  N N 14  
ARG CA   C  N S 15  
ARG C    C  N N 16  
ARG O    O  N N 17  
ARG CB   C  N N 18  
ARG CG   C  N N 19  
ARG CD   C  N N 20  
ARG NE   N  N N 21  
ARG CZ   C  N N 22  
ARG NH1  N  N N 23  
ARG NH2  N  N N 24  
ARG OXT  O  N N 25  
ARG H    H  N N 26  
ARG H2   H  N N 27  
ARG HA   H  N N 28  
ARG HB2  H  N N 29  
ARG HB3  H  N N 30  
ARG HG2  H  N N 31  
ARG HG3  H  N N 32  
ARG HD2  H  N N 33  
ARG HD3  H  N N 34  
ARG HE   H  N N 35  
ARG HH11 H  N N 36  
ARG HH12 H  N N 37  
ARG HH21 H  N N 38  
ARG HH22 H  N N 39  
ARG HXT  H  N N 40  
ASN N    N  N N 41  
ASN CA   C  N S 42  
ASN C    C  N N 43  
ASN O    O  N N 44  
ASN CB   C  N N 45  
ASN CG   C  N N 46  
ASN OD1  O  N N 47  
ASN ND2  N  N N 48  
ASN OXT  O  N N 49  
ASN H    H  N N 50  
ASN H2   H  N N 51  
ASN HA   H  N N 52  
ASN HB2  H  N N 53  
ASN HB3  H  N N 54  
ASN HD21 H  N N 55  
ASN HD22 H  N N 56  
ASN HXT  H  N N 57  
ASP N    N  N N 58  
ASP CA   C  N S 59  
ASP C    C  N N 60  
ASP O    O  N N 61  
ASP CB   C  N N 62  
ASP CG   C  N N 63  
ASP OD1  O  N N 64  
ASP OD2  O  N N 65  
ASP OXT  O  N N 66  
ASP H    H  N N 67  
ASP H2   H  N N 68  
ASP HA   H  N N 69  
ASP HB2  H  N N 70  
ASP HB3  H  N N 71  
ASP HD2  H  N N 72  
ASP HXT  H  N N 73  
CD  CD   CD N N 74  
CYS N    N  N N 75  
CYS CA   C  N R 76  
CYS C    C  N N 77  
CYS O    O  N N 78  
CYS CB   C  N N 79  
CYS SG   S  N N 80  
CYS OXT  O  N N 81  
CYS H    H  N N 82  
CYS H2   H  N N 83  
CYS HA   H  N N 84  
CYS HB2  H  N N 85  
CYS HB3  H  N N 86  
CYS HG   H  N N 87  
CYS HXT  H  N N 88  
GLN N    N  N N 89  
GLN CA   C  N S 90  
GLN C    C  N N 91  
GLN O    O  N N 92  
GLN CB   C  N N 93  
GLN CG   C  N N 94  
GLN CD   C  N N 95  
GLN OE1  O  N N 96  
GLN NE2  N  N N 97  
GLN OXT  O  N N 98  
GLN H    H  N N 99  
GLN H2   H  N N 100 
GLN HA   H  N N 101 
GLN HB2  H  N N 102 
GLN HB3  H  N N 103 
GLN HG2  H  N N 104 
GLN HG3  H  N N 105 
GLN HE21 H  N N 106 
GLN HE22 H  N N 107 
GLN HXT  H  N N 108 
GLU N    N  N N 109 
GLU CA   C  N S 110 
GLU C    C  N N 111 
GLU O    O  N N 112 
GLU CB   C  N N 113 
GLU CG   C  N N 114 
GLU CD   C  N N 115 
GLU OE1  O  N N 116 
GLU OE2  O  N N 117 
GLU OXT  O  N N 118 
GLU H    H  N N 119 
GLU H2   H  N N 120 
GLU HA   H  N N 121 
GLU HB2  H  N N 122 
GLU HB3  H  N N 123 
GLU HG2  H  N N 124 
GLU HG3  H  N N 125 
GLU HE2  H  N N 126 
GLU HXT  H  N N 127 
GLY N    N  N N 128 
GLY CA   C  N N 129 
GLY C    C  N N 130 
GLY O    O  N N 131 
GLY OXT  O  N N 132 
GLY H    H  N N 133 
GLY H2   H  N N 134 
GLY HA2  H  N N 135 
GLY HA3  H  N N 136 
GLY HXT  H  N N 137 
HE2 CAA  C  N N 138 
HE2 CAC  C  N N 139 
HE2 CAE  C  N N 140 
HE2 CAG  C  N N 141 
HE2 CAF  C  N N 142 
HE2 CAD  C  N N 143 
HE2 OAB  O  N N 144 
HE2 HAA1 H  N N 145 
HE2 HAA2 H  N N 146 
HE2 HAA3 H  N N 147 
HE2 HAC1 H  N N 148 
HE2 HAC2 H  N N 149 
HE2 HAE1 H  N N 150 
HE2 HAE2 H  N N 151 
HE2 HAG1 H  N N 152 
HE2 HAG2 H  N N 153 
HE2 HAF1 H  N N 154 
HE2 HAF2 H  N N 155 
HE2 HAD1 H  N N 156 
HE2 HAD2 H  N N 157 
HE2 HAB  H  N N 158 
HIS N    N  N N 159 
HIS CA   C  N S 160 
HIS C    C  N N 161 
HIS O    O  N N 162 
HIS CB   C  N N 163 
HIS CG   C  Y N 164 
HIS ND1  N  Y N 165 
HIS CD2  C  Y N 166 
HIS CE1  C  Y N 167 
HIS NE2  N  Y N 168 
HIS OXT  O  N N 169 
HIS H    H  N N 170 
HIS H2   H  N N 171 
HIS HA   H  N N 172 
HIS HB2  H  N N 173 
HIS HB3  H  N N 174 
HIS HD1  H  N N 175 
HIS HD2  H  N N 176 
HIS HE1  H  N N 177 
HIS HE2  H  N N 178 
HIS HXT  H  N N 179 
HOH O    O  N N 180 
HOH H1   H  N N 181 
HOH H2   H  N N 182 
ILE N    N  N N 183 
ILE CA   C  N S 184 
ILE C    C  N N 185 
ILE O    O  N N 186 
ILE CB   C  N S 187 
ILE CG1  C  N N 188 
ILE CG2  C  N N 189 
ILE CD1  C  N N 190 
ILE OXT  O  N N 191 
ILE H    H  N N 192 
ILE H2   H  N N 193 
ILE HA   H  N N 194 
ILE HB   H  N N 195 
ILE HG12 H  N N 196 
ILE HG13 H  N N 197 
ILE HG21 H  N N 198 
ILE HG22 H  N N 199 
ILE HG23 H  N N 200 
ILE HD11 H  N N 201 
ILE HD12 H  N N 202 
ILE HD13 H  N N 203 
ILE HXT  H  N N 204 
LEU N    N  N N 205 
LEU CA   C  N S 206 
LEU C    C  N N 207 
LEU O    O  N N 208 
LEU CB   C  N N 209 
LEU CG   C  N N 210 
LEU CD1  C  N N 211 
LEU CD2  C  N N 212 
LEU OXT  O  N N 213 
LEU H    H  N N 214 
LEU H2   H  N N 215 
LEU HA   H  N N 216 
LEU HB2  H  N N 217 
LEU HB3  H  N N 218 
LEU HG   H  N N 219 
LEU HD11 H  N N 220 
LEU HD12 H  N N 221 
LEU HD13 H  N N 222 
LEU HD21 H  N N 223 
LEU HD22 H  N N 224 
LEU HD23 H  N N 225 
LEU HXT  H  N N 226 
LYS N    N  N N 227 
LYS CA   C  N S 228 
LYS C    C  N N 229 
LYS O    O  N N 230 
LYS CB   C  N N 231 
LYS CG   C  N N 232 
LYS CD   C  N N 233 
LYS CE   C  N N 234 
LYS NZ   N  N N 235 
LYS OXT  O  N N 236 
LYS H    H  N N 237 
LYS H2   H  N N 238 
LYS HA   H  N N 239 
LYS HB2  H  N N 240 
LYS HB3  H  N N 241 
LYS HG2  H  N N 242 
LYS HG3  H  N N 243 
LYS HD2  H  N N 244 
LYS HD3  H  N N 245 
LYS HE2  H  N N 246 
LYS HE3  H  N N 247 
LYS HZ1  H  N N 248 
LYS HZ2  H  N N 249 
LYS HZ3  H  N N 250 
LYS HXT  H  N N 251 
MET N    N  N N 252 
MET CA   C  N S 253 
MET C    C  N N 254 
MET O    O  N N 255 
MET CB   C  N N 256 
MET CG   C  N N 257 
MET SD   S  N N 258 
MET CE   C  N N 259 
MET OXT  O  N N 260 
MET H    H  N N 261 
MET H2   H  N N 262 
MET HA   H  N N 263 
MET HB2  H  N N 264 
MET HB3  H  N N 265 
MET HG2  H  N N 266 
MET HG3  H  N N 267 
MET HE1  H  N N 268 
MET HE2  H  N N 269 
MET HE3  H  N N 270 
MET HXT  H  N N 271 
PHE N    N  N N 272 
PHE CA   C  N S 273 
PHE C    C  N N 274 
PHE O    O  N N 275 
PHE CB   C  N N 276 
PHE CG   C  Y N 277 
PHE CD1  C  Y N 278 
PHE CD2  C  Y N 279 
PHE CE1  C  Y N 280 
PHE CE2  C  Y N 281 
PHE CZ   C  Y N 282 
PHE OXT  O  N N 283 
PHE H    H  N N 284 
PHE H2   H  N N 285 
PHE HA   H  N N 286 
PHE HB2  H  N N 287 
PHE HB3  H  N N 288 
PHE HD1  H  N N 289 
PHE HD2  H  N N 290 
PHE HE1  H  N N 291 
PHE HE2  H  N N 292 
PHE HZ   H  N N 293 
PHE HXT  H  N N 294 
PRO N    N  N N 295 
PRO CA   C  N S 296 
PRO C    C  N N 297 
PRO O    O  N N 298 
PRO CB   C  N N 299 
PRO CG   C  N N 300 
PRO CD   C  N N 301 
PRO OXT  O  N N 302 
PRO H    H  N N 303 
PRO HA   H  N N 304 
PRO HB2  H  N N 305 
PRO HB3  H  N N 306 
PRO HG2  H  N N 307 
PRO HG3  H  N N 308 
PRO HD2  H  N N 309 
PRO HD3  H  N N 310 
PRO HXT  H  N N 311 
SER N    N  N N 312 
SER CA   C  N S 313 
SER C    C  N N 314 
SER O    O  N N 315 
SER CB   C  N N 316 
SER OG   O  N N 317 
SER OXT  O  N N 318 
SER H    H  N N 319 
SER H2   H  N N 320 
SER HA   H  N N 321 
SER HB2  H  N N 322 
SER HB3  H  N N 323 
SER HG   H  N N 324 
SER HXT  H  N N 325 
THR N    N  N N 326 
THR CA   C  N S 327 
THR C    C  N N 328 
THR O    O  N N 329 
THR CB   C  N R 330 
THR OG1  O  N N 331 
THR CG2  C  N N 332 
THR OXT  O  N N 333 
THR H    H  N N 334 
THR H2   H  N N 335 
THR HA   H  N N 336 
THR HB   H  N N 337 
THR HG1  H  N N 338 
THR HG21 H  N N 339 
THR HG22 H  N N 340 
THR HG23 H  N N 341 
THR HXT  H  N N 342 
TRP N    N  N N 343 
TRP CA   C  N S 344 
TRP C    C  N N 345 
TRP O    O  N N 346 
TRP CB   C  N N 347 
TRP CG   C  Y N 348 
TRP CD1  C  Y N 349 
TRP CD2  C  Y N 350 
TRP NE1  N  Y N 351 
TRP CE2  C  Y N 352 
TRP CE3  C  Y N 353 
TRP CZ2  C  Y N 354 
TRP CZ3  C  Y N 355 
TRP CH2  C  Y N 356 
TRP OXT  O  N N 357 
TRP H    H  N N 358 
TRP H2   H  N N 359 
TRP HA   H  N N 360 
TRP HB2  H  N N 361 
TRP HB3  H  N N 362 
TRP HD1  H  N N 363 
TRP HE1  H  N N 364 
TRP HE3  H  N N 365 
TRP HZ2  H  N N 366 
TRP HZ3  H  N N 367 
TRP HH2  H  N N 368 
TRP HXT  H  N N 369 
TYR N    N  N N 370 
TYR CA   C  N S 371 
TYR C    C  N N 372 
TYR O    O  N N 373 
TYR CB   C  N N 374 
TYR CG   C  Y N 375 
TYR CD1  C  Y N 376 
TYR CD2  C  Y N 377 
TYR CE1  C  Y N 378 
TYR CE2  C  Y N 379 
TYR CZ   C  Y N 380 
TYR OH   O  N N 381 
TYR OXT  O  N N 382 
TYR H    H  N N 383 
TYR H2   H  N N 384 
TYR HA   H  N N 385 
TYR HB2  H  N N 386 
TYR HB3  H  N N 387 
TYR HD1  H  N N 388 
TYR HD2  H  N N 389 
TYR HE1  H  N N 390 
TYR HE2  H  N N 391 
TYR HH   H  N N 392 
TYR HXT  H  N N 393 
VAL N    N  N N 394 
VAL CA   C  N S 395 
VAL C    C  N N 396 
VAL O    O  N N 397 
VAL CB   C  N N 398 
VAL CG1  C  N N 399 
VAL CG2  C  N N 400 
VAL OXT  O  N N 401 
VAL H    H  N N 402 
VAL H2   H  N N 403 
VAL HA   H  N N 404 
VAL HB   H  N N 405 
VAL HG11 H  N N 406 
VAL HG12 H  N N 407 
VAL HG13 H  N N 408 
VAL HG21 H  N N 409 
VAL HG22 H  N N 410 
VAL HG23 H  N N 411 
VAL HXT  H  N N 412 
# 
loop_
_chem_comp_bond.comp_id 
_chem_comp_bond.atom_id_1 
_chem_comp_bond.atom_id_2 
_chem_comp_bond.value_order 
_chem_comp_bond.pdbx_aromatic_flag 
_chem_comp_bond.pdbx_stereo_config 
_chem_comp_bond.pdbx_ordinal 
ALA N   CA   sing N N 1   
ALA N   H    sing N N 2   
ALA N   H2   sing N N 3   
ALA CA  C    sing N N 4   
ALA CA  CB   sing N N 5   
ALA CA  HA   sing N N 6   
ALA C   O    doub N N 7   
ALA C   OXT  sing N N 8   
ALA CB  HB1  sing N N 9   
ALA CB  HB2  sing N N 10  
ALA CB  HB3  sing N N 11  
ALA OXT HXT  sing N N 12  
ARG N   CA   sing N N 13  
ARG N   H    sing N N 14  
ARG N   H2   sing N N 15  
ARG CA  C    sing N N 16  
ARG CA  CB   sing N N 17  
ARG CA  HA   sing N N 18  
ARG C   O    doub N N 19  
ARG C   OXT  sing N N 20  
ARG CB  CG   sing N N 21  
ARG CB  HB2  sing N N 22  
ARG CB  HB3  sing N N 23  
ARG CG  CD   sing N N 24  
ARG CG  HG2  sing N N 25  
ARG CG  HG3  sing N N 26  
ARG CD  NE   sing N N 27  
ARG CD  HD2  sing N N 28  
ARG CD  HD3  sing N N 29  
ARG NE  CZ   sing N N 30  
ARG NE  HE   sing N N 31  
ARG CZ  NH1  sing N N 32  
ARG CZ  NH2  doub N N 33  
ARG NH1 HH11 sing N N 34  
ARG NH1 HH12 sing N N 35  
ARG NH2 HH21 sing N N 36  
ARG NH2 HH22 sing N N 37  
ARG OXT HXT  sing N N 38  
ASN N   CA   sing N N 39  
ASN N   H    sing N N 40  
ASN N   H2   sing N N 41  
ASN CA  C    sing N N 42  
ASN CA  CB   sing N N 43  
ASN CA  HA   sing N N 44  
ASN C   O    doub N N 45  
ASN C   OXT  sing N N 46  
ASN CB  CG   sing N N 47  
ASN CB  HB2  sing N N 48  
ASN CB  HB3  sing N N 49  
ASN CG  OD1  doub N N 50  
ASN CG  ND2  sing N N 51  
ASN ND2 HD21 sing N N 52  
ASN ND2 HD22 sing N N 53  
ASN OXT HXT  sing N N 54  
ASP N   CA   sing N N 55  
ASP N   H    sing N N 56  
ASP N   H2   sing N N 57  
ASP CA  C    sing N N 58  
ASP CA  CB   sing N N 59  
ASP CA  HA   sing N N 60  
ASP C   O    doub N N 61  
ASP C   OXT  sing N N 62  
ASP CB  CG   sing N N 63  
ASP CB  HB2  sing N N 64  
ASP CB  HB3  sing N N 65  
ASP CG  OD1  doub N N 66  
ASP CG  OD2  sing N N 67  
ASP OD2 HD2  sing N N 68  
ASP OXT HXT  sing N N 69  
CYS N   CA   sing N N 70  
CYS N   H    sing N N 71  
CYS N   H2   sing N N 72  
CYS CA  C    sing N N 73  
CYS CA  CB   sing N N 74  
CYS CA  HA   sing N N 75  
CYS C   O    doub N N 76  
CYS C   OXT  sing N N 77  
CYS CB  SG   sing N N 78  
CYS CB  HB2  sing N N 79  
CYS CB  HB3  sing N N 80  
CYS SG  HG   sing N N 81  
CYS OXT HXT  sing N N 82  
GLN N   CA   sing N N 83  
GLN N   H    sing N N 84  
GLN N   H2   sing N N 85  
GLN CA  C    sing N N 86  
GLN CA  CB   sing N N 87  
GLN CA  HA   sing N N 88  
GLN C   O    doub N N 89  
GLN C   OXT  sing N N 90  
GLN CB  CG   sing N N 91  
GLN CB  HB2  sing N N 92  
GLN CB  HB3  sing N N 93  
GLN CG  CD   sing N N 94  
GLN CG  HG2  sing N N 95  
GLN CG  HG3  sing N N 96  
GLN CD  OE1  doub N N 97  
GLN CD  NE2  sing N N 98  
GLN NE2 HE21 sing N N 99  
GLN NE2 HE22 sing N N 100 
GLN OXT HXT  sing N N 101 
GLU N   CA   sing N N 102 
GLU N   H    sing N N 103 
GLU N   H2   sing N N 104 
GLU CA  C    sing N N 105 
GLU CA  CB   sing N N 106 
GLU CA  HA   sing N N 107 
GLU C   O    doub N N 108 
GLU C   OXT  sing N N 109 
GLU CB  CG   sing N N 110 
GLU CB  HB2  sing N N 111 
GLU CB  HB3  sing N N 112 
GLU CG  CD   sing N N 113 
GLU CG  HG2  sing N N 114 
GLU CG  HG3  sing N N 115 
GLU CD  OE1  doub N N 116 
GLU CD  OE2  sing N N 117 
GLU OE2 HE2  sing N N 118 
GLU OXT HXT  sing N N 119 
GLY N   CA   sing N N 120 
GLY N   H    sing N N 121 
GLY N   H2   sing N N 122 
GLY CA  C    sing N N 123 
GLY CA  HA2  sing N N 124 
GLY CA  HA3  sing N N 125 
GLY C   O    doub N N 126 
GLY C   OXT  sing N N 127 
GLY OXT HXT  sing N N 128 
HE2 CAA CAC  sing N N 129 
HE2 CAA HAA1 sing N N 130 
HE2 CAA HAA2 sing N N 131 
HE2 CAA HAA3 sing N N 132 
HE2 CAC CAE  sing N N 133 
HE2 CAC HAC1 sing N N 134 
HE2 CAC HAC2 sing N N 135 
HE2 CAE CAG  sing N N 136 
HE2 CAE HAE1 sing N N 137 
HE2 CAE HAE2 sing N N 138 
HE2 CAG CAF  sing N N 139 
HE2 CAG HAG1 sing N N 140 
HE2 CAG HAG2 sing N N 141 
HE2 CAF CAD  sing N N 142 
HE2 CAF HAF1 sing N N 143 
HE2 CAF HAF2 sing N N 144 
HE2 CAD OAB  sing N N 145 
HE2 CAD HAD1 sing N N 146 
HE2 CAD HAD2 sing N N 147 
HE2 OAB HAB  sing N N 148 
HIS N   CA   sing N N 149 
HIS N   H    sing N N 150 
HIS N   H2   sing N N 151 
HIS CA  C    sing N N 152 
HIS CA  CB   sing N N 153 
HIS CA  HA   sing N N 154 
HIS C   O    doub N N 155 
HIS C   OXT  sing N N 156 
HIS CB  CG   sing N N 157 
HIS CB  HB2  sing N N 158 
HIS CB  HB3  sing N N 159 
HIS CG  ND1  sing Y N 160 
HIS CG  CD2  doub Y N 161 
HIS ND1 CE1  doub Y N 162 
HIS ND1 HD1  sing N N 163 
HIS CD2 NE2  sing Y N 164 
HIS CD2 HD2  sing N N 165 
HIS CE1 NE2  sing Y N 166 
HIS CE1 HE1  sing N N 167 
HIS NE2 HE2  sing N N 168 
HIS OXT HXT  sing N N 169 
HOH O   H1   sing N N 170 
HOH O   H2   sing N N 171 
ILE N   CA   sing N N 172 
ILE N   H    sing N N 173 
ILE N   H2   sing N N 174 
ILE CA  C    sing N N 175 
ILE CA  CB   sing N N 176 
ILE CA  HA   sing N N 177 
ILE C   O    doub N N 178 
ILE C   OXT  sing N N 179 
ILE CB  CG1  sing N N 180 
ILE CB  CG2  sing N N 181 
ILE CB  HB   sing N N 182 
ILE CG1 CD1  sing N N 183 
ILE CG1 HG12 sing N N 184 
ILE CG1 HG13 sing N N 185 
ILE CG2 HG21 sing N N 186 
ILE CG2 HG22 sing N N 187 
ILE CG2 HG23 sing N N 188 
ILE CD1 HD11 sing N N 189 
ILE CD1 HD12 sing N N 190 
ILE CD1 HD13 sing N N 191 
ILE OXT HXT  sing N N 192 
LEU N   CA   sing N N 193 
LEU N   H    sing N N 194 
LEU N   H2   sing N N 195 
LEU CA  C    sing N N 196 
LEU CA  CB   sing N N 197 
LEU CA  HA   sing N N 198 
LEU C   O    doub N N 199 
LEU C   OXT  sing N N 200 
LEU CB  CG   sing N N 201 
LEU CB  HB2  sing N N 202 
LEU CB  HB3  sing N N 203 
LEU CG  CD1  sing N N 204 
LEU CG  CD2  sing N N 205 
LEU CG  HG   sing N N 206 
LEU CD1 HD11 sing N N 207 
LEU CD1 HD12 sing N N 208 
LEU CD1 HD13 sing N N 209 
LEU CD2 HD21 sing N N 210 
LEU CD2 HD22 sing N N 211 
LEU CD2 HD23 sing N N 212 
LEU OXT HXT  sing N N 213 
LYS N   CA   sing N N 214 
LYS N   H    sing N N 215 
LYS N   H2   sing N N 216 
LYS CA  C    sing N N 217 
LYS CA  CB   sing N N 218 
LYS CA  HA   sing N N 219 
LYS C   O    doub N N 220 
LYS C   OXT  sing N N 221 
LYS CB  CG   sing N N 222 
LYS CB  HB2  sing N N 223 
LYS CB  HB3  sing N N 224 
LYS CG  CD   sing N N 225 
LYS CG  HG2  sing N N 226 
LYS CG  HG3  sing N N 227 
LYS CD  CE   sing N N 228 
LYS CD  HD2  sing N N 229 
LYS CD  HD3  sing N N 230 
LYS CE  NZ   sing N N 231 
LYS CE  HE2  sing N N 232 
LYS CE  HE3  sing N N 233 
LYS NZ  HZ1  sing N N 234 
LYS NZ  HZ2  sing N N 235 
LYS NZ  HZ3  sing N N 236 
LYS OXT HXT  sing N N 237 
MET N   CA   sing N N 238 
MET N   H    sing N N 239 
MET N   H2   sing N N 240 
MET CA  C    sing N N 241 
MET CA  CB   sing N N 242 
MET CA  HA   sing N N 243 
MET C   O    doub N N 244 
MET C   OXT  sing N N 245 
MET CB  CG   sing N N 246 
MET CB  HB2  sing N N 247 
MET CB  HB3  sing N N 248 
MET CG  SD   sing N N 249 
MET CG  HG2  sing N N 250 
MET CG  HG3  sing N N 251 
MET SD  CE   sing N N 252 
MET CE  HE1  sing N N 253 
MET CE  HE2  sing N N 254 
MET CE  HE3  sing N N 255 
MET OXT HXT  sing N N 256 
PHE N   CA   sing N N 257 
PHE N   H    sing N N 258 
PHE N   H2   sing N N 259 
PHE CA  C    sing N N 260 
PHE CA  CB   sing N N 261 
PHE CA  HA   sing N N 262 
PHE C   O    doub N N 263 
PHE C   OXT  sing N N 264 
PHE CB  CG   sing N N 265 
PHE CB  HB2  sing N N 266 
PHE CB  HB3  sing N N 267 
PHE CG  CD1  doub Y N 268 
PHE CG  CD2  sing Y N 269 
PHE CD1 CE1  sing Y N 270 
PHE CD1 HD1  sing N N 271 
PHE CD2 CE2  doub Y N 272 
PHE CD2 HD2  sing N N 273 
PHE CE1 CZ   doub Y N 274 
PHE CE1 HE1  sing N N 275 
PHE CE2 CZ   sing Y N 276 
PHE CE2 HE2  sing N N 277 
PHE CZ  HZ   sing N N 278 
PHE OXT HXT  sing N N 279 
PRO N   CA   sing N N 280 
PRO N   CD   sing N N 281 
PRO N   H    sing N N 282 
PRO CA  C    sing N N 283 
PRO CA  CB   sing N N 284 
PRO CA  HA   sing N N 285 
PRO C   O    doub N N 286 
PRO C   OXT  sing N N 287 
PRO CB  CG   sing N N 288 
PRO CB  HB2  sing N N 289 
PRO CB  HB3  sing N N 290 
PRO CG  CD   sing N N 291 
PRO CG  HG2  sing N N 292 
PRO CG  HG3  sing N N 293 
PRO CD  HD2  sing N N 294 
PRO CD  HD3  sing N N 295 
PRO OXT HXT  sing N N 296 
SER N   CA   sing N N 297 
SER N   H    sing N N 298 
SER N   H2   sing N N 299 
SER CA  C    sing N N 300 
SER CA  CB   sing N N 301 
SER CA  HA   sing N N 302 
SER C   O    doub N N 303 
SER C   OXT  sing N N 304 
SER CB  OG   sing N N 305 
SER CB  HB2  sing N N 306 
SER CB  HB3  sing N N 307 
SER OG  HG   sing N N 308 
SER OXT HXT  sing N N 309 
THR N   CA   sing N N 310 
THR N   H    sing N N 311 
THR N   H2   sing N N 312 
THR CA  C    sing N N 313 
THR CA  CB   sing N N 314 
THR CA  HA   sing N N 315 
THR C   O    doub N N 316 
THR C   OXT  sing N N 317 
THR CB  OG1  sing N N 318 
THR CB  CG2  sing N N 319 
THR CB  HB   sing N N 320 
THR OG1 HG1  sing N N 321 
THR CG2 HG21 sing N N 322 
THR CG2 HG22 sing N N 323 
THR CG2 HG23 sing N N 324 
THR OXT HXT  sing N N 325 
TRP N   CA   sing N N 326 
TRP N   H    sing N N 327 
TRP N   H2   sing N N 328 
TRP CA  C    sing N N 329 
TRP CA  CB   sing N N 330 
TRP CA  HA   sing N N 331 
TRP C   O    doub N N 332 
TRP C   OXT  sing N N 333 
TRP CB  CG   sing N N 334 
TRP CB  HB2  sing N N 335 
TRP CB  HB3  sing N N 336 
TRP CG  CD1  doub Y N 337 
TRP CG  CD2  sing Y N 338 
TRP CD1 NE1  sing Y N 339 
TRP CD1 HD1  sing N N 340 
TRP CD2 CE2  doub Y N 341 
TRP CD2 CE3  sing Y N 342 
TRP NE1 CE2  sing Y N 343 
TRP NE1 HE1  sing N N 344 
TRP CE2 CZ2  sing Y N 345 
TRP CE3 CZ3  doub Y N 346 
TRP CE3 HE3  sing N N 347 
TRP CZ2 CH2  doub Y N 348 
TRP CZ2 HZ2  sing N N 349 
TRP CZ3 CH2  sing Y N 350 
TRP CZ3 HZ3  sing N N 351 
TRP CH2 HH2  sing N N 352 
TRP OXT HXT  sing N N 353 
TYR N   CA   sing N N 354 
TYR N   H    sing N N 355 
TYR N   H2   sing N N 356 
TYR CA  C    sing N N 357 
TYR CA  CB   sing N N 358 
TYR CA  HA   sing N N 359 
TYR C   O    doub N N 360 
TYR C   OXT  sing N N 361 
TYR CB  CG   sing N N 362 
TYR CB  HB2  sing N N 363 
TYR CB  HB3  sing N N 364 
TYR CG  CD1  doub Y N 365 
TYR CG  CD2  sing Y N 366 
TYR CD1 CE1  sing Y N 367 
TYR CD1 HD1  sing N N 368 
TYR CD2 CE2  doub Y N 369 
TYR CD2 HD2  sing N N 370 
TYR CE1 CZ   doub Y N 371 
TYR CE1 HE1  sing N N 372 
TYR CE2 CZ   sing Y N 373 
TYR CE2 HE2  sing N N 374 
TYR CZ  OH   sing N N 375 
TYR OH  HH   sing N N 376 
TYR OXT HXT  sing N N 377 
VAL N   CA   sing N N 378 
VAL N   H    sing N N 379 
VAL N   H2   sing N N 380 
VAL CA  C    sing N N 381 
VAL CA  CB   sing N N 382 
VAL CA  HA   sing N N 383 
VAL C   O    doub N N 384 
VAL C   OXT  sing N N 385 
VAL CB  CG1  sing N N 386 
VAL CB  CG2  sing N N 387 
VAL CB  HB   sing N N 388 
VAL CG1 HG11 sing N N 389 
VAL CG1 HG12 sing N N 390 
VAL CG1 HG13 sing N N 391 
VAL CG2 HG21 sing N N 392 
VAL CG2 HG22 sing N N 393 
VAL CG2 HG23 sing N N 394 
VAL OXT HXT  sing N N 395 
# 
_pdbx_initial_refinement_model.id               1 
_pdbx_initial_refinement_model.entity_id_list   ? 
_pdbx_initial_refinement_model.type             'experimental model' 
_pdbx_initial_refinement_model.source_name      PDB 
_pdbx_initial_refinement_model.accession_code   1QY0 
_pdbx_initial_refinement_model.details          ? 
# 
_atom_sites.entry_id                    1ZNE 
_atom_sites.fract_transf_matrix[1][1]   0.00473814 
_atom_sites.fract_transf_matrix[1][2]   -0.01809892 
_atom_sites.fract_transf_matrix[1][3]   -0.00171189 
_atom_sites.fract_transf_matrix[2][1]   0.01694737 
_atom_sites.fract_transf_matrix[2][2]   0.00375710 
_atom_sites.fract_transf_matrix[2][3]   0.00718487 
_atom_sites.fract_transf_matrix[3][1]   -0.00255512 
_atom_sites.fract_transf_matrix[3][2]   -0.00130344 
_atom_sites.fract_transf_matrix[3][3]   0.00670850 
_atom_sites.fract_transf_vector[1]      0.876411 
_atom_sites.fract_transf_vector[2]      0.436219 
_atom_sites.fract_transf_vector[3]      0.312028 
# 
loop_
_atom_type.symbol 
C  
CD 
N  
O  
S  
# 
loop_
_atom_site.group_PDB 
_atom_site.id 
_atom_site.type_symbol 
_atom_site.label_atom_id 
_atom_site.label_alt_id 
_atom_site.label_comp_id 
_atom_site.label_asym_id 
_atom_site.label_entity_id 
_atom_site.label_seq_id 
_atom_site.pdbx_PDB_ins_code 
_atom_site.Cartn_x 
_atom_site.Cartn_y 
_atom_site.Cartn_z 
_atom_site.occupancy 
_atom_site.B_iso_or_equiv 
_atom_site.pdbx_formal_charge 
_atom_site.auth_seq_id 
_atom_site.auth_comp_id 
_atom_site.auth_asym_id 
_atom_site.auth_atom_id 
_atom_site.pdbx_PDB_model_num 
ATOM   1    N  N   . GLU A 1 13  ? 0.212   17.828  9.868   1.00 52.25 ? 1   GLU A N   1 
ATOM   2    C  CA  . GLU A 1 13  ? 0.233   18.188  8.421   1.00 52.04 ? 1   GLU A CA  1 
ATOM   3    C  C   . GLU A 1 13  ? 0.163   16.931  7.554   1.00 48.37 ? 1   GLU A C   1 
ATOM   4    O  O   . GLU A 1 13  ? 0.671   15.873  7.929   1.00 48.86 ? 1   GLU A O   1 
ATOM   5    C  CB  . GLU A 1 13  ? 1.503   18.990  8.083   1.00 56.27 ? 1   GLU A CB  1 
ATOM   6    C  CG  . GLU A 1 13  ? 2.796   18.172  7.839   1.00 62.38 ? 1   GLU A CG  1 
ATOM   7    C  CD  . GLU A 1 13  ? 3.348   17.467  9.080   1.00 65.22 ? 1   GLU A CD  1 
ATOM   8    O  OE1 . GLU A 1 13  ? 4.593   17.361  9.202   1.00 66.81 ? 1   GLU A OE1 1 
ATOM   9    O  OE2 . GLU A 1 13  ? 2.548   17.004  9.922   1.00 66.98 ? 1   GLU A OE2 1 
ATOM   10   N  N   . GLU A 1 14  ? -0.482  17.041  6.402   1.00 43.09 ? 2   GLU A N   1 
ATOM   11   C  CA  . GLU A 1 14  ? -0.593  15.903  5.508   1.00 38.28 ? 2   GLU A CA  1 
ATOM   12   C  C   . GLU A 1 14  ? 0.142   16.211  4.220   1.00 35.69 ? 2   GLU A C   1 
ATOM   13   O  O   . GLU A 1 14  ? 0.383   17.385  3.892   1.00 35.69 ? 2   GLU A O   1 
ATOM   14   C  CB  . GLU A 1 14  ? -2.056  15.586  5.255   1.00 38.13 ? 2   GLU A CB  1 
ATOM   15   C  CG  . GLU A 1 14  ? -2.802  15.287  6.556   1.00 38.43 ? 2   GLU A CG  1 
ATOM   16   C  CD  . GLU A 1 14  ? -4.178  14.691  6.317   1.00 39.06 ? 2   GLU A CD  1 
ATOM   17   O  OE1 . GLU A 1 14  ? -4.673  14.782  5.173   1.00 40.92 ? 2   GLU A OE1 1 
ATOM   18   O  OE2 . GLU A 1 14  ? -4.766  14.136  7.270   1.00 37.68 ? 2   GLU A OE2 1 
ATOM   19   N  N   . ALA A 1 15  ? 0.518   15.170  3.493   1.00 30.76 ? 3   ALA A N   1 
ATOM   20   C  CA  . ALA A 1 15  ? 1.267   15.379  2.272   1.00 27.90 ? 3   ALA A CA  1 
ATOM   21   C  C   . ALA A 1 15  ? 1.034   14.263  1.280   1.00 26.78 ? 3   ALA A C   1 
ATOM   22   O  O   . ALA A 1 15  ? 0.419   13.244  1.594   1.00 25.85 ? 3   ALA A O   1 
ATOM   23   C  CB  . ALA A 1 15  ? 2.767   15.484  2.599   1.00 28.25 ? 3   ALA A CB  1 
ATOM   24   N  N   . SER A 1 16  ? 1.547   14.489  0.078   1.00 25.55 ? 4   SER A N   1 
ATOM   25   C  CA  . SER A 1 16  ? 1.471   13.579  -1.045  1.00 25.65 ? 4   SER A CA  1 
ATOM   26   C  C   . SER A 1 16  ? 2.923   13.353  -1.461  1.00 23.07 ? 4   SER A C   1 
ATOM   27   O  O   . SER A 1 16  ? 3.716   14.302  -1.462  1.00 21.31 ? 4   SER A O   1 
ATOM   28   C  CB  . SER A 1 16  ? 0.684   14.249  -2.178  1.00 26.66 ? 4   SER A CB  1 
ATOM   29   O  OG  . SER A 1 16  ? 0.743   13.451  -3.345  1.00 34.69 ? 4   SER A OG  1 
ATOM   30   N  N   . SER A 1 17  ? 3.293   12.116  -1.785  1.00 21.81 ? 5   SER A N   1 
ATOM   31   C  CA  . SER A 1 17  ? 4.681   11.835  -2.162  1.00 21.92 ? 5   SER A CA  1 
ATOM   32   C  C   . SER A 1 17  ? 5.106   12.633  -3.403  1.00 23.69 ? 5   SER A C   1 
ATOM   33   O  O   . SER A 1 17  ? 6.293   12.881  -3.615  1.00 23.81 ? 5   SER A O   1 
ATOM   34   C  CB  . SER A 1 17  ? 4.891   10.329  -2.442  1.00 20.31 ? 5   SER A CB  1 
ATOM   35   O  OG  . SER A 1 17  ? 4.187   9.944   -3.598  1.00 17.59 ? 5   SER A OG  1 
ATOM   36   N  N   . THR A 1 18  ? 4.119   13.026  -4.203  1.00 24.14 ? 6   THR A N   1 
ATOM   37   C  CA  . THR A 1 18  ? 4.331   13.782  -5.428  1.00 26.95 ? 6   THR A CA  1 
ATOM   38   C  C   . THR A 1 18  ? 4.258   15.284  -5.143  1.00 28.39 ? 6   THR A C   1 
ATOM   39   O  O   . THR A 1 18  ? 4.478   16.087  -6.037  1.00 28.77 ? 6   THR A O   1 
ATOM   40   C  CB  . THR A 1 18  ? 3.241   13.440  -6.488  1.00 26.29 ? 6   THR A CB  1 
ATOM   41   O  OG1 . THR A 1 18  ? 1.948   13.584  -5.896  1.00 30.51 ? 6   THR A OG1 1 
ATOM   42   C  CG2 . THR A 1 18  ? 3.393   12.012  -6.995  1.00 29.05 ? 6   THR A CG2 1 
ATOM   43   N  N   . GLY A 1 19  ? 3.949   15.650  -3.901  1.00 29.09 ? 7   GLY A N   1 
ATOM   44   C  CA  . GLY A 1 19  ? 3.842   17.056  -3.533  1.00 33.28 ? 7   GLY A CA  1 
ATOM   45   C  C   . GLY A 1 19  ? 5.179   17.735  -3.277  1.00 35.39 ? 7   GLY A C   1 
ATOM   46   O  O   . GLY A 1 19  ? 6.186   17.082  -3.021  1.00 35.02 ? 7   GLY A O   1 
ATOM   47   N  N   . ARG A 1 20  ? 5.173   19.061  -3.304  1.00 38.49 ? 8   ARG A N   1 
ATOM   48   C  CA  . ARG A 1 20  ? 6.392   19.829  -3.104  1.00 41.76 ? 8   ARG A CA  1 
ATOM   49   C  C   . ARG A 1 20  ? 6.951   19.748  -1.683  1.00 40.59 ? 8   ARG A C   1 
ATOM   50   O  O   . ARG A 1 20  ? 8.164   19.824  -1.493  1.00 42.01 ? 8   ARG A O   1 
ATOM   51   C  CB  . ARG A 1 20  ? 6.143   21.292  -3.467  1.00 47.14 ? 8   ARG A CB  1 
ATOM   52   C  CG  . ARG A 1 20  ? 7.365   21.979  -4.046  1.00 55.10 ? 8   ARG A CG  1 
ATOM   53   C  CD  . ARG A 1 20  ? 7.779   21.287  -5.342  1.00 61.95 ? 8   ARG A CD  1 
ATOM   54   N  NE  . ARG A 1 20  ? 8.959   21.897  -5.951  1.00 69.08 ? 8   ARG A NE  1 
ATOM   55   C  CZ  . ARG A 1 20  ? 9.063   23.185  -6.263  1.00 72.06 ? 8   ARG A CZ  1 
ATOM   56   N  NH1 . ARG A 1 20  ? 8.053   24.019  -6.026  1.00 73.62 ? 8   ARG A NH1 1 
ATOM   57   N  NH2 . ARG A 1 20  ? 10.180  23.643  -6.816  1.00 73.99 ? 8   ARG A NH2 1 
ATOM   58   N  N   . ASN A 1 21  ? 6.078   19.570  -0.700  1.00 38.25 ? 9   ASN A N   1 
ATOM   59   C  CA  . ASN A 1 21  ? 6.489   19.493  0.703   1.00 37.06 ? 9   ASN A CA  1 
ATOM   60   C  C   . ASN A 1 21  ? 6.639   18.062  1.247   1.00 33.68 ? 9   ASN A C   1 
ATOM   61   O  O   . ASN A 1 21  ? 6.650   17.867  2.460   1.00 32.87 ? 9   ASN A O   1 
ATOM   62   C  CB  . ASN A 1 21  ? 5.471   20.223  1.581   1.00 40.89 ? 9   ASN A CB  1 
ATOM   63   C  CG  . ASN A 1 21  ? 4.069   19.629  1.457   1.00 45.76 ? 9   ASN A CG  1 
ATOM   64   O  OD1 . ASN A 1 21  ? 3.374   19.389  2.458   1.00 48.49 ? 9   ASN A OD1 1 
ATOM   65   N  ND2 . ASN A 1 21  ? 3.643   19.392  0.218   1.00 46.98 ? 9   ASN A ND2 1 
ATOM   66   N  N   . PHE A 1 22  ? 6.755   17.064  0.378   1.00 29.91 ? 10  PHE A N   1 
ATOM   67   C  CA  . PHE A 1 22  ? 6.875   15.692  0.866   1.00 25.68 ? 10  PHE A CA  1 
ATOM   68   C  C   . PHE A 1 22  ? 8.209   15.406  1.556   1.00 25.39 ? 10  PHE A C   1 
ATOM   69   O  O   . PHE A 1 22  ? 9.272   15.778  1.054   1.00 23.21 ? 10  PHE A O   1 
ATOM   70   C  CB  . PHE A 1 22  ? 6.686   14.693  -0.284  1.00 24.75 ? 10  PHE A CB  1 
ATOM   71   C  CG  . PHE A 1 22  ? 6.674   13.241  0.157   1.00 22.25 ? 10  PHE A CG  1 
ATOM   72   C  CD1 . PHE A 1 22  ? 5.731   12.788  1.085   1.00 23.22 ? 10  PHE A CD1 1 
ATOM   73   C  CD2 . PHE A 1 22  ? 7.551   12.325  -0.411  1.00 24.03 ? 10  PHE A CD2 1 
ATOM   74   C  CE1 . PHE A 1 22  ? 5.652   11.437  1.430   1.00 23.16 ? 10  PHE A CE1 1 
ATOM   75   C  CE2 . PHE A 1 22  ? 7.488   10.964  -0.076  1.00 24.44 ? 10  PHE A CE2 1 
ATOM   76   C  CZ  . PHE A 1 22  ? 6.528   10.518  0.851   1.00 24.21 ? 10  PHE A CZ  1 
ATOM   77   N  N   . ASN A 1 23  ? 8.146   14.732  2.707   1.00 24.29 ? 11  ASN A N   1 
ATOM   78   C  CA  . ASN A 1 23  ? 9.356   14.368  3.451   1.00 25.83 ? 11  ASN A CA  1 
ATOM   79   C  C   . ASN A 1 23  ? 9.369   12.849  3.607   1.00 24.13 ? 11  ASN A C   1 
ATOM   80   O  O   . ASN A 1 23  ? 8.844   12.290  4.579   1.00 24.21 ? 11  ASN A O   1 
ATOM   81   C  CB  . ASN A 1 23  ? 9.349   15.046  4.812   1.00 28.45 ? 11  ASN A CB  1 
ATOM   82   C  CG  . ASN A 1 23  ? 10.612  14.784  5.591   1.00 32.14 ? 11  ASN A CG  1 
ATOM   83   O  OD1 . ASN A 1 23  ? 10.798  15.323  6.682   1.00 36.11 ? 11  ASN A OD1 1 
ATOM   84   N  ND2 . ASN A 1 23  ? 11.492  13.957  5.038   1.00 32.28 ? 11  ASN A ND2 1 
ATOM   85   N  N   . VAL A 1 24  ? 9.963   12.179  2.628   1.00 24.12 ? 12  VAL A N   1 
ATOM   86   C  CA  . VAL A 1 24  ? 9.997   10.714  2.589   1.00 23.37 ? 12  VAL A CA  1 
ATOM   87   C  C   . VAL A 1 24  ? 10.545  10.020  3.836   1.00 23.31 ? 12  VAL A C   1 
ATOM   88   O  O   . VAL A 1 24  ? 10.118  8.915   4.178   1.00 21.83 ? 12  VAL A O   1 
ATOM   89   C  CB  . VAL A 1 24  ? 10.787  10.227  1.329   1.00 23.77 ? 12  VAL A CB  1 
ATOM   90   C  CG1 . VAL A 1 24  ? 12.265  10.669  1.429   1.00 25.80 ? 12  VAL A CG1 1 
ATOM   91   C  CG2 . VAL A 1 24  ? 10.668  8.702   1.172   1.00 26.37 ? 12  VAL A CG2 1 
ATOM   92   N  N   . GLU A 1 25  ? 11.486  10.651  4.527   1.00 21.56 ? 13  GLU A N   1 
ATOM   93   C  CA  . GLU A 1 25  ? 12.051  10.030  5.722   1.00 23.08 ? 13  GLU A CA  1 
ATOM   94   C  C   . GLU A 1 25  ? 11.006  9.829   6.805   1.00 20.36 ? 13  GLU A C   1 
ATOM   95   O  O   . GLU A 1 25  ? 11.142  8.947   7.665   1.00 20.99 ? 13  GLU A O   1 
ATOM   96   C  CB  . GLU A 1 25  ? 13.155  10.890  6.326   1.00 24.17 ? 13  GLU A CB  1 
ATOM   97   C  CG  . GLU A 1 25  ? 14.352  11.077  5.475   1.00 30.12 ? 13  GLU A CG  1 
ATOM   98   C  CD  . GLU A 1 25  ? 15.300  12.020  6.174   1.00 32.69 ? 13  GLU A CD  1 
ATOM   99   O  OE1 . GLU A 1 25  ? 14.788  12.993  6.784   1.00 31.70 ? 13  GLU A OE1 1 
ATOM   100  O  OE2 . GLU A 1 25  ? 16.521  11.784  6.114   1.00 37.99 ? 13  GLU A OE2 1 
ATOM   101  N  N   . LYS A 1 26  ? 9.994   10.677  6.801   1.00 19.79 ? 14  LYS A N   1 
ATOM   102  C  CA  . LYS A 1 26  ? 8.943   10.563  7.805   1.00 19.18 ? 14  LYS A CA  1 
ATOM   103  C  C   . LYS A 1 26  ? 8.017   9.361   7.571   1.00 19.19 ? 14  LYS A C   1 
ATOM   104  O  O   . LYS A 1 26  ? 7.155   9.106   8.381   1.00 18.22 ? 14  LYS A O   1 
ATOM   105  C  CB  . LYS A 1 26  ? 8.134   11.863  7.896   1.00 20.71 ? 14  LYS A CB  1 
ATOM   106  C  CG  . LYS A 1 26  ? 8.898   13.021  8.587   1.00 27.50 ? 14  LYS A CG  1 
ATOM   107  C  CD  . LYS A 1 26  ? 8.148   14.370  8.506   1.00 29.18 ? 14  LYS A CD  1 
ATOM   108  C  CE  . LYS A 1 26  ? 7.285   14.619  9.733   1.00 35.43 ? 14  LYS A CE  1 
ATOM   109  N  NZ  . LYS A 1 26  ? 7.939   15.593  10.669  1.00 38.29 ? 14  LYS A NZ  1 
ATOM   110  N  N   . ILE A 1 27  ? 8.165   8.627   6.473   1.00 17.56 ? 15  ILE A N   1 
ATOM   111  C  CA  . ILE A 1 27  ? 7.317   7.437   6.338   1.00 17.59 ? 15  ILE A CA  1 
ATOM   112  C  C   . ILE A 1 27  ? 8.137   6.216   6.737   1.00 17.32 ? 15  ILE A C   1 
ATOM   113  O  O   . ILE A 1 27  ? 7.672   5.085   6.629   1.00 17.15 ? 15  ILE A O   1 
ATOM   114  C  CB  . ILE A 1 27  ? 6.752   7.219   4.906   1.00 17.59 ? 15  ILE A CB  1 
ATOM   115  C  CG1 . ILE A 1 27  ? 7.889   6.889   3.928   1.00 20.12 ? 15  ILE A CG1 1 
ATOM   116  C  CG2 . ILE A 1 27  ? 5.960   8.434   4.468   1.00 14.97 ? 15  ILE A CG2 1 
ATOM   117  C  CD1 . ILE A 1 27  ? 7.340   6.382   2.572   1.00 20.68 ? 15  ILE A CD1 1 
ATOM   118  N  N   . ASN A 1 28  ? 9.368   6.445   7.203   1.00 17.43 ? 16  ASN A N   1 
ATOM   119  C  CA  . ASN A 1 28  ? 10.214  5.344   7.650   1.00 17.59 ? 16  ASN A CA  1 
ATOM   120  C  C   . ASN A 1 28  ? 9.577   4.639   8.859   1.00 17.98 ? 16  ASN A C   1 
ATOM   121  O  O   . ASN A 1 28  ? 8.823   5.252   9.631   1.00 19.14 ? 16  ASN A O   1 
ATOM   122  C  CB  . ASN A 1 28  ? 11.588  5.870   8.108   1.00 17.49 ? 16  ASN A CB  1 
ATOM   123  C  CG  . ASN A 1 28  ? 12.554  4.740   8.448   1.00 19.72 ? 16  ASN A CG  1 
ATOM   124  O  OD1 . ASN A 1 28  ? 13.070  4.083   7.554   1.00 19.82 ? 16  ASN A OD1 1 
ATOM   125  N  ND2 . ASN A 1 28  ? 12.781  4.498   9.747   1.00 18.35 ? 16  ASN A ND2 1 
ATOM   126  N  N   . GLY A 1 29  ? 9.871   3.353   9.026   1.00 16.04 ? 17  GLY A N   1 
ATOM   127  C  CA  . GLY A 1 29  ? 9.378   2.660   10.202  1.00 15.77 ? 17  GLY A CA  1 
ATOM   128  C  C   . GLY A 1 29  ? 8.245   1.670   10.096  1.00 17.26 ? 17  GLY A C   1 
ATOM   129  O  O   . GLY A 1 29  ? 7.914   1.168   9.029   1.00 18.12 ? 17  GLY A O   1 
ATOM   130  N  N   . GLU A 1 30  ? 7.648   1.413   11.250  1.00 17.42 ? 18  GLU A N   1 
ATOM   131  C  CA  . GLU A 1 30  ? 6.545   0.481   11.394  1.00 17.00 ? 18  GLU A CA  1 
ATOM   132  C  C   . GLU A 1 30  ? 5.261   0.900   10.685  1.00 17.11 ? 18  GLU A C   1 
ATOM   133  O  O   . GLU A 1 30  ? 4.826   2.054   10.805  1.00 16.15 ? 18  GLU A O   1 
ATOM   134  C  CB  . GLU A 1 30  ? 6.231   0.313   12.875  1.00 15.88 ? 18  GLU A CB  1 
ATOM   135  C  CG  . GLU A 1 30  ? 4.936   -0.443  13.119  1.00 16.16 ? 18  GLU A CG  1 
ATOM   136  C  CD  . GLU A 1 30  ? 4.623   -0.559  14.599  1.00 16.69 ? 18  GLU A CD  1 
ATOM   137  O  OE1 . GLU A 1 30  ? 5.250   0.178   15.391  1.00 18.21 ? 18  GLU A OE1 1 
ATOM   138  O  OE2 . GLU A 1 30  ? 3.752   -1.377  14.961  1.00 16.65 ? 18  GLU A OE2 1 
ATOM   139  N  N   . TRP A 1 31  ? 4.681   -0.039  9.940   1.00 17.88 ? 19  TRP A N   1 
ATOM   140  C  CA  . TRP A 1 31  ? 3.398   0.166   9.244   1.00 17.61 ? 19  TRP A CA  1 
ATOM   141  C  C   . TRP A 1 31  ? 2.669   -1.168  9.240   1.00 18.28 ? 19  TRP A C   1 
ATOM   142  O  O   . TRP A 1 31  ? 3.311   -2.231  9.328   1.00 19.88 ? 19  TRP A O   1 
ATOM   143  C  CB  . TRP A 1 31  ? 3.578   0.644   7.778   1.00 16.31 ? 19  TRP A CB  1 
ATOM   144  C  CG  . TRP A 1 31  ? 4.016   2.111   7.658   1.00 16.20 ? 19  TRP A CG  1 
ATOM   145  C  CD1 . TRP A 1 31  ? 5.284   2.581   7.344   1.00 14.76 ? 19  TRP A CD1 1 
ATOM   146  C  CD2 . TRP A 1 31  ? 3.207   3.280   7.892   1.00 15.47 ? 19  TRP A CD2 1 
ATOM   147  N  NE1 . TRP A 1 31  ? 5.299   3.963   7.375   1.00 15.48 ? 19  TRP A NE1 1 
ATOM   148  C  CE2 . TRP A 1 31  ? 4.038   4.415   7.704   1.00 14.95 ? 19  TRP A CE2 1 
ATOM   149  C  CE3 . TRP A 1 31  ? 1.855   3.477   8.247   1.00 15.86 ? 19  TRP A CE3 1 
ATOM   150  C  CZ2 . TRP A 1 31  ? 3.564   5.724   7.855   1.00 13.40 ? 19  TRP A CZ2 1 
ATOM   151  C  CZ3 . TRP A 1 31  ? 1.377   4.781   8.395   1.00 11.19 ? 19  TRP A CZ3 1 
ATOM   152  C  CH2 . TRP A 1 31  ? 2.228   5.892   8.198   1.00 15.47 ? 19  TRP A CH2 1 
ATOM   153  N  N   . HIS A 1 32  ? 1.338   -1.116  9.130   1.00 15.56 ? 20  HIS A N   1 
ATOM   154  C  CA  . HIS A 1 32  ? 0.517   -2.299  9.098   1.00 16.60 ? 20  HIS A CA  1 
ATOM   155  C  C   . HIS A 1 32  ? -0.502  -2.132  7.982   1.00 15.96 ? 20  HIS A C   1 
ATOM   156  O  O   . HIS A 1 32  ? -0.983  -1.022  7.734   1.00 13.67 ? 20  HIS A O   1 
ATOM   157  C  CB  . HIS A 1 32  ? -0.255  -2.468  10.409  1.00 16.67 ? 20  HIS A CB  1 
ATOM   158  C  CG  . HIS A 1 32  ? 0.628   -2.652  11.593  1.00 19.92 ? 20  HIS A CG  1 
ATOM   159  N  ND1 . HIS A 1 32  ? 1.010   -3.901  12.041  1.00 18.86 ? 20  HIS A ND1 1 
ATOM   160  C  CD2 . HIS A 1 32  ? 1.278   -1.749  12.371  1.00 16.71 ? 20  HIS A CD2 1 
ATOM   161  C  CE1 . HIS A 1 32  ? 1.860   -3.757  13.047  1.00 22.04 ? 20  HIS A CE1 1 
ATOM   162  N  NE2 . HIS A 1 32  ? 2.040   -2.464  13.265  1.00 17.45 ? 20  HIS A NE2 1 
ATOM   163  N  N   . THR A 1 33  ? -0.803  -3.230  7.297   1.00 15.79 ? 21  THR A N   1 
ATOM   164  C  CA  . THR A 1 33  ? -1.819  -3.187  6.253   1.00 16.28 ? 21  THR A CA  1 
ATOM   165  C  C   . THR A 1 33  ? -3.170  -3.125  6.971   1.00 17.13 ? 21  THR A C   1 
ATOM   166  O  O   . THR A 1 33  ? -3.503  -4.020  7.764   1.00 18.06 ? 21  THR A O   1 
ATOM   167  C  CB  . THR A 1 33  ? -1.779  -4.452  5.369   1.00 16.95 ? 21  THR A CB  1 
ATOM   168  O  OG1 . THR A 1 33  ? -0.582  -4.418  4.560   1.00 14.55 ? 21  THR A OG1 1 
ATOM   169  C  CG2 . THR A 1 33  ? -3.048  -4.495  4.446   1.00 15.84 ? 21  THR A CG2 1 
ATOM   170  N  N   . ILE A 1 34  ? -3.936  -2.068  6.727   1.00 16.46 ? 22  ILE A N   1 
ATOM   171  C  CA  . ILE A 1 34  ? -5.236  -1.934  7.380   1.00 16.52 ? 22  ILE A CA  1 
ATOM   172  C  C   . ILE A 1 34  ? -6.356  -2.304  6.416   1.00 16.15 ? 22  ILE A C   1 
ATOM   173  O  O   . ILE A 1 34  ? -7.250  -3.066  6.756   1.00 17.06 ? 22  ILE A O   1 
ATOM   174  C  CB  . ILE A 1 34  ? -5.491  -0.492  7.896   1.00 16.18 ? 22  ILE A CB  1 
ATOM   175  C  CG1 . ILE A 1 34  ? -4.297  -0.004  8.745   1.00 17.86 ? 22  ILE A CG1 1 
ATOM   176  C  CG2 . ILE A 1 34  ? -6.790  -0.480  8.733   1.00 15.44 ? 22  ILE A CG2 1 
ATOM   177  C  CD1 . ILE A 1 34  ? -3.942  -0.935  9.932   1.00 18.61 ? 22  ILE A CD1 1 
ATOM   178  N  N   . ILE A 1 35  ? -6.289  -1.782  5.198   1.00 16.44 ? 23  ILE A N   1 
ATOM   179  C  CA  . ILE A 1 35  ? -7.332  -2.076  4.226   1.00 15.73 ? 23  ILE A CA  1 
ATOM   180  C  C   . ILE A 1 35  ? -6.654  -2.156  2.871   1.00 16.62 ? 23  ILE A C   1 
ATOM   181  O  O   . ILE A 1 35  ? -5.673  -1.456  2.635   1.00 15.98 ? 23  ILE A O   1 
ATOM   182  C  CB  . ILE A 1 35  ? -8.375  -0.921  4.203   1.00 14.05 ? 23  ILE A CB  1 
ATOM   183  C  CG1 . ILE A 1 35  ? -9.014  -0.778  5.600   1.00 16.49 ? 23  ILE A CG1 1 
ATOM   184  C  CG2 . ILE A 1 35  ? -9.462  -1.187  3.125   1.00 17.67 ? 23  ILE A CG2 1 
ATOM   185  C  CD1 . ILE A 1 35  ? -9.981  0.422   5.767   1.00 15.34 ? 23  ILE A CD1 1 
ATOM   186  N  N   . LEU A 1 36  ? -7.144  -3.036  2.005   1.00 15.53 ? 24  LEU A N   1 
ATOM   187  C  CA  . LEU A 1 36  ? -6.623  -3.110  0.642   1.00 16.98 ? 24  LEU A CA  1 
ATOM   188  C  C   . LEU A 1 36  ? -7.823  -2.947  -0.284  1.00 17.24 ? 24  LEU A C   1 
ATOM   189  O  O   . LEU A 1 36  ? -8.960  -3.317  0.079   1.00 17.75 ? 24  LEU A O   1 
ATOM   190  C  CB  . LEU A 1 36  ? -5.937  -4.459  0.364   1.00 16.29 ? 24  LEU A CB  1 
ATOM   191  C  CG  . LEU A 1 36  ? -4.605  -4.642  1.112   1.00 17.48 ? 24  LEU A CG  1 
ATOM   192  C  CD1 . LEU A 1 36  ? -4.038  -6.035  0.773   1.00 15.35 ? 24  LEU A CD1 1 
ATOM   193  C  CD2 . LEU A 1 36  ? -3.609  -3.528  0.724   1.00 15.24 ? 24  LEU A CD2 1 
ATOM   194  N  N   . ALA A 1 37  ? -7.577  -2.406  -1.475  1.00 16.23 ? 25  ALA A N   1 
ATOM   195  C  CA  . ALA A 1 37  ? -8.647  -2.198  -2.423  1.00 16.59 ? 25  ALA A CA  1 
ATOM   196  C  C   . ALA A 1 37  ? -8.110  -2.421  -3.806  1.00 16.46 ? 25  ALA A C   1 
ATOM   197  O  O   . ALA A 1 37  ? -6.918  -2.194  -4.054  1.00 16.64 ? 25  ALA A O   1 
ATOM   198  C  CB  . ALA A 1 37  ? -9.193  -0.762  -2.292  1.00 17.22 ? 25  ALA A CB  1 
ATOM   199  N  N   . SER A 1 38  ? -8.973  -2.860  -4.723  1.00 15.71 ? 26  SER A N   1 
ATOM   200  C  CA  . SER A 1 38  ? -8.517  -3.081  -6.103  1.00 17.27 ? 26  SER A CA  1 
ATOM   201  C  C   . SER A 1 38  ? -9.638  -3.148  -7.114  1.00 17.82 ? 26  SER A C   1 
ATOM   202  O  O   . SER A 1 38  ? -10.751 -3.605  -6.794  1.00 18.92 ? 26  SER A O   1 
ATOM   203  C  CB  . SER A 1 38  ? -7.699  -4.394  -6.222  1.00 15.33 ? 26  SER A CB  1 
ATOM   204  O  OG  . SER A 1 38  ? -7.235  -4.533  -7.573  1.00 18.77 ? 26  SER A OG  1 
ATOM   205  N  N   . ASP A 1 39  ? -9.384  -2.690  -8.342  1.00 18.64 ? 27  ASP A N   1 
ATOM   206  C  CA  . ASP A 1 39  ? -10.437 -2.862  -9.343  1.00 18.87 ? 27  ASP A CA  1 
ATOM   207  C  C   . ASP A 1 39  ? -10.395 -4.269  -9.924  1.00 20.55 ? 27  ASP A C   1 
ATOM   208  O  O   . ASP A 1 39  ? -11.125 -4.545  -10.859 1.00 22.07 ? 27  ASP A O   1 
ATOM   209  C  CB  . ASP A 1 39  ? -10.415 -1.824  -10.487 1.00 20.24 ? 27  ASP A CB  1 
ATOM   210  C  CG  . ASP A 1 39  ? -9.025  -1.548  -11.052 1.00 18.15 ? 27  ASP A CG  1 
ATOM   211  O  OD1 . ASP A 1 39  ? -8.080  -2.342  -10.829 1.00 18.31 ? 27  ASP A OD1 1 
ATOM   212  O  OD2 . ASP A 1 39  ? -8.897  -0.493  -11.733 1.00 21.22 ? 27  ASP A OD2 1 
ATOM   213  N  N   . LYS A 1 40  ? -9.532  -5.140  -9.386  1.00 19.78 ? 28  LYS A N   1 
ATOM   214  C  CA  . LYS A 1 40  ? -9.445  -6.568  -9.779  1.00 21.59 ? 28  LYS A CA  1 
ATOM   215  C  C   . LYS A 1 40  ? -9.421  -7.248  -8.400  1.00 20.64 ? 28  LYS A C   1 
ATOM   216  O  O   . LYS A 1 40  ? -8.354  -7.602  -7.850  1.00 19.90 ? 28  LYS A O   1 
ATOM   217  C  CB  . LYS A 1 40  ? -8.145  -6.868  -10.557 1.00 23.65 ? 28  LYS A CB  1 
ATOM   218  C  CG  . LYS A 1 40  ? -8.367  -7.814  -11.729 1.00 32.04 ? 28  LYS A CG  1 
ATOM   219  C  CD  . LYS A 1 40  ? -7.144  -7.981  -12.652 1.00 35.17 ? 28  LYS A CD  1 
ATOM   220  C  CE  . LYS A 1 40  ? -7.420  -7.452  -14.081 1.00 39.09 ? 28  LYS A CE  1 
ATOM   221  N  NZ  . LYS A 1 40  ? -6.252  -7.671  -15.023 1.00 38.81 ? 28  LYS A NZ  1 
ATOM   222  N  N   . ARG A 1 41  ? -10.607 -7.413  -7.834  1.00 20.27 ? 29  ARG A N   1 
ATOM   223  C  CA  . ARG A 1 41  ? -10.745 -7.936  -6.480  1.00 21.02 ? 29  ARG A CA  1 
ATOM   224  C  C   . ARG A 1 41  ? -9.969  -9.200  -6.137  1.00 21.71 ? 29  ARG A C   1 
ATOM   225  O  O   . ARG A 1 41  ? -9.446  -9.312  -5.038  1.00 19.87 ? 29  ARG A O   1 
ATOM   226  C  CB  . ARG A 1 41  ? -12.233 -8.145  -6.146  1.00 19.50 ? 29  ARG A CB  1 
ATOM   227  C  CG  . ARG A 1 41  ? -12.556 -8.082  -4.637  1.00 19.38 ? 29  ARG A CG  1 
ATOM   228  C  CD  . ARG A 1 41  ? -14.058 -8.226  -4.442  1.00 20.59 ? 29  ARG A CD  1 
ATOM   229  N  NE  . ARG A 1 41  ? -14.495 -7.786  -3.122  1.00 21.94 ? 29  ARG A NE  1 
ATOM   230  C  CZ  . ARG A 1 41  ? -14.358 -8.492  -2.013  1.00 24.90 ? 29  ARG A CZ  1 
ATOM   231  N  NH1 . ARG A 1 41  ? -13.784 -9.699  -2.044  1.00 25.50 ? 29  ARG A NH1 1 
ATOM   232  N  NH2 . ARG A 1 41  ? -14.816 -7.995  -0.879  1.00 25.66 ? 29  ARG A NH2 1 
ATOM   233  N  N   . GLU A 1 42  ? -9.886  -10.142 -7.076  1.00 22.70 ? 30  GLU A N   1 
ATOM   234  C  CA  . GLU A 1 42  ? -9.183  -11.394 -6.829  1.00 24.81 ? 30  GLU A CA  1 
ATOM   235  C  C   . GLU A 1 42  ? -7.727  -11.215 -6.382  1.00 23.09 ? 30  GLU A C   1 
ATOM   236  O  O   . GLU A 1 42  ? -7.195  -12.069 -5.667  1.00 22.27 ? 30  GLU A O   1 
ATOM   237  C  CB  . GLU A 1 42  ? -9.216  -12.269 -8.096  1.00 31.25 ? 30  GLU A CB  1 
ATOM   238  C  CG  . GLU A 1 42  ? -8.496  -11.633 -9.287  1.00 44.64 ? 30  GLU A CG  1 
ATOM   239  C  CD  . GLU A 1 42  ? -8.455  -12.522 -10.527 1.00 52.52 ? 30  GLU A CD  1 
ATOM   240  O  OE1 . GLU A 1 42  ? -8.176  -13.738 -10.398 1.00 57.85 ? 30  GLU A OE1 1 
ATOM   241  O  OE2 . GLU A 1 42  ? -8.683  -11.991 -11.637 1.00 58.07 ? 30  GLU A OE2 1 
ATOM   242  N  N   . LYS A 1 43  ? -7.076  -10.141 -6.831  1.00 21.24 ? 31  LYS A N   1 
ATOM   243  C  CA  . LYS A 1 43  ? -5.668  -9.878  -6.482  1.00 21.84 ? 31  LYS A CA  1 
ATOM   244  C  C   . LYS A 1 43  ? -5.405  -9.677  -4.984  1.00 20.27 ? 31  LYS A C   1 
ATOM   245  O  O   . LYS A 1 43  ? -4.259  -9.865  -4.515  1.00 20.88 ? 31  LYS A O   1 
ATOM   246  C  CB  . LYS A 1 43  ? -5.138  -8.635  -7.225  1.00 22.77 ? 31  LYS A CB  1 
ATOM   247  C  CG  . LYS A 1 43  ? -4.971  -8.765  -8.763  1.00 27.38 ? 31  LYS A CG  1 
ATOM   248  C  CD  . LYS A 1 43  ? -4.022  -9.913  -9.106  1.00 31.98 ? 31  LYS A CD  1 
ATOM   249  C  CE  . LYS A 1 43  ? -3.652  -9.947  -10.590 1.00 37.39 ? 31  LYS A CE  1 
ATOM   250  N  NZ  . LYS A 1 43  ? -4.799  -9.528  -11.416 1.00 39.07 ? 31  LYS A NZ  1 
ATOM   251  N  N   . ILE A 1 44  ? -6.443  -9.301  -4.232  1.00 18.23 ? 32  ILE A N   1 
ATOM   252  C  CA  . ILE A 1 44  ? -6.299  -9.048  -2.790  1.00 19.03 ? 32  ILE A CA  1 
ATOM   253  C  C   . ILE A 1 44  ? -7.160  -9.972  -1.924  1.00 20.58 ? 32  ILE A C   1 
ATOM   254  O  O   . ILE A 1 44  ? -7.246  -9.815  -0.692  1.00 18.83 ? 32  ILE A O   1 
ATOM   255  C  CB  . ILE A 1 44  ? -6.639  -7.563  -2.453  1.00 17.84 ? 32  ILE A CB  1 
ATOM   256  C  CG1 . ILE A 1 44  ? -8.060  -7.214  -2.954  1.00 19.12 ? 32  ILE A CG1 1 
ATOM   257  C  CG2 . ILE A 1 44  ? -5.602  -6.639  -3.154  1.00 17.98 ? 32  ILE A CG2 1 
ATOM   258  C  CD1 . ILE A 1 44  ? -8.623  -5.871  -2.372  1.00 18.77 ? 32  ILE A CD1 1 
ATOM   259  N  N   . GLU A 1 45  ? -7.814  -10.930 -2.574  1.00 22.52 ? 33  GLU A N   1 
ATOM   260  C  CA  . GLU A 1 45  ? -8.643  -11.883 -1.841  1.00 23.85 ? 33  GLU A CA  1 
ATOM   261  C  C   . GLU A 1 45  ? -7.716  -12.916 -1.223  1.00 26.31 ? 33  GLU A C   1 
ATOM   262  O  O   . GLU A 1 45  ? -6.487  -12.865 -1.427  1.00 22.13 ? 33  GLU A O   1 
ATOM   263  C  CB  . GLU A 1 45  ? -9.675  -12.535 -2.782  1.00 24.53 ? 33  GLU A CB  1 
ATOM   264  C  CG  . GLU A 1 45  ? -10.927 -11.675 -2.911  1.00 23.81 ? 33  GLU A CG  1 
ATOM   265  C  CD  . GLU A 1 45  ? -11.855 -12.052 -4.079  1.00 24.77 ? 33  GLU A CD  1 
ATOM   266  O  OE1 . GLU A 1 45  ? -11.536 -12.926 -4.916  1.00 25.85 ? 33  GLU A OE1 1 
ATOM   267  O  OE2 . GLU A 1 45  ? -12.910 -11.414 -4.162  1.00 25.45 ? 33  GLU A OE2 1 
ATOM   268  N  N   . ASP A 1 46  ? -8.299  -13.832 -0.459  1.00 28.79 ? 34  ASP A N   1 
ATOM   269  C  CA  . ASP A 1 46  ? -7.543  -14.869 0.237   1.00 34.01 ? 34  ASP A CA  1 
ATOM   270  C  C   . ASP A 1 46  ? -6.284  -15.419 -0.428  1.00 34.41 ? 34  ASP A C   1 
ATOM   271  O  O   . ASP A 1 46  ? -5.240  -15.490 0.205   1.00 35.85 ? 34  ASP A O   1 
ATOM   272  C  CB  . ASP A 1 46  ? -8.468  -16.028 0.627   1.00 38.13 ? 34  ASP A CB  1 
ATOM   273  C  CG  . ASP A 1 46  ? -9.330  -15.704 1.837   1.00 42.65 ? 34  ASP A CG  1 
ATOM   274  O  OD1 . ASP A 1 46  ? -9.349  -14.540 2.280   1.00 45.64 ? 34  ASP A OD1 1 
ATOM   275  O  OD2 . ASP A 1 46  ? -10.002 -16.617 2.353   1.00 47.80 ? 34  ASP A OD2 1 
ATOM   276  N  N   . ASN A 1 47  ? -6.325  -15.822 -1.681  1.00 35.28 ? 35  ASN A N   1 
ATOM   277  C  CA  . ASN A 1 47  ? -5.052  -16.321 -2.188  1.00 37.48 ? 35  ASN A CA  1 
ATOM   278  C  C   . ASN A 1 47  ? -4.368  -15.414 -3.212  1.00 34.63 ? 35  ASN A C   1 
ATOM   279  O  O   . ASN A 1 47  ? -3.433  -15.827 -3.891  1.00 35.63 ? 35  ASN A O   1 
ATOM   280  C  CB  . ASN A 1 47  ? -5.219  -17.752 -2.725  1.00 41.55 ? 35  ASN A CB  1 
ATOM   281  C  CG  . ASN A 1 47  ? -5.792  -18.701 -1.669  1.00 45.87 ? 35  ASN A CG  1 
ATOM   282  O  OD1 . ASN A 1 47  ? -6.965  -19.094 -1.742  1.00 48.62 ? 35  ASN A OD1 1 
ATOM   283  N  ND2 . ASN A 1 47  ? -4.976  -19.050 -0.670  1.00 46.43 ? 35  ASN A ND2 1 
ATOM   284  N  N   . GLY A 1 48  ? -4.810  -14.161 -3.288  1.00 30.28 ? 36  GLY A N   1 
ATOM   285  C  CA  . GLY A 1 48  ? -4.199  -13.243 -4.227  1.00 26.03 ? 36  GLY A CA  1 
ATOM   286  C  C   . GLY A 1 48  ? -2.782  -12.867 -3.843  1.00 22.95 ? 36  GLY A C   1 
ATOM   287  O  O   . GLY A 1 48  ? -2.447  -12.796 -2.669  1.00 21.22 ? 36  GLY A O   1 
ATOM   288  N  N   . ASN A 1 49  ? -1.961  -12.606 -4.848  1.00 21.68 ? 37  ASN A N   1 
ATOM   289  C  CA  . ASN A 1 49  ? -0.559  -12.247 -4.656  1.00 22.96 ? 37  ASN A CA  1 
ATOM   290  C  C   . ASN A 1 49  ? -0.366  -10.872 -4.068  1.00 22.43 ? 37  ASN A C   1 
ATOM   291  O  O   . ASN A 1 49  ? 0.736   -10.551 -3.634  1.00 23.13 ? 37  ASN A O   1 
ATOM   292  C  CB  . ASN A 1 49  ? 0.173   -12.325 -6.000  1.00 24.86 ? 37  ASN A CB  1 
ATOM   293  C  CG  . ASN A 1 49  ? 0.400   -13.753 -6.435  1.00 29.00 ? 37  ASN A CG  1 
ATOM   294  O  OD1 . ASN A 1 49  ? 0.589   -14.043 -7.622  1.00 32.30 ? 37  ASN A OD1 1 
ATOM   295  N  ND2 . ASN A 1 49  ? 0.387   -14.663 -5.468  1.00 27.74 ? 37  ASN A ND2 1 
ATOM   296  N  N   . PHE A 1 50  ? -1.431  -10.063 -4.064  1.00 19.94 ? 38  PHE A N   1 
ATOM   297  C  CA  . PHE A 1 50  ? -1.330  -8.713  -3.533  1.00 20.50 ? 38  PHE A CA  1 
ATOM   298  C  C   . PHE A 1 50  ? -1.970  -8.499  -2.171  1.00 19.24 ? 38  PHE A C   1 
ATOM   299  O  O   . PHE A 1 50  ? -2.127  -7.358  -1.715  1.00 17.56 ? 38  PHE A O   1 
ATOM   300  C  CB  . PHE A 1 50  ? -1.840  -7.702  -4.553  1.00 21.15 ? 38  PHE A CB  1 
ATOM   301  C  CG  . PHE A 1 50  ? -0.971  -7.634  -5.783  1.00 22.80 ? 38  PHE A CG  1 
ATOM   302  C  CD1 . PHE A 1 50  ? -0.997  -8.661  -6.726  1.00 23.37 ? 38  PHE A CD1 1 
ATOM   303  C  CD2 . PHE A 1 50  ? -0.088  -6.589  -5.965  1.00 22.55 ? 38  PHE A CD2 1 
ATOM   304  C  CE1 . PHE A 1 50  ? -0.161  -8.649  -7.816  1.00 22.74 ? 38  PHE A CE1 1 
ATOM   305  C  CE2 . PHE A 1 50  ? 0.758   -6.559  -7.059  1.00 24.38 ? 38  PHE A CE2 1 
ATOM   306  C  CZ  . PHE A 1 50  ? 0.722   -7.595  -7.988  1.00 24.01 ? 38  PHE A CZ  1 
ATOM   307  N  N   . ARG A 1 51  ? -2.325  -9.601  -1.520  1.00 18.08 ? 39  ARG A N   1 
ATOM   308  C  CA  . ARG A 1 51  ? -2.873  -9.510  -0.171  1.00 20.25 ? 39  ARG A CA  1 
ATOM   309  C  C   . ARG A 1 51  ? -1.623  -9.551  0.717   1.00 20.18 ? 39  ARG A C   1 
ATOM   310  O  O   . ARG A 1 51  ? -1.309  -10.555 1.368   1.00 20.32 ? 39  ARG A O   1 
ATOM   311  C  CB  . ARG A 1 51  ? -3.816  -10.685 0.130   1.00 21.97 ? 39  ARG A CB  1 
ATOM   312  C  CG  . ARG A 1 51  ? -4.207  -10.735 1.613   1.00 24.38 ? 39  ARG A CG  1 
ATOM   313  C  CD  . ARG A 1 51  ? -5.180  -11.859 1.949   1.00 29.80 ? 39  ARG A CD  1 
ATOM   314  N  NE  . ARG A 1 51  ? -6.488  -11.429 1.514   1.00 35.18 ? 39  ARG A NE  1 
ATOM   315  C  CZ  . ARG A 1 51  ? -7.598  -11.486 2.232   1.00 34.63 ? 39  ARG A CZ  1 
ATOM   316  N  NH1 . ARG A 1 51  ? -7.584  -11.982 3.461   1.00 35.46 ? 39  ARG A NH1 1 
ATOM   317  N  NH2 . ARG A 1 51  ? -8.714  -10.995 1.712   1.00 34.10 ? 39  ARG A NH2 1 
ATOM   318  N  N   . LEU A 1 52  ? -0.887  -8.449  0.716   1.00 19.52 ? 40  LEU A N   1 
ATOM   319  C  CA  . LEU A 1 52  ? 0.356   -8.366  1.471   1.00 20.25 ? 40  LEU A CA  1 
ATOM   320  C  C   . LEU A 1 52  ? 0.240   -7.531  2.753   1.00 20.87 ? 40  LEU A C   1 
ATOM   321  O  O   . LEU A 1 52  ? -0.252  -6.408  2.730   1.00 19.18 ? 40  LEU A O   1 
ATOM   322  C  CB  . LEU A 1 52  ? 1.450   -7.777  0.571   1.00 23.41 ? 40  LEU A CB  1 
ATOM   323  C  CG  . LEU A 1 52  ? 1.778   -8.548  -0.723  1.00 26.84 ? 40  LEU A CG  1 
ATOM   324  C  CD1 . LEU A 1 52  ? 2.879   -7.837  -1.493  1.00 27.52 ? 40  LEU A CD1 1 
ATOM   325  C  CD2 . LEU A 1 52  ? 2.207   -9.963  -0.386  1.00 27.12 ? 40  LEU A CD2 1 
ATOM   326  N  N   . PHE A 1 53  ? 0.717   -8.090  3.860   1.00 20.95 ? 41  PHE A N   1 
ATOM   327  C  CA  . PHE A 1 53  ? 0.688   -7.424  5.161   1.00 19.96 ? 41  PHE A CA  1 
ATOM   328  C  C   . PHE A 1 53  ? 2.010   -6.691  5.406   1.00 18.41 ? 41  PHE A C   1 
ATOM   329  O  O   . PHE A 1 53  ? 3.038   -7.292  5.672   1.00 17.93 ? 41  PHE A O   1 
ATOM   330  C  CB  . PHE A 1 53  ? 0.406   -8.467  6.255   1.00 21.69 ? 41  PHE A CB  1 
ATOM   331  C  CG  . PHE A 1 53  ? -0.937  -9.151  6.085   1.00 22.85 ? 41  PHE A CG  1 
ATOM   332  C  CD1 . PHE A 1 53  ? -1.056  -10.292 5.299   1.00 23.88 ? 41  PHE A CD1 1 
ATOM   333  C  CD2 . PHE A 1 53  ? -2.095  -8.577  6.610   1.00 23.96 ? 41  PHE A CD2 1 
ATOM   334  C  CE1 . PHE A 1 53  ? -2.308  -10.853 5.029   1.00 25.27 ? 41  PHE A CE1 1 
ATOM   335  C  CE2 . PHE A 1 53  ? -3.352  -9.130  6.346   1.00 25.06 ? 41  PHE A CE2 1 
ATOM   336  C  CZ  . PHE A 1 53  ? -3.456  -10.265 5.554   1.00 25.25 ? 41  PHE A CZ  1 
ATOM   337  N  N   . LEU A 1 54  ? 1.971   -5.379  5.262   1.00 16.55 ? 42  LEU A N   1 
ATOM   338  C  CA  . LEU A 1 54  ? 3.144   -4.557  5.438   1.00 17.45 ? 42  LEU A CA  1 
ATOM   339  C  C   . LEU A 1 54  ? 3.567   -4.600  6.901   1.00 17.76 ? 42  LEU A C   1 
ATOM   340  O  O   . LEU A 1 54  ? 2.720   -4.687  7.798   1.00 18.92 ? 42  LEU A O   1 
ATOM   341  C  CB  . LEU A 1 54  ? 2.825   -3.096  5.032   1.00 18.71 ? 42  LEU A CB  1 
ATOM   342  C  CG  . LEU A 1 54  ? 4.059   -2.179  4.984   1.00 16.08 ? 42  LEU A CG  1 
ATOM   343  C  CD1 . LEU A 1 54  ? 5.041   -2.757  3.927   1.00 18.73 ? 42  LEU A CD1 1 
ATOM   344  C  CD2 . LEU A 1 54  ? 3.681   -0.719  4.597   1.00 18.21 ? 42  LEU A CD2 1 
ATOM   345  N  N   . GLU A 1 55  ? 4.876   -4.530  7.128   1.00 19.50 ? 43  GLU A N   1 
ATOM   346  C  CA  . GLU A 1 55  ? 5.423   -4.550  8.477   1.00 21.29 ? 43  GLU A CA  1 
ATOM   347  C  C   . GLU A 1 55  ? 6.297   -3.320  8.701   1.00 20.80 ? 43  GLU A C   1 
ATOM   348  O  O   . GLU A 1 55  ? 6.296   -2.725  9.786   1.00 18.74 ? 43  GLU A O   1 
ATOM   349  C  CB  . GLU A 1 55  ? 6.229   -5.833  8.685   1.00 23.21 ? 43  GLU A CB  1 
ATOM   350  C  CG  . GLU A 1 55  ? 5.376   -7.098  8.560   1.00 28.15 ? 43  GLU A CG  1 
ATOM   351  C  CD  . GLU A 1 55  ? 6.224   -8.380  8.570   1.00 31.94 ? 43  GLU A CD  1 
ATOM   352  O  OE1 . GLU A 1 55  ? 7.447   -8.274  8.809   1.00 33.69 ? 43  GLU A OE1 1 
ATOM   353  O  OE2 . GLU A 1 55  ? 5.672   -9.487  8.342   1.00 33.63 ? 43  GLU A OE2 1 
ATOM   354  N  N   . GLN A 1 56  ? 7.065   -2.969  7.679   1.00 20.96 ? 44  GLN A N   1 
ATOM   355  C  CA  . GLN A 1 56  ? 7.881   -1.778  7.731   1.00 23.29 ? 44  GLN A CA  1 
ATOM   356  C  C   . GLN A 1 56  ? 8.390   -1.264  6.417   1.00 21.65 ? 44  GLN A C   1 
ATOM   357  O  O   . GLN A 1 56  ? 8.445   -1.982  5.413   1.00 19.91 ? 44  GLN A O   1 
ATOM   358  C  CB  . GLN A 1 56  ? 9.065   -1.959  8.665   1.00 30.31 ? 44  GLN A CB  1 
ATOM   359  C  CG  . GLN A 1 56  ? 9.886   -3.154  8.436   1.00 39.49 ? 44  GLN A CG  1 
ATOM   360  C  CD  . GLN A 1 56  ? 10.827  -3.362  9.587   1.00 46.90 ? 44  GLN A CD  1 
ATOM   361  O  OE1 . GLN A 1 56  ? 11.675  -2.515  9.865   1.00 50.93 ? 44  GLN A OE1 1 
ATOM   362  N  NE2 . GLN A 1 56  ? 10.672  -4.482  10.287  1.00 51.31 ? 44  GLN A NE2 1 
ATOM   363  N  N   . ILE A 1 57  ? 8.748   0.008   6.447   1.00 19.41 ? 45  ILE A N   1 
ATOM   364  C  CA  . ILE A 1 57  ? 9.306   0.702   5.310   1.00 20.90 ? 45  ILE A CA  1 
ATOM   365  C  C   . ILE A 1 57  ? 10.668  1.254   5.740   1.00 23.86 ? 45  ILE A C   1 
ATOM   366  O  O   . ILE A 1 57  ? 10.754  2.011   6.710   1.00 23.59 ? 45  ILE A O   1 
ATOM   367  C  CB  . ILE A 1 57  ? 8.461   1.889   4.886   1.00 18.84 ? 45  ILE A CB  1 
ATOM   368  C  CG1 . ILE A 1 57  ? 7.047   1.410   4.466   1.00 18.38 ? 45  ILE A CG1 1 
ATOM   369  C  CG2 . ILE A 1 57  ? 9.173   2.623   3.686   1.00 17.00 ? 45  ILE A CG2 1 
ATOM   370  C  CD1 . ILE A 1 57  ? 6.167   2.580   3.862   1.00 18.99 ? 45  ILE A CD1 1 
ATOM   371  N  N   . HIS A 1 58  ? 11.729  0.853   5.043   1.00 25.91 ? 46  HIS A N   1 
ATOM   372  C  CA  . HIS A 1 58  ? 13.061  1.367   5.353   1.00 28.68 ? 46  HIS A CA  1 
ATOM   373  C  C   . HIS A 1 58  ? 13.427  2.346   4.257   1.00 27.33 ? 46  HIS A C   1 
ATOM   374  O  O   . HIS A 1 58  ? 13.623  1.966   3.099   1.00 26.84 ? 46  HIS A O   1 
ATOM   375  C  CB  . HIS A 1 58  ? 14.063  0.213   5.432   1.00 34.65 ? 46  HIS A CB  1 
ATOM   376  C  CG  . HIS A 1 58  ? 13.862  -0.664  6.628   1.00 43.96 ? 46  HIS A CG  1 
ATOM   377  N  ND1 . HIS A 1 58  ? 14.287  -0.309  7.891   1.00 48.28 ? 46  HIS A ND1 1 
ATOM   378  C  CD2 . HIS A 1 58  ? 13.255  -1.869  6.761   1.00 47.87 ? 46  HIS A CD2 1 
ATOM   379  C  CE1 . HIS A 1 58  ? 13.954  -1.257  8.749   1.00 50.38 ? 46  HIS A CE1 1 
ATOM   380  N  NE2 . HIS A 1 58  ? 13.325  -2.215  8.088   1.00 49.60 ? 46  HIS A NE2 1 
ATOM   381  N  N   . VAL A 1 59  ? 13.480  3.623   4.613   1.00 25.96 ? 47  VAL A N   1 
ATOM   382  C  CA  . VAL A 1 59  ? 13.774  4.645   3.649   1.00 24.70 ? 47  VAL A CA  1 
ATOM   383  C  C   . VAL A 1 59  ? 15.264  4.777   3.402   1.00 27.24 ? 47  VAL A C   1 
ATOM   384  O  O   . VAL A 1 59  ? 16.052  4.988   4.330   1.00 26.68 ? 47  VAL A O   1 
ATOM   385  C  CB  . VAL A 1 59  ? 13.198  6.016   4.109   1.00 23.38 ? 47  VAL A CB  1 
ATOM   386  C  CG1 . VAL A 1 59  ? 13.571  7.107   3.099   1.00 24.57 ? 47  VAL A CG1 1 
ATOM   387  C  CG2 . VAL A 1 59  ? 11.643  5.917   4.230   1.00 19.77 ? 47  VAL A CG2 1 
ATOM   388  N  N   . LEU A 1 60  ? 15.645  4.622   2.144   1.00 28.35 ? 48  LEU A N   1 
ATOM   389  C  CA  . LEU A 1 60  ? 17.038  4.765   1.747   1.00 31.24 ? 48  LEU A CA  1 
ATOM   390  C  C   . LEU A 1 60  ? 17.168  5.985   0.869   1.00 31.63 ? 48  LEU A C   1 
ATOM   391  O  O   . LEU A 1 60  ? 16.184  6.674   0.595   1.00 31.40 ? 48  LEU A O   1 
ATOM   392  C  CB  . LEU A 1 60  ? 17.515  3.525   0.987   1.00 30.52 ? 48  LEU A CB  1 
ATOM   393  C  CG  . LEU A 1 60  ? 17.511  2.286   1.868   1.00 31.77 ? 48  LEU A CG  1 
ATOM   394  C  CD1 . LEU A 1 60  ? 18.062  1.107   1.088   1.00 34.26 ? 48  LEU A CD1 1 
ATOM   395  C  CD2 . LEU A 1 60  ? 18.372  2.537   3.111   1.00 34.39 ? 48  LEU A CD2 1 
ATOM   396  N  N   . GLU A 1 61  ? 18.390  6.231   0.405   1.00 35.13 ? 49  GLU A N   1 
ATOM   397  C  CA  . GLU A 1 61  ? 18.693  7.382   -0.441  1.00 37.08 ? 49  GLU A CA  1 
ATOM   398  C  C   . GLU A 1 61  ? 17.825  7.375   -1.693  1.00 36.53 ? 49  GLU A C   1 
ATOM   399  O  O   . GLU A 1 61  ? 17.113  8.332   -1.977  1.00 35.72 ? 49  GLU A O   1 
ATOM   400  C  CB  . GLU A 1 61  ? 20.170  7.350   -0.867  1.00 41.35 ? 49  GLU A CB  1 
ATOM   401  C  CG  . GLU A 1 61  ? 20.997  8.619   -0.586  1.00 49.32 ? 49  GLU A CG  1 
ATOM   402  C  CD  . GLU A 1 61  ? 22.426  8.534   -1.173  1.00 52.99 ? 49  GLU A CD  1 
ATOM   403  O  OE1 . GLU A 1 61  ? 23.389  9.094   -0.577  1.00 54.68 ? 49  GLU A OE1 1 
ATOM   404  O  OE2 . GLU A 1 61  ? 22.570  7.904   -2.243  1.00 55.07 ? 49  GLU A OE2 1 
ATOM   405  N  N   . LYS A 1 62  ? 17.882  6.287   -2.449  1.00 36.15 ? 50  LYS A N   1 
ATOM   406  C  CA  . LYS A 1 62  ? 17.123  6.245   -3.685  1.00 36.52 ? 50  LYS A CA  1 
ATOM   407  C  C   . LYS A 1 62  ? 16.107  5.141   -3.780  1.00 34.30 ? 50  LYS A C   1 
ATOM   408  O  O   . LYS A 1 62  ? 15.717  4.740   -4.881  1.00 33.30 ? 50  LYS A O   1 
ATOM   409  C  CB  . LYS A 1 62  ? 18.082  6.155   -4.879  1.00 40.95 ? 50  LYS A CB  1 
ATOM   410  C  CG  . LYS A 1 62  ? 18.728  7.487   -5.206  1.00 45.66 ? 50  LYS A CG  1 
ATOM   411  C  CD  . LYS A 1 62  ? 19.493  7.446   -6.508  1.00 50.63 ? 50  LYS A CD  1 
ATOM   412  C  CE  . LYS A 1 62  ? 19.974  8.843   -6.870  1.00 53.33 ? 50  LYS A CE  1 
ATOM   413  N  NZ  . LYS A 1 62  ? 20.929  8.831   -8.014  1.00 55.38 ? 50  LYS A NZ  1 
ATOM   414  N  N   . SER A 1 63  ? 15.654  4.645   -2.640  1.00 31.11 ? 51  SER A N   1 
ATOM   415  C  CA  . SER A 1 63  ? 14.697  3.573   -2.703  1.00 28.68 ? 51  SER A CA  1 
ATOM   416  C  C   . SER A 1 63  ? 14.030  3.341   -1.377  1.00 27.39 ? 51  SER A C   1 
ATOM   417  O  O   . SER A 1 63  ? 14.339  4.020   -0.389  1.00 26.73 ? 51  SER A O   1 
ATOM   418  C  CB  . SER A 1 63  ? 15.410  2.308   -3.156  1.00 27.80 ? 51  SER A CB  1 
ATOM   419  O  OG  . SER A 1 63  ? 16.372  1.946   -2.192  1.00 26.21 ? 51  SER A OG  1 
ATOM   420  N  N   . LEU A 1 64  ? 13.096  2.394   -1.368  1.00 25.77 ? 52  LEU A N   1 
ATOM   421  C  CA  . LEU A 1 64  ? 12.388  2.033   -0.149  1.00 24.63 ? 52  LEU A CA  1 
ATOM   422  C  C   . LEU A 1 64  ? 12.458  0.528   -0.036  1.00 24.07 ? 52  LEU A C   1 
ATOM   423  O  O   . LEU A 1 64  ? 12.168  -0.192  -1.006  1.00 24.51 ? 52  LEU A O   1 
ATOM   424  C  CB  . LEU A 1 64  ? 10.902  2.433   -0.217  1.00 22.98 ? 52  LEU A CB  1 
ATOM   425  C  CG  . LEU A 1 64  ? 10.519  3.870   -0.553  1.00 24.54 ? 52  LEU A CG  1 
ATOM   426  C  CD1 . LEU A 1 64  ? 9.004   3.974   -0.630  1.00 26.13 ? 52  LEU A CD1 1 
ATOM   427  C  CD2 . LEU A 1 64  ? 11.071  4.828   0.534   1.00 23.13 ? 52  LEU A CD2 1 
ATOM   428  N  N   . VAL A 1 65  ? 12.827  0.034   1.137   1.00 22.00 ? 53  VAL A N   1 
ATOM   429  C  CA  . VAL A 1 65  ? 12.848  -1.407  1.316   1.00 23.20 ? 53  VAL A CA  1 
ATOM   430  C  C   . VAL A 1 65  ? 11.556  -1.759  2.031   1.00 22.91 ? 53  VAL A C   1 
ATOM   431  O  O   . VAL A 1 65  ? 11.336  -1.323  3.158   1.00 21.30 ? 53  VAL A O   1 
ATOM   432  C  CB  . VAL A 1 65  ? 14.011  -1.883  2.165   1.00 23.67 ? 53  VAL A CB  1 
ATOM   433  C  CG1 . VAL A 1 65  ? 13.890  -3.382  2.383   1.00 25.28 ? 53  VAL A CG1 1 
ATOM   434  C  CG2 . VAL A 1 65  ? 15.326  -1.538  1.472   1.00 26.17 ? 53  VAL A CG2 1 
ATOM   435  N  N   . LEU A 1 66  ? 10.703  -2.548  1.379   1.00 22.15 ? 54  LEU A N   1 
ATOM   436  C  CA  . LEU A 1 66  ? 9.425   -2.899  1.989   1.00 22.72 ? 54  LEU A CA  1 
ATOM   437  C  C   . LEU A 1 66  ? 9.455   -4.306  2.519   1.00 22.97 ? 54  LEU A C   1 
ATOM   438  O  O   . LEU A 1 66  ? 9.871   -5.220  1.812   1.00 20.11 ? 54  LEU A O   1 
ATOM   439  C  CB  . LEU A 1 66  ? 8.307   -2.768  0.958   1.00 24.01 ? 54  LEU A CB  1 
ATOM   440  C  CG  . LEU A 1 66  ? 8.267   -1.436  0.197   1.00 24.28 ? 54  LEU A CG  1 
ATOM   441  C  CD1 . LEU A 1 66  ? 7.266   -1.512  -0.955  1.00 26.08 ? 54  LEU A CD1 1 
ATOM   442  C  CD2 . LEU A 1 66  ? 7.899   -0.330  1.152   1.00 23.56 ? 54  LEU A CD2 1 
ATOM   443  N  N   . LYS A 1 67  ? 9.025   -4.480  3.767   1.00 23.75 ? 55  LYS A N   1 
ATOM   444  C  CA  . LYS A 1 67  ? 8.993   -5.809  4.380   1.00 25.28 ? 55  LYS A CA  1 
ATOM   445  C  C   . LYS A 1 67  ? 7.558   -6.174  4.675   1.00 23.91 ? 55  LYS A C   1 
ATOM   446  O  O   . LYS A 1 67  ? 6.871   -5.466  5.410   1.00 22.98 ? 55  LYS A O   1 
ATOM   447  C  CB  . LYS A 1 67  ? 9.847   -5.823  5.654   1.00 29.44 ? 55  LYS A CB  1 
ATOM   448  C  CG  . LYS A 1 67  ? 11.290  -5.446  5.320   1.00 39.17 ? 55  LYS A CG  1 
ATOM   449  C  CD  . LYS A 1 67  ? 12.273  -5.702  6.453   1.00 46.10 ? 55  LYS A CD  1 
ATOM   450  C  CE  . LYS A 1 67  ? 13.711  -5.525  5.963   1.00 50.95 ? 55  LYS A CE  1 
ATOM   451  N  NZ  . LYS A 1 67  ? 14.697  -5.628  7.085   1.00 54.44 ? 55  LYS A NZ  1 
ATOM   452  N  N   . PHE A 1 68  ? 7.118   -7.278  4.078   1.00 22.33 ? 56  PHE A N   1 
ATOM   453  C  CA  . PHE A 1 68  ? 5.757   -7.770  4.188   1.00 23.62 ? 56  PHE A CA  1 
ATOM   454  C  C   . PHE A 1 68  ? 5.749   -9.219  4.645   1.00 25.53 ? 56  PHE A C   1 
ATOM   455  O  O   . PHE A 1 68  ? 6.789   -9.873  4.768   1.00 25.31 ? 56  PHE A O   1 
ATOM   456  C  CB  . PHE A 1 68  ? 5.045   -7.858  2.817   1.00 20.94 ? 56  PHE A CB  1 
ATOM   457  C  CG  . PHE A 1 68  ? 4.927   -6.564  2.044   1.00 21.63 ? 56  PHE A CG  1 
ATOM   458  C  CD1 . PHE A 1 68  ? 5.900   -6.198  1.115   1.00 19.41 ? 56  PHE A CD1 1 
ATOM   459  C  CD2 . PHE A 1 68  ? 3.790   -5.766  2.168   1.00 19.77 ? 56  PHE A CD2 1 
ATOM   460  C  CE1 . PHE A 1 68  ? 5.731   -5.058  0.321   1.00 20.48 ? 56  PHE A CE1 1 
ATOM   461  C  CE2 . PHE A 1 68  ? 3.622   -4.622  1.369   1.00 21.36 ? 56  PHE A CE2 1 
ATOM   462  C  CZ  . PHE A 1 68  ? 4.589   -4.273  0.450   1.00 17.75 ? 56  PHE A CZ  1 
ATOM   463  N  N   . HIS A 1 69  ? 4.544   -9.710  4.908   1.00 26.50 ? 57  HIS A N   1 
ATOM   464  C  CA  . HIS A 1 69  ? 4.372   -11.137 5.135   1.00 28.10 ? 57  HIS A CA  1 
ATOM   465  C  C   . HIS A 1 69  ? 3.083   -11.498 4.391   1.00 28.74 ? 57  HIS A C   1 
ATOM   466  O  O   . HIS A 1 69  ? 2.216   -10.636 4.161   1.00 26.27 ? 57  HIS A O   1 
ATOM   467  C  CB  . HIS A 1 69  ? 4.337   -11.536 6.633   1.00 26.66 ? 57  HIS A CB  1 
ATOM   468  C  CG  . HIS A 1 69  ? 3.123   -11.093 7.386   1.00 27.91 ? 57  HIS A CG  1 
ATOM   469  N  ND1 . HIS A 1 69  ? 3.164   -10.090 8.330   1.00 26.98 ? 57  HIS A ND1 1 
ATOM   470  C  CD2 . HIS A 1 69  ? 1.856   -11.572 7.400   1.00 28.61 ? 57  HIS A CD2 1 
ATOM   471  C  CE1 . HIS A 1 69  ? 1.977   -9.975  8.900   1.00 26.64 ? 57  HIS A CE1 1 
ATOM   472  N  NE2 . HIS A 1 69  ? 1.167   -10.864 8.354   1.00 30.25 ? 57  HIS A NE2 1 
ATOM   473  N  N   . THR A 1 70  ? 2.997   -12.742 3.931   1.00 32.57 ? 58  THR A N   1 
ATOM   474  C  CA  . THR A 1 70  ? 1.788   -13.225 3.276   1.00 36.58 ? 58  THR A CA  1 
ATOM   475  C  C   . THR A 1 70  ? 1.249   -14.335 4.160   1.00 37.96 ? 58  THR A C   1 
ATOM   476  O  O   . THR A 1 70  ? 1.908   -14.767 5.101   1.00 37.30 ? 58  THR A O   1 
ATOM   477  C  CB  . THR A 1 70  ? 2.053   -13.831 1.892   1.00 37.78 ? 58  THR A CB  1 
ATOM   478  O  OG1 . THR A 1 70  ? 3.111   -14.788 1.987   1.00 39.70 ? 58  THR A OG1 1 
ATOM   479  C  CG2 . THR A 1 70  ? 2.411   -12.770 0.911   1.00 40.33 ? 58  THR A CG2 1 
ATOM   480  N  N   . VAL A 1 71  ? 0.043   -14.786 3.862   1.00 41.56 ? 59  VAL A N   1 
ATOM   481  C  CA  . VAL A 1 71  ? -0.575  -15.849 4.632   1.00 45.73 ? 59  VAL A CA  1 
ATOM   482  C  C   . VAL A 1 71  ? -1.208  -16.886 3.706   1.00 50.30 ? 59  VAL A C   1 
ATOM   483  O  O   . VAL A 1 71  ? -1.822  -16.554 2.685   1.00 49.97 ? 59  VAL A O   1 
ATOM   484  C  CB  . VAL A 1 71  ? -1.662  -15.310 5.576   1.00 44.59 ? 59  VAL A CB  1 
ATOM   485  C  CG1 . VAL A 1 71  ? -2.157  -16.442 6.479   1.00 44.67 ? 59  VAL A CG1 1 
ATOM   486  C  CG2 . VAL A 1 71  ? -1.123  -14.156 6.409   1.00 43.07 ? 59  VAL A CG2 1 
ATOM   487  N  N   . ARG A 1 72  ? -1.039  -18.148 4.069   1.00 55.52 ? 60  ARG A N   1 
ATOM   488  C  CA  . ARG A 1 72  ? -1.586  -19.258 3.309   1.00 61.66 ? 60  ARG A CA  1 
ATOM   489  C  C   . ARG A 1 72  ? -1.843  -20.382 4.297   1.00 63.97 ? 60  ARG A C   1 
ATOM   490  O  O   . ARG A 1 72  ? -0.943  -20.799 5.032   1.00 64.17 ? 60  ARG A O   1 
ATOM   491  C  CB  . ARG A 1 72  ? -0.604  -19.702 2.217   1.00 64.20 ? 60  ARG A CB  1 
ATOM   492  C  CG  . ARG A 1 72  ? 0.868   -19.766 2.635   1.00 68.92 ? 60  ARG A CG  1 
ATOM   493  C  CD  . ARG A 1 72  ? 1.194   -20.952 3.556   1.00 72.88 ? 60  ARG A CD  1 
ATOM   494  N  NE  . ARG A 1 72  ? 0.723   -22.233 3.025   1.00 75.96 ? 60  ARG A NE  1 
ATOM   495  C  CZ  . ARG A 1 72  ? 0.955   -23.415 3.590   1.00 77.14 ? 60  ARG A CZ  1 
ATOM   496  N  NH1 . ARG A 1 72  ? 1.657   -23.490 4.712   1.00 77.56 ? 60  ARG A NH1 1 
ATOM   497  N  NH2 . ARG A 1 72  ? 0.483   -24.524 3.033   1.00 78.00 ? 60  ARG A NH2 1 
ATOM   498  N  N   . ASP A 1 73  ? -3.079  -20.857 4.344   1.00 66.36 ? 61  ASP A N   1 
ATOM   499  C  CA  . ASP A 1 73  ? -3.396  -21.922 5.280   1.00 68.58 ? 61  ASP A CA  1 
ATOM   500  C  C   . ASP A 1 73  ? -2.856  -21.492 6.641   1.00 68.12 ? 61  ASP A C   1 
ATOM   501  O  O   . ASP A 1 73  ? -2.023  -22.172 7.237   1.00 68.29 ? 61  ASP A O   1 
ATOM   502  C  CB  . ASP A 1 73  ? -2.735  -23.229 4.833   1.00 71.81 ? 61  ASP A CB  1 
ATOM   503  C  CG  . ASP A 1 73  ? -3.171  -23.655 3.441   1.00 74.42 ? 61  ASP A CG  1 
ATOM   504  O  OD1 . ASP A 1 73  ? -3.065  -22.838 2.503   1.00 76.30 ? 61  ASP A OD1 1 
ATOM   505  O  OD2 . ASP A 1 73  ? -3.618  -24.809 3.281   1.00 76.97 ? 61  ASP A OD2 1 
ATOM   506  N  N   . GLU A 1 74  ? -3.322  -20.330 7.094   1.00 67.51 ? 62  GLU A N   1 
ATOM   507  C  CA  . GLU A 1 74  ? -2.946  -19.746 8.379   1.00 66.45 ? 62  GLU A CA  1 
ATOM   508  C  C   . GLU A 1 74  ? -1.449  -19.704 8.701   1.00 64.36 ? 62  GLU A C   1 
ATOM   509  O  O   . GLU A 1 74  ? -1.058  -19.605 9.864   1.00 64.43 ? 62  GLU A O   1 
ATOM   510  C  CB  . GLU A 1 74  ? -3.726  -20.452 9.495   1.00 68.51 ? 62  GLU A CB  1 
ATOM   511  C  CG  . GLU A 1 74  ? -5.237  -20.209 9.388   1.00 71.55 ? 62  GLU A CG  1 
ATOM   512  C  CD  . GLU A 1 74  ? -6.062  -21.035 10.363  1.00 73.22 ? 62  GLU A CD  1 
ATOM   513  O  OE1 . GLU A 1 74  ? -5.863  -20.893 11.591  1.00 74.85 ? 62  GLU A OE1 1 
ATOM   514  O  OE2 . GLU A 1 74  ? -6.918  -21.820 9.896   1.00 73.38 ? 62  GLU A OE2 1 
ATOM   515  N  N   . GLU A 1 75  ? -0.611  -19.757 7.672   1.00 61.79 ? 63  GLU A N   1 
ATOM   516  C  CA  . GLU A 1 75  ? 0.827   -19.705 7.874   1.00 59.20 ? 63  GLU A CA  1 
ATOM   517  C  C   . GLU A 1 75  ? 1.462   -18.464 7.238   1.00 55.36 ? 63  GLU A C   1 
ATOM   518  O  O   . GLU A 1 75  ? 1.383   -18.253 6.028   1.00 53.50 ? 63  GLU A O   1 
ATOM   519  C  CB  . GLU A 1 75  ? 1.486   -20.971 7.317   1.00 63.71 ? 63  GLU A CB  1 
ATOM   520  C  CG  . GLU A 1 75  ? 3.011   -20.916 7.314   1.00 70.58 ? 63  GLU A CG  1 
ATOM   521  C  CD  . GLU A 1 75  ? 3.661   -22.267 7.041   1.00 75.04 ? 63  GLU A CD  1 
ATOM   522  O  OE1 . GLU A 1 75  ? 3.717   -23.103 7.976   1.00 77.28 ? 63  GLU A OE1 1 
ATOM   523  O  OE2 . GLU A 1 75  ? 4.112   -22.490 5.889   1.00 78.10 ? 63  GLU A OE2 1 
ATOM   524  N  N   . CYS A 1 76  ? 2.097   -17.650 8.072   1.00 51.62 ? 64  CYS A N   1 
ATOM   525  C  CA  . CYS A 1 76  ? 2.760   -16.441 7.610   1.00 49.27 ? 64  CYS A CA  1 
ATOM   526  C  C   . CYS A 1 76  ? 4.090   -16.736 6.933   1.00 46.97 ? 64  CYS A C   1 
ATOM   527  O  O   . CYS A 1 76  ? 4.805   -17.654 7.316   1.00 45.89 ? 64  CYS A O   1 
ATOM   528  C  CB  . CYS A 1 76  ? 2.986   -15.483 8.788   1.00 50.32 ? 64  CYS A CB  1 
ATOM   529  S  SG  . CYS A 1 76  ? 1.459   -14.643 9.323   1.00 53.10 ? 64  CYS A SG  1 
ATOM   530  N  N   . SER A 1 77  ? 4.414   -15.950 5.915   1.00 45.57 ? 65  SER A N   1 
ATOM   531  C  CA  . SER A 1 77  ? 5.666   -16.111 5.191   1.00 44.14 ? 65  SER A CA  1 
ATOM   532  C  C   . SER A 1 77  ? 6.220   -14.717 4.894   1.00 42.45 ? 65  SER A C   1 
ATOM   533  O  O   . SER A 1 77  ? 5.519   -13.865 4.351   1.00 41.74 ? 65  SER A O   1 
ATOM   534  C  CB  . SER A 1 77  ? 5.421   -16.890 3.898   1.00 45.43 ? 65  SER A CB  1 
ATOM   535  O  OG  . SER A 1 77  ? 6.622   -17.061 3.182   1.00 49.31 ? 65  SER A OG  1 
ATOM   536  N  N   . GLU A 1 78  ? 7.477   -14.487 5.256   1.00 40.47 ? 66  GLU A N   1 
ATOM   537  C  CA  . GLU A 1 78  ? 8.094   -13.190 5.054   1.00 39.58 ? 66  GLU A CA  1 
ATOM   538  C  C   . GLU A 1 78  ? 8.542   -12.887 3.625   1.00 37.92 ? 66  GLU A C   1 
ATOM   539  O  O   . GLU A 1 78  ? 8.898   -13.782 2.860   1.00 36.39 ? 66  GLU A O   1 
ATOM   540  C  CB  . GLU A 1 78  ? 9.304   -13.048 5.981   1.00 42.32 ? 66  GLU A CB  1 
ATOM   541  C  CG  . GLU A 1 78  ? 8.968   -12.936 7.467   1.00 47.42 ? 66  GLU A CG  1 
ATOM   542  C  CD  . GLU A 1 78  ? 8.118   -11.712 7.778   1.00 50.51 ? 66  GLU A CD  1 
ATOM   543  O  OE1 . GLU A 1 78  ? 6.977   -11.663 7.290   1.00 52.50 ? 66  GLU A OE1 1 
ATOM   544  O  OE2 . GLU A 1 78  ? 8.586   -10.801 8.503   1.00 52.42 ? 66  GLU A OE2 1 
ATOM   545  N  N   . LEU A 1 79  ? 8.509   -11.610 3.257   1.00 35.59 ? 67  LEU A N   1 
ATOM   546  C  CA  . LEU A 1 79  ? 9.003   -11.226 1.945   1.00 34.28 ? 67  LEU A CA  1 
ATOM   547  C  C   . LEU A 1 79  ? 9.375   -9.760  1.914   1.00 33.21 ? 67  LEU A C   1 
ATOM   548  O  O   . LEU A 1 79  ? 8.679   -8.911  2.476   1.00 33.22 ? 67  LEU A O   1 
ATOM   549  C  CB  . LEU A 1 79  ? 8.005   -11.552 0.838   1.00 35.17 ? 67  LEU A CB  1 
ATOM   550  C  CG  . LEU A 1 79  ? 6.687   -10.816 0.743   1.00 36.33 ? 67  LEU A CG  1 
ATOM   551  C  CD1 . LEU A 1 79  ? 6.271   -10.744 -0.714  1.00 36.90 ? 67  LEU A CD1 1 
ATOM   552  C  CD2 . LEU A 1 79  ? 5.646   -11.513 1.604   1.00 37.07 ? 67  LEU A CD2 1 
ATOM   553  N  N   . SER A 1 80  ? 10.505  -9.481  1.275   1.00 31.64 ? 68  SER A N   1 
ATOM   554  C  CA  . SER A 1 80  ? 11.048  -8.137  1.158   1.00 30.88 ? 68  SER A CA  1 
ATOM   555  C  C   . SER A 1 80  ? 11.112  -7.730  -0.279  1.00 28.29 ? 68  SER A C   1 
ATOM   556  O  O   . SER A 1 80  ? 11.281  -8.561  -1.152  1.00 27.32 ? 68  SER A O   1 
ATOM   557  C  CB  . SER A 1 80  ? 12.462  -8.059  1.744   1.00 31.81 ? 68  SER A CB  1 
ATOM   558  O  OG  . SER A 1 80  ? 12.393  -7.973  3.148   1.00 40.39 ? 68  SER A OG  1 
ATOM   559  N  N   . MET A 1 81  ? 11.019  -6.433  -0.507  1.00 27.03 ? 69  MET A N   1 
ATOM   560  C  CA  . MET A 1 81  ? 11.034  -5.888  -1.857  1.00 27.13 ? 69  MET A CA  1 
ATOM   561  C  C   . MET A 1 81  ? 11.723  -4.574  -1.810  1.00 25.39 ? 69  MET A C   1 
ATOM   562  O  O   . MET A 1 81  ? 11.620  -3.868  -0.815  1.00 24.62 ? 69  MET A O   1 
ATOM   563  C  CB  . MET A 1 81  ? 9.625   -5.561  -2.327  1.00 29.02 ? 69  MET A CB  1 
ATOM   564  C  CG  . MET A 1 81  ? 8.861   -6.644  -2.915  1.00 30.64 ? 69  MET A CG  1 
ATOM   565  S  SD  . MET A 1 81  ? 7.255   -5.912  -3.214  1.00 31.66 ? 69  MET A SD  1 
ATOM   566  C  CE  . MET A 1 81  ? 6.338   -7.169  -2.568  1.00 26.08 ? 69  MET A CE  1 
ATOM   567  N  N   . VAL A 1 82  ? 12.342  -4.203  -2.920  1.00 24.49 ? 70  VAL A N   1 
ATOM   568  C  CA  . VAL A 1 82  ? 13.016  -2.935  -2.996  1.00 24.47 ? 70  VAL A CA  1 
ATOM   569  C  C   . VAL A 1 82  ? 12.299  -2.086  -4.032  1.00 23.77 ? 70  VAL A C   1 
ATOM   570  O  O   . VAL A 1 82  ? 12.195  -2.477  -5.183  1.00 25.40 ? 70  VAL A O   1 
ATOM   571  C  CB  . VAL A 1 82  ? 14.493  -3.141  -3.392  1.00 25.72 ? 70  VAL A CB  1 
ATOM   572  C  CG1 . VAL A 1 82  ? 15.247  -1.860  -3.273  1.00 26.04 ? 70  VAL A CG1 1 
ATOM   573  C  CG2 . VAL A 1 82  ? 15.114  -4.187  -2.489  1.00 27.76 ? 70  VAL A CG2 1 
ATOM   574  N  N   . ALA A 1 83  ? 11.787  -0.928  -3.637  1.00 21.70 ? 71  ALA A N   1 
ATOM   575  C  CA  . ALA A 1 83  ? 11.105  -0.090  -4.602  1.00 22.07 ? 71  ALA A CA  1 
ATOM   576  C  C   . ALA A 1 83  ? 12.030  1.064   -4.914  1.00 23.82 ? 71  ALA A C   1 
ATOM   577  O  O   . ALA A 1 83  ? 12.440  1.818   -4.018  1.00 25.17 ? 71  ALA A O   1 
ATOM   578  C  CB  . ALA A 1 83  ? 9.759   0.398   -4.035  1.00 21.06 ? 71  ALA A CB  1 
ATOM   579  N  N   . ASP A 1 84  ? 12.375  1.193   -6.185  1.00 24.32 ? 72  ASP A N   1 
ATOM   580  C  CA  . ASP A 1 84  ? 13.282  2.238   -6.625  1.00 26.94 ? 72  ASP A CA  1 
ATOM   581  C  C   . ASP A 1 84  ? 12.556  3.498   -7.055  1.00 27.17 ? 72  ASP A C   1 
ATOM   582  O  O   . ASP A 1 84  ? 11.451  3.445   -7.599  1.00 27.02 ? 72  ASP A O   1 
ATOM   583  C  CB  . ASP A 1 84  ? 14.130  1.740   -7.807  1.00 29.79 ? 72  ASP A CB  1 
ATOM   584  C  CG  . ASP A 1 84  ? 15.124  0.666   -7.403  1.00 34.80 ? 72  ASP A CG  1 
ATOM   585  O  OD1 . ASP A 1 84  ? 15.881  0.883   -6.432  1.00 38.29 ? 72  ASP A OD1 1 
ATOM   586  O  OD2 . ASP A 1 84  ? 15.158  -0.389  -8.058  1.00 38.55 ? 72  ASP A OD2 1 
ATOM   587  N  N   . LYS A 1 85  ? 13.182  4.637   -6.802  1.00 28.07 ? 73  LYS A N   1 
ATOM   588  C  CA  . LYS A 1 85  ? 12.610  5.901   -7.217  1.00 31.25 ? 73  LYS A CA  1 
ATOM   589  C  C   . LYS A 1 85  ? 12.666  5.886   -8.742  1.00 31.45 ? 73  LYS A C   1 
ATOM   590  O  O   . LYS A 1 85  ? 13.564  5.281   -9.328  1.00 29.55 ? 73  LYS A O   1 
ATOM   591  C  CB  . LYS A 1 85  ? 13.440  7.062   -6.671  1.00 35.75 ? 73  LYS A CB  1 
ATOM   592  C  CG  . LYS A 1 85  ? 13.622  7.007   -5.156  1.00 40.90 ? 73  LYS A CG  1 
ATOM   593  C  CD  . LYS A 1 85  ? 14.333  8.243   -4.597  1.00 45.73 ? 73  LYS A CD  1 
ATOM   594  C  CE  . LYS A 1 85  ? 13.584  9.512   -4.977  1.00 50.37 ? 73  LYS A CE  1 
ATOM   595  N  NZ  . LYS A 1 85  ? 12.091  9.292   -5.077  1.00 53.81 ? 73  LYS A NZ  1 
ATOM   596  N  N   . THR A 1 86  ? 11.679  6.495   -9.383  1.00 31.30 ? 74  THR A N   1 
ATOM   597  C  CA  . THR A 1 86  ? 11.664  6.564   -10.833 1.00 32.34 ? 74  THR A CA  1 
ATOM   598  C  C   . THR A 1 86  ? 11.935  8.015   -11.170 1.00 34.02 ? 74  THR A C   1 
ATOM   599  O  O   . THR A 1 86  ? 12.241  8.827   -10.288 1.00 32.63 ? 74  THR A O   1 
ATOM   600  C  CB  . THR A 1 86  ? 10.287  6.193   -11.434 1.00 31.09 ? 74  THR A CB  1 
ATOM   601  O  OG1 . THR A 1 86  ? 9.344   7.239   -11.162 1.00 31.68 ? 74  THR A OG1 1 
ATOM   602  C  CG2 . THR A 1 86  ? 9.778   4.869   -10.857 1.00 32.68 ? 74  THR A CG2 1 
ATOM   603  N  N   . GLU A 1 87  ? 11.787  8.348   -12.445 1.00 37.26 ? 75  GLU A N   1 
ATOM   604  C  CA  . GLU A 1 87  ? 11.988  9.716   -12.906 1.00 40.38 ? 75  GLU A CA  1 
ATOM   605  C  C   . GLU A 1 87  ? 10.916  10.681  -12.405 1.00 40.08 ? 75  GLU A C   1 
ATOM   606  O  O   . GLU A 1 87  ? 11.110  11.899  -12.446 1.00 39.84 ? 75  GLU A O   1 
ATOM   607  C  CB  . GLU A 1 87  ? 12.049  9.746   -14.435 1.00 42.95 ? 75  GLU A CB  1 
ATOM   608  C  CG  . GLU A 1 87  ? 13.330  9.170   -14.974 1.00 49.11 ? 75  GLU A CG  1 
ATOM   609  C  CD  . GLU A 1 87  ? 13.293  8.987   -16.473 1.00 53.29 ? 75  GLU A CD  1 
ATOM   610  O  OE1 . GLU A 1 87  ? 13.359  7.816   -16.921 1.00 54.48 ? 75  GLU A OE1 1 
ATOM   611  O  OE2 . GLU A 1 87  ? 13.193  10.013  -17.195 1.00 55.59 ? 75  GLU A OE2 1 
ATOM   612  N  N   . LYS A 1 88  ? 9.786   10.156  -11.936 1.00 40.09 ? 76  LYS A N   1 
ATOM   613  C  CA  . LYS A 1 88  ? 8.733   11.033  -11.408 1.00 40.41 ? 76  LYS A CA  1 
ATOM   614  C  C   . LYS A 1 88  ? 8.939   11.149  -9.912  1.00 38.12 ? 76  LYS A C   1 
ATOM   615  O  O   . LYS A 1 88  ? 9.038   10.136  -9.226  1.00 37.81 ? 76  LYS A O   1 
ATOM   616  C  CB  . LYS A 1 88  ? 7.350   10.445  -11.628 1.00 44.00 ? 76  LYS A CB  1 
ATOM   617  C  CG  . LYS A 1 88  ? 7.165   9.808   -12.957 1.00 48.53 ? 76  LYS A CG  1 
ATOM   618  C  CD  . LYS A 1 88  ? 5.727   9.392   -13.143 1.00 52.70 ? 76  LYS A CD  1 
ATOM   619  C  CE  . LYS A 1 88  ? 5.466   9.162   -14.608 1.00 54.65 ? 76  LYS A CE  1 
ATOM   620  N  NZ  . LYS A 1 88  ? 6.416   8.164   -15.173 1.00 56.30 ? 76  LYS A NZ  1 
ATOM   621  N  N   . ALA A 1 89  ? 8.996   12.376  -9.405  1.00 36.11 ? 77  ALA A N   1 
ATOM   622  C  CA  . ALA A 1 89  ? 9.187   12.592  -7.979  1.00 33.49 ? 77  ALA A CA  1 
ATOM   623  C  C   . ALA A 1 89  ? 7.987   12.010  -7.232  1.00 31.48 ? 77  ALA A C   1 
ATOM   624  O  O   . ALA A 1 89  ? 6.832   12.189  -7.630  1.00 30.18 ? 77  ALA A O   1 
ATOM   625  C  CB  . ALA A 1 89  ? 9.331   14.088  -7.677  1.00 35.08 ? 77  ALA A CB  1 
ATOM   626  N  N   . GLY A 1 90  ? 8.272   11.302  -6.148  1.00 29.57 ? 78  GLY A N   1 
ATOM   627  C  CA  . GLY A 1 90  ? 7.204   10.702  -5.386  1.00 26.67 ? 78  GLY A CA  1 
ATOM   628  C  C   . GLY A 1 90  ? 6.777   9.360   -5.952  1.00 25.67 ? 78  GLY A C   1 
ATOM   629  O  O   . GLY A 1 90  ? 5.933   8.717   -5.344  1.00 24.29 ? 78  GLY A O   1 
ATOM   630  N  N   . GLU A 1 91  ? 7.344   8.929   -7.090  1.00 23.43 ? 79  GLU A N   1 
ATOM   631  C  CA  . GLU A 1 91  ? 6.942   7.645   -7.651  1.00 23.93 ? 79  GLU A CA  1 
ATOM   632  C  C   . GLU A 1 91  ? 8.018   6.573   -7.531  1.00 23.56 ? 79  GLU A C   1 
ATOM   633  O  O   . GLU A 1 91  ? 9.195   6.835   -7.770  1.00 23.62 ? 79  GLU A O   1 
ATOM   634  C  CB  . GLU A 1 91  ? 6.526   7.784   -9.121  1.00 24.87 ? 79  GLU A CB  1 
ATOM   635  C  CG  . GLU A 1 91  ? 5.980   6.488   -9.717  1.00 28.69 ? 79  GLU A CG  1 
ATOM   636  C  CD  . GLU A 1 91  ? 5.583   6.639   -11.177 1.00 33.32 ? 79  GLU A CD  1 
ATOM   637  O  OE1 . GLU A 1 91  ? 4.367   6.704   -11.463 1.00 34.48 ? 79  GLU A OE1 1 
ATOM   638  O  OE2 . GLU A 1 91  ? 6.498   6.706   -12.032 1.00 34.74 ? 79  GLU A OE2 1 
ATOM   639  N  N   . TYR A 1 92  ? 7.595   5.363   -7.188  1.00 22.20 ? 80  TYR A N   1 
ATOM   640  C  CA  . TYR A 1 92  ? 8.509   4.240   -7.033  1.00 21.65 ? 80  TYR A CA  1 
ATOM   641  C  C   . TYR A 1 92  ? 8.081   3.080   -7.887  1.00 21.63 ? 80  TYR A C   1 
ATOM   642  O  O   . TYR A 1 92  ? 6.889   2.909   -8.178  1.00 21.04 ? 80  TYR A O   1 
ATOM   643  C  CB  . TYR A 1 92  ? 8.543   3.768   -5.578  1.00 22.35 ? 80  TYR A CB  1 
ATOM   644  C  CG  . TYR A 1 92  ? 9.065   4.811   -4.656  1.00 25.70 ? 80  TYR A CG  1 
ATOM   645  C  CD1 . TYR A 1 92  ? 8.243   5.847   -4.212  1.00 26.42 ? 80  TYR A CD1 1 
ATOM   646  C  CD2 . TYR A 1 92  ? 10.404  4.802   -4.263  1.00 28.36 ? 80  TYR A CD2 1 
ATOM   647  C  CE1 . TYR A 1 92  ? 8.747   6.860   -3.396  1.00 30.41 ? 80  TYR A CE1 1 
ATOM   648  C  CE2 . TYR A 1 92  ? 10.914  5.804   -3.443  1.00 31.28 ? 80  TYR A CE2 1 
ATOM   649  C  CZ  . TYR A 1 92  ? 10.071  6.828   -3.019  1.00 30.95 ? 80  TYR A CZ  1 
ATOM   650  O  OH  . TYR A 1 92  ? 10.555  7.825   -2.211  1.00 36.09 ? 80  TYR A OH  1 
ATOM   651  N  N   . SER A 1 93  ? 9.041   2.246   -8.255  1.00 21.42 ? 81  SER A N   1 
ATOM   652  C  CA  . SER A 1 93  ? 8.697   1.091   -9.059  1.00 22.03 ? 81  SER A CA  1 
ATOM   653  C  C   . SER A 1 93  ? 9.266   -0.157  -8.404  1.00 22.29 ? 81  SER A C   1 
ATOM   654  O  O   . SER A 1 93  ? 10.227  -0.094  -7.641  1.00 21.07 ? 81  SER A O   1 
ATOM   655  C  CB  . SER A 1 93  ? 9.234   1.246   -10.487 1.00 22.63 ? 81  SER A CB  1 
ATOM   656  O  OG  . SER A 1 93  ? 10.639  1.121   -10.505 1.00 24.74 ? 81  SER A OG  1 
ATOM   657  N  N   . VAL A 1 94  ? 8.642   -1.292  -8.664  1.00 22.60 ? 82  VAL A N   1 
ATOM   658  C  CA  . VAL A 1 94  ? 9.144   -2.530  -8.111  1.00 24.21 ? 82  VAL A CA  1 
ATOM   659  C  C   . VAL A 1 94  ? 8.616   -3.692  -8.911  1.00 23.61 ? 82  VAL A C   1 
ATOM   660  O  O   . VAL A 1 94  ? 7.456   -3.714  -9.331  1.00 22.71 ? 82  VAL A O   1 
ATOM   661  C  CB  . VAL A 1 94  ? 8.768   -2.724  -6.605  1.00 26.56 ? 82  VAL A CB  1 
ATOM   662  C  CG1 . VAL A 1 94  ? 7.266   -2.755  -6.432  1.00 27.70 ? 82  VAL A CG1 1 
ATOM   663  C  CG2 . VAL A 1 94  ? 9.361   -4.044  -6.107  1.00 27.27 ? 82  VAL A CG2 1 
ATOM   664  N  N   . THR A 1 95  ? 9.493   -4.653  -9.159  1.00 23.47 ? 83  THR A N   1 
ATOM   665  C  CA  . THR A 1 95  ? 9.086   -5.834  -9.889  1.00 23.07 ? 83  THR A CA  1 
ATOM   666  C  C   . THR A 1 95  ? 8.514   -6.849  -8.909  1.00 23.17 ? 83  THR A C   1 
ATOM   667  O  O   . THR A 1 95  ? 9.151   -7.216  -7.918  1.00 22.83 ? 83  THR A O   1 
ATOM   668  C  CB  . THR A 1 95  ? 10.280  -6.402  -10.669 1.00 23.47 ? 83  THR A CB  1 
ATOM   669  O  OG1 . THR A 1 95  ? 10.640  -5.440  -11.660 1.00 23.83 ? 83  THR A OG1 1 
ATOM   670  C  CG2 . THR A 1 95  ? 9.924   -7.725  -11.367 1.00 22.54 ? 83  THR A CG2 1 
ATOM   671  N  N   . TYR A 1 96  ? 7.291   -7.290  -9.180  1.00 21.97 ? 84  TYR A N   1 
ATOM   672  C  CA  . TYR A 1 96  ? 6.623   -8.244  -8.310  1.00 21.39 ? 84  TYR A CA  1 
ATOM   673  C  C   . TYR A 1 96  ? 5.319   -8.654  -8.994  1.00 22.22 ? 84  TYR A C   1 
ATOM   674  O  O   . TYR A 1 96  ? 4.411   -7.830  -9.164  1.00 22.06 ? 84  TYR A O   1 
ATOM   675  C  CB  . TYR A 1 96  ? 6.333   -7.608  -6.941  1.00 21.06 ? 84  TYR A CB  1 
ATOM   676  C  CG  . TYR A 1 96  ? 5.532   -8.545  -6.066  1.00 20.61 ? 84  TYR A CG  1 
ATOM   677  C  CD1 . TYR A 1 96  ? 6.135   -9.660  -5.451  1.00 22.05 ? 84  TYR A CD1 1 
ATOM   678  C  CD2 . TYR A 1 96  ? 4.149   -8.386  -5.940  1.00 19.10 ? 84  TYR A CD2 1 
ATOM   679  C  CE1 . TYR A 1 96  ? 5.370   -10.589 -4.741  1.00 22.03 ? 84  TYR A CE1 1 
ATOM   680  C  CE2 . TYR A 1 96  ? 3.388   -9.284  -5.242  1.00 20.05 ? 84  TYR A CE2 1 
ATOM   681  C  CZ  . TYR A 1 96  ? 3.987   -10.385 -4.642  1.00 22.95 ? 84  TYR A CZ  1 
ATOM   682  O  OH  . TYR A 1 96  ? 3.195   -11.251 -3.928  1.00 22.28 ? 84  TYR A OH  1 
ATOM   683  N  N   . ASP A 1 97  ? 5.237   -9.921  -9.393  1.00 22.81 ? 85  ASP A N   1 
ATOM   684  C  CA  . ASP A 1 97  ? 4.080   -10.435 -10.111 1.00 22.57 ? 85  ASP A CA  1 
ATOM   685  C  C   . ASP A 1 97  ? 3.730   -9.428  -11.219 1.00 21.72 ? 85  ASP A C   1 
ATOM   686  O  O   . ASP A 1 97  ? 2.572   -9.026  -11.394 1.00 21.03 ? 85  ASP A O   1 
ATOM   687  C  CB  . ASP A 1 97  ? 2.897   -10.649 -9.167  1.00 25.44 ? 85  ASP A CB  1 
ATOM   688  C  CG  . ASP A 1 97  ? 1.824   -11.513 -9.799  1.00 27.15 ? 85  ASP A CG  1 
ATOM   689  O  OD1 . ASP A 1 97  ? 2.196   -12.328 -10.668 1.00 26.06 ? 85  ASP A OD1 1 
ATOM   690  O  OD2 . ASP A 1 97  ? 0.632   -11.389 -9.445  1.00 30.08 ? 85  ASP A OD2 1 
ATOM   691  N  N   . GLY A 1 98  ? 4.763   -9.039  -11.961 1.00 21.24 ? 86  GLY A N   1 
ATOM   692  C  CA  . GLY A 1 98  ? 4.631   -8.070  -13.034 1.00 21.15 ? 86  GLY A CA  1 
ATOM   693  C  C   . GLY A 1 98  ? 5.377   -6.795  -12.646 1.00 21.47 ? 86  GLY A C   1 
ATOM   694  O  O   . GLY A 1 98  ? 6.139   -6.794  -11.675 1.00 21.39 ? 86  GLY A O   1 
ATOM   695  N  N   . PHE A 1 99  ? 5.165   -5.717  -13.403 1.00 20.06 ? 87  PHE A N   1 
ATOM   696  C  CA  . PHE A 1 99  ? 5.822   -4.428  -13.150 1.00 19.15 ? 87  PHE A CA  1 
ATOM   697  C  C   . PHE A 1 99  ? 4.838   -3.478  -12.440 1.00 18.67 ? 87  PHE A C   1 
ATOM   698  O  O   . PHE A 1 99  ? 3.712   -3.258  -12.913 1.00 19.09 ? 87  PHE A O   1 
ATOM   699  C  CB  . PHE A 1 99  ? 6.267   -3.814  -14.483 1.00 19.05 ? 87  PHE A CB  1 
ATOM   700  C  CG  . PHE A 1 99  ? 6.851   -2.420  -14.361 1.00 19.96 ? 87  PHE A CG  1 
ATOM   701  C  CD1 . PHE A 1 99  ? 8.080   -2.212  -13.737 1.00 22.98 ? 87  PHE A CD1 1 
ATOM   702  C  CD2 . PHE A 1 99  ? 6.153   -1.312  -14.859 1.00 20.56 ? 87  PHE A CD2 1 
ATOM   703  C  CE1 . PHE A 1 99  ? 8.608   -0.905  -13.606 1.00 22.32 ? 87  PHE A CE1 1 
ATOM   704  C  CE2 . PHE A 1 99  ? 6.678   -0.010  -14.730 1.00 22.95 ? 87  PHE A CE2 1 
ATOM   705  C  CZ  . PHE A 1 99  ? 7.910   0.182   -14.099 1.00 20.20 ? 87  PHE A CZ  1 
ATOM   706  N  N   . ASN A 1 100 ? 5.273   -2.909  -11.323 1.00 16.37 ? 88  ASN A N   1 
ATOM   707  C  CA  . ASN A 1 100 ? 4.442   -2.012  -10.523 1.00 17.20 ? 88  ASN A CA  1 
ATOM   708  C  C   . ASN A 1 100 ? 5.066   -0.631  -10.315 1.00 17.16 ? 88  ASN A C   1 
ATOM   709  O  O   . ASN A 1 100 ? 6.299   -0.510  -10.148 1.00 17.43 ? 88  ASN A O   1 
ATOM   710  C  CB  . ASN A 1 100 ? 4.260   -2.550  -9.083  1.00 15.63 ? 88  ASN A CB  1 
ATOM   711  C  CG  . ASN A 1 100 ? 3.849   -3.998  -9.023  1.00 19.44 ? 88  ASN A CG  1 
ATOM   712  O  OD1 . ASN A 1 100 ? 2.669   -4.310  -9.104  1.00 19.41 ? 88  ASN A OD1 1 
ATOM   713  N  ND2 . ASN A 1 100 ? 4.834   -4.904  -8.877  1.00 19.13 ? 88  ASN A ND2 1 
ATOM   714  N  N   . THR A 1 101 ? 4.227   0.406   -10.304 1.00 18.07 ? 89  THR A N   1 
ATOM   715  C  CA  . THR A 1 101 ? 4.694   1.739   -9.922  1.00 17.27 ? 89  THR A CA  1 
ATOM   716  C  C   . THR A 1 101 ? 3.666   2.209   -8.881  1.00 17.62 ? 89  THR A C   1 
ATOM   717  O  O   . THR A 1 101 ? 2.495   1.820   -8.935  1.00 16.95 ? 89  THR A O   1 
ATOM   718  C  CB  . THR A 1 101 ? 4.688   2.768   -11.043 1.00 20.52 ? 89  THR A CB  1 
ATOM   719  O  OG1 . THR A 1 101 ? 3.353   2.904   -11.520 1.00 24.64 ? 89  THR A OG1 1 
ATOM   720  C  CG2 . THR A 1 101 ? 5.656   2.366   -12.190 1.00 19.37 ? 89  THR A CG2 1 
ATOM   721  N  N   . PHE A 1 102 ? 4.091   3.015   -7.912  1.00 15.70 ? 90  PHE A N   1 
ATOM   722  C  CA  . PHE A 1 102 ? 3.143   3.507   -6.933  1.00 15.93 ? 90  PHE A CA  1 
ATOM   723  C  C   . PHE A 1 102 ? 3.562   4.875   -6.401  1.00 16.38 ? 90  PHE A C   1 
ATOM   724  O  O   . PHE A 1 102 ? 4.729   5.272   -6.518  1.00 16.12 ? 90  PHE A O   1 
ATOM   725  C  CB  . PHE A 1 102 ? 2.945   2.498   -5.749  1.00 16.24 ? 90  PHE A CB  1 
ATOM   726  C  CG  . PHE A 1 102 ? 4.171   2.307   -4.871  1.00 15.42 ? 90  PHE A CG  1 
ATOM   727  C  CD1 . PHE A 1 102 ? 5.019   1.211   -5.052  1.00 15.45 ? 90  PHE A CD1 1 
ATOM   728  C  CD2 . PHE A 1 102 ? 4.472   3.216   -3.861  1.00 17.64 ? 90  PHE A CD2 1 
ATOM   729  C  CE1 . PHE A 1 102 ? 6.140   1.026   -4.242  1.00 16.82 ? 90  PHE A CE1 1 
ATOM   730  C  CE2 . PHE A 1 102 ? 5.601   3.039   -3.040  1.00 15.94 ? 90  PHE A CE2 1 
ATOM   731  C  CZ  . PHE A 1 102 ? 6.432   1.933   -3.240  1.00 18.95 ? 90  PHE A CZ  1 
ATOM   732  N  N   . THR A 1 103 ? 2.584   5.601   -5.860  1.00 16.48 ? 91  THR A N   1 
ATOM   733  C  CA  . THR A 1 103 ? 2.814   6.904   -5.237  1.00 17.51 ? 91  THR A CA  1 
ATOM   734  C  C   . THR A 1 103 ? 2.020   6.832   -3.926  1.00 17.40 ? 91  THR A C   1 
ATOM   735  O  O   . THR A 1 103 ? 1.290   5.866   -3.671  1.00 17.17 ? 91  THR A O   1 
ATOM   736  C  CB  . THR A 1 103 ? 2.232   8.069   -6.041  1.00 16.90 ? 91  THR A CB  1 
ATOM   737  O  OG1 . THR A 1 103 ? 0.836   7.795   -6.274  1.00 17.54 ? 91  THR A OG1 1 
ATOM   738  C  CG2 . THR A 1 103 ? 2.988   8.241   -7.418  1.00 18.74 ? 91  THR A CG2 1 
ATOM   739  N  N   . ILE A 1 104 ? 2.183   7.854   -3.102  1.00 16.44 ? 92  ILE A N   1 
ATOM   740  C  CA  . ILE A 1 104 ? 1.470   7.941   -1.841  1.00 16.39 ? 92  ILE A CA  1 
ATOM   741  C  C   . ILE A 1 104 ? 0.604   9.203   -1.974  1.00 15.95 ? 92  ILE A C   1 
ATOM   742  O  O   . ILE A 1 104 ? 1.025   10.302  -1.641  1.00 17.13 ? 92  ILE A O   1 
ATOM   743  C  CB  . ILE A 1 104 ? 2.495   8.057   -0.687  1.00 18.75 ? 92  ILE A CB  1 
ATOM   744  C  CG1 . ILE A 1 104 ? 3.381   6.786   -0.672  1.00 19.58 ? 92  ILE A CG1 1 
ATOM   745  C  CG2 . ILE A 1 104 ? 1.786   8.237   0.625   1.00 17.36 ? 92  ILE A CG2 1 
ATOM   746  C  CD1 . ILE A 1 104 ? 4.606   6.850   0.254   1.00 19.07 ? 92  ILE A CD1 1 
ATOM   747  N  N   . PRO A 1 105 ? -0.640  9.062   -2.461  1.00 17.02 ? 93  PRO A N   1 
ATOM   748  C  CA  . PRO A 1 105 ? -1.417  10.311  -2.584  1.00 17.11 ? 93  PRO A CA  1 
ATOM   749  C  C   . PRO A 1 105 ? -1.717  11.018  -1.273  1.00 18.65 ? 93  PRO A C   1 
ATOM   750  O  O   . PRO A 1 105 ? -1.994  12.226  -1.257  1.00 15.62 ? 93  PRO A O   1 
ATOM   751  C  CB  . PRO A 1 105 ? -2.688  9.871   -3.331  1.00 17.79 ? 93  PRO A CB  1 
ATOM   752  C  CG  . PRO A 1 105 ? -2.791  8.374   -3.034  1.00 18.65 ? 93  PRO A CG  1 
ATOM   753  C  CD  . PRO A 1 105 ? -1.348  7.909   -3.045  1.00 16.72 ? 93  PRO A CD  1 
ATOM   754  N  N   . LYS A 1 106 ? -1.676  10.287  -0.162  1.00 18.46 ? 94  LYS A N   1 
ATOM   755  C  CA  . LYS A 1 106 ? -1.957  10.952  1.094   1.00 20.71 ? 94  LYS A CA  1 
ATOM   756  C  C   . LYS A 1 106 ? -1.396  10.254  2.324   1.00 19.76 ? 94  LYS A C   1 
ATOM   757  O  O   . LYS A 1 106 ? -1.587  9.049   2.513   1.00 18.69 ? 94  LYS A O   1 
ATOM   758  C  CB  . LYS A 1 106 ? -3.467  11.105  1.251   1.00 25.85 ? 94  LYS A CB  1 
ATOM   759  C  CG  . LYS A 1 106 ? -3.907  12.076  2.361   1.00 33.00 ? 94  LYS A CG  1 
ATOM   760  C  CD  . LYS A 1 106 ? -3.452  13.507  2.071   1.00 37.69 ? 94  LYS A CD  1 
ATOM   761  C  CE  . LYS A 1 106 ? -4.221  14.122  0.910   1.00 41.93 ? 94  LYS A CE  1 
ATOM   762  N  NZ  . LYS A 1 106 ? -3.723  15.494  0.579   1.00 44.81 ? 94  LYS A NZ  1 
ATOM   763  N  N   . THR A 1 107 ? -0.679  11.008  3.150   1.00 18.08 ? 95  THR A N   1 
ATOM   764  C  CA  . THR A 1 107 ? -0.192  10.458  4.400   1.00 19.17 ? 95  THR A CA  1 
ATOM   765  C  C   . THR A 1 107 ? -0.078  11.608  5.412   1.00 19.45 ? 95  THR A C   1 
ATOM   766  O  O   . THR A 1 107 ? 0.126   12.756  5.023   1.00 19.36 ? 95  THR A O   1 
ATOM   767  C  CB  . THR A 1 107 ? 1.191   9.766   4.264   1.00 18.39 ? 95  THR A CB  1 
ATOM   768  O  OG1 . THR A 1 107 ? 1.593   9.274   5.549   1.00 18.21 ? 95  THR A OG1 1 
ATOM   769  C  CG2 . THR A 1 107 ? 2.268   10.762  3.756   1.00 19.92 ? 95  THR A CG2 1 
ATOM   770  N  N   . ASP A 1 108 ? -0.268  11.298  6.694   1.00 19.25 ? 96  ASP A N   1 
ATOM   771  C  CA  . ASP A 1 108 ? -0.079  12.284  7.733   1.00 19.38 ? 96  ASP A CA  1 
ATOM   772  C  C   . ASP A 1 108 ? 1.163   11.865  8.526   1.00 19.33 ? 96  ASP A C   1 
ATOM   773  O  O   . ASP A 1 108 ? 1.469   12.428  9.562   1.00 22.42 ? 96  ASP A O   1 
ATOM   774  C  CB  . ASP A 1 108 ? -1.320  12.443  8.616   1.00 17.63 ? 96  ASP A CB  1 
ATOM   775  C  CG  . ASP A 1 108 ? -1.551  11.275  9.532   1.00 20.45 ? 96  ASP A CG  1 
ATOM   776  O  OD1 . ASP A 1 108 ? -1.062  10.173  9.257   1.00 17.75 ? 96  ASP A OD1 1 
ATOM   777  O  OD2 . ASP A 1 108 ? -2.259  11.470  10.535  1.00 18.86 ? 96  ASP A OD2 1 
ATOM   778  N  N   . TYR A 1 109 ? 1.903   10.897  7.984   1.00 17.94 ? 97  TYR A N   1 
ATOM   779  C  CA  . TYR A 1 109 ? 3.148   10.381  8.578   1.00 18.46 ? 97  TYR A CA  1 
ATOM   780  C  C   . TYR A 1 109 ? 3.004   9.664   9.942   1.00 18.28 ? 97  TYR A C   1 
ATOM   781  O  O   . TYR A 1 109 ? 3.587   8.583   10.107  1.00 19.55 ? 97  TYR A O   1 
ATOM   782  C  CB  . TYR A 1 109 ? 4.203   11.509  8.735   1.00 16.75 ? 97  TYR A CB  1 
ATOM   783  C  CG  . TYR A 1 109 ? 4.529   12.317  7.489   1.00 16.88 ? 97  TYR A CG  1 
ATOM   784  C  CD1 . TYR A 1 109 ? 5.180   11.732  6.392   1.00 16.84 ? 97  TYR A CD1 1 
ATOM   785  C  CD2 . TYR A 1 109 ? 4.267   13.689  7.437   1.00 16.34 ? 97  TYR A CD2 1 
ATOM   786  C  CE1 . TYR A 1 109 ? 5.556   12.491  5.283   1.00 20.20 ? 97  TYR A CE1 1 
ATOM   787  C  CE2 . TYR A 1 109 ? 4.656   14.462  6.331   1.00 17.93 ? 97  TYR A CE2 1 
ATOM   788  C  CZ  . TYR A 1 109 ? 5.300   13.851  5.263   1.00 20.45 ? 97  TYR A CZ  1 
ATOM   789  O  OH  . TYR A 1 109 ? 5.719   14.601  4.184   1.00 22.27 ? 97  TYR A OH  1 
ATOM   790  N  N   . ASP A 1 110 ? 2.241   10.232  10.896  1.00 18.15 ? 98  ASP A N   1 
ATOM   791  C  CA  . ASP A 1 110 ? 2.089   9.631   12.241  1.00 20.41 ? 98  ASP A CA  1 
ATOM   792  C  C   . ASP A 1 110 ? 0.976   8.680   12.475  1.00 19.25 ? 98  ASP A C   1 
ATOM   793  O  O   . ASP A 1 110 ? 0.959   8.075   13.530  1.00 19.42 ? 98  ASP A O   1 
ATOM   794  C  CB  . ASP A 1 110 ? 1.848   10.609  13.386  1.00 26.00 ? 98  ASP A CB  1 
ATOM   795  C  CG  . ASP A 1 110 ? 2.645   11.815  13.300  1.00 29.11 ? 98  ASP A CG  1 
ATOM   796  O  OD1 . ASP A 1 110 ? 3.854   11.645  13.055  1.00 31.23 ? 98  ASP A OD1 1 
ATOM   797  O  OD2 . ASP A 1 110 ? 2.050   12.912  13.510  1.00 28.47 ? 98  ASP A OD2 1 
ATOM   798  N  N   . ASN A 1 111 ? 0.000   8.624   11.577  1.00 18.83 ? 99  ASN A N   1 
ATOM   799  C  CA  . ASN A 1 111 ? -1.110  7.686   11.728  1.00 17.87 ? 99  ASN A CA  1 
ATOM   800  C  C   . ASN A 1 111 ? -1.313  6.791   10.523  1.00 16.19 ? 99  ASN A C   1 
ATOM   801  O  O   . ASN A 1 111 ? -1.325  5.565   10.654  1.00 15.91 ? 99  ASN A O   1 
ATOM   802  C  CB  . ASN A 1 111 ? -2.451  8.412   11.912  1.00 20.45 ? 99  ASN A CB  1 
ATOM   803  C  CG  . ASN A 1 111 ? -2.610  9.031   13.273  1.00 24.42 ? 99  ASN A CG  1 
ATOM   804  O  OD1 . ASN A 1 111 ? -2.736  8.328   14.286  1.00 24.55 ? 99  ASN A OD1 1 
ATOM   805  N  ND2 . ASN A 1 111 ? -2.640  10.352  13.305  1.00 23.51 ? 99  ASN A ND2 1 
ATOM   806  N  N   . PHE A 1 112 ? -1.509  7.410   9.357   1.00 14.96 ? 100 PHE A N   1 
ATOM   807  C  CA  . PHE A 1 112 ? -1.842  6.643   8.149   1.00 16.43 ? 100 PHE A CA  1 
ATOM   808  C  C   . PHE A 1 112 ? -1.034  6.948   6.916   1.00 15.66 ? 100 PHE A C   1 
ATOM   809  O  O   . PHE A 1 112 ? -0.380  7.973   6.837   1.00 15.66 ? 100 PHE A O   1 
ATOM   810  C  CB  . PHE A 1 112 ? -3.329  6.849   7.789   1.00 17.03 ? 100 PHE A CB  1 
ATOM   811  C  CG  . PHE A 1 112 ? -3.650  8.243   7.233   1.00 18.67 ? 100 PHE A CG  1 
ATOM   812  C  CD1 . PHE A 1 112 ? -3.552  8.515   5.865   1.00 17.55 ? 100 PHE A CD1 1 
ATOM   813  C  CD2 . PHE A 1 112 ? -3.962  9.294   8.091   1.00 20.71 ? 100 PHE A CD2 1 
ATOM   814  C  CE1 . PHE A 1 112 ? -3.755  9.828   5.354   1.00 19.51 ? 100 PHE A CE1 1 
ATOM   815  C  CE2 . PHE A 1 112 ? -4.163  10.606  7.615   1.00 19.61 ? 100 PHE A CE2 1 
ATOM   816  C  CZ  . PHE A 1 112 ? -4.060  10.881  6.235   1.00 20.44 ? 100 PHE A CZ  1 
ATOM   817  N  N   . LEU A 1 113 ? -1.092  6.027   5.950   1.00 15.49 ? 101 LEU A N   1 
ATOM   818  C  CA  . LEU A 1 113 ? -0.402  6.222   4.681   1.00 16.04 ? 101 LEU A CA  1 
ATOM   819  C  C   . LEU A 1 113 ? -1.296  5.533   3.644   1.00 15.28 ? 101 LEU A C   1 
ATOM   820  O  O   . LEU A 1 113 ? -1.682  4.351   3.821   1.00 13.48 ? 101 LEU A O   1 
ATOM   821  C  CB  . LEU A 1 113 ? 0.997   5.582   4.741   1.00 15.47 ? 101 LEU A CB  1 
ATOM   822  C  CG  . LEU A 1 113 ? 1.952   5.783   3.532   1.00 15.84 ? 101 LEU A CG  1 
ATOM   823  C  CD1 . LEU A 1 113 ? 3.412   5.478   4.000   1.00 14.19 ? 101 LEU A CD1 1 
ATOM   824  C  CD2 . LEU A 1 113 ? 1.541   4.858   2.370   1.00 14.87 ? 101 LEU A CD2 1 
ATOM   825  N  N   . MET A 1 114 ? -1.661  6.280   2.600   1.00 13.64 ? 102 MET A N   1 
ATOM   826  C  CA  . MET A 1 114 ? -2.520  5.766   1.537   1.00 14.39 ? 102 MET A CA  1 
ATOM   827  C  C   . MET A 1 114 ? -1.677  5.722   0.275   1.00 15.12 ? 102 MET A C   1 
ATOM   828  O  O   . MET A 1 114 ? -1.102  6.744   -0.130  1.00 14.61 ? 102 MET A O   1 
ATOM   829  C  CB  . MET A 1 114 ? -3.724  6.682   1.328   1.00 15.54 ? 102 MET A CB  1 
ATOM   830  C  CG  . MET A 1 114 ? -4.511  6.983   2.607   1.00 16.94 ? 102 MET A CG  1 
ATOM   831  S  SD  . MET A 1 114 ? -6.043  7.854   2.184   1.00 17.79 ? 102 MET A SD  1 
ATOM   832  C  CE  . MET A 1 114 ? -6.825  7.983   3.821   1.00 15.27 ? 102 MET A CE  1 
ATOM   833  N  N   . ALA A 1 115 ? -1.567  4.523   -0.309  1.00 13.80 ? 103 ALA A N   1 
ATOM   834  C  CA  . ALA A 1 115 ? -0.764  4.292   -1.499  1.00 13.26 ? 103 ALA A CA  1 
ATOM   835  C  C   . ALA A 1 115 ? -1.668  3.946   -2.641  1.00 14.20 ? 103 ALA A C   1 
ATOM   836  O  O   . ALA A 1 115 ? -2.730  3.344   -2.434  1.00 15.30 ? 103 ALA A O   1 
ATOM   837  C  CB  . ALA A 1 115 ? 0.251   3.088   -1.311  1.00 11.10 ? 103 ALA A CB  1 
ATOM   838  N  N   . HIS A 1 116 ? -1.239  4.324   -3.839  1.00 14.03 ? 104 HIS A N   1 
ATOM   839  C  CA  . HIS A 1 116 ? -1.996  4.006   -5.038  1.00 16.11 ? 104 HIS A CA  1 
ATOM   840  C  C   . HIS A 1 116 ? -0.950  3.334   -5.932  1.00 15.47 ? 104 HIS A C   1 
ATOM   841  O  O   . HIS A 1 116 ? 0.128   3.902   -6.220  1.00 16.02 ? 104 HIS A O   1 
ATOM   842  C  CB  . HIS A 1 116 ? -2.578  5.259   -5.724  1.00 16.19 ? 104 HIS A CB  1 
ATOM   843  C  CG  . HIS A 1 116 ? -3.250  4.952   -7.027  1.00 18.83 ? 104 HIS A CG  1 
ATOM   844  N  ND1 . HIS A 1 116 ? -2.646  5.170   -8.247  1.00 19.81 ? 104 HIS A ND1 1 
ATOM   845  C  CD2 . HIS A 1 116 ? -4.439  4.358   -7.302  1.00 18.37 ? 104 HIS A CD2 1 
ATOM   846  C  CE1 . HIS A 1 116 ? -3.433  4.732   -9.216  1.00 20.52 ? 104 HIS A CE1 1 
ATOM   847  N  NE2 . HIS A 1 116 ? -4.527  4.230   -8.669  1.00 17.92 ? 104 HIS A NE2 1 
ATOM   848  N  N   . LEU A 1 117 ? -1.279  2.130   -6.382  1.00 15.06 ? 105 LEU A N   1 
ATOM   849  C  CA  . LEU A 1 117 ? -0.366  1.349   -7.205  1.00 14.42 ? 105 LEU A CA  1 
ATOM   850  C  C   . LEU A 1 117 ? -0.976  0.872   -8.517  1.00 14.40 ? 105 LEU A C   1 
ATOM   851  O  O   . LEU A 1 117 ? -2.169  0.538   -8.582  1.00 15.74 ? 105 LEU A O   1 
ATOM   852  C  CB  . LEU A 1 117 ? 0.134   0.116   -6.386  1.00 12.65 ? 105 LEU A CB  1 
ATOM   853  C  CG  . LEU A 1 117 ? 1.036   -0.953  -7.066  1.00 16.68 ? 105 LEU A CG  1 
ATOM   854  C  CD1 . LEU A 1 117 ? 1.904   -1.622  -5.969  1.00 13.52 ? 105 LEU A CD1 1 
ATOM   855  C  CD2 . LEU A 1 117 ? 0.225   -2.041  -7.824  1.00 13.27 ? 105 LEU A CD2 1 
ATOM   856  N  N   . ILE A 1 118 ? -0.143  0.860   -9.557  1.00 13.38 ? 106 ILE A N   1 
ATOM   857  C  CA  . ILE A 1 118 ? -0.529  0.350   -10.868 1.00 14.97 ? 106 ILE A CA  1 
ATOM   858  C  C   . ILE A 1 118 ? 0.363   -0.861  -11.166 1.00 15.08 ? 106 ILE A C   1 
ATOM   859  O  O   . ILE A 1 118 ? 1.608   -0.766  -11.179 1.00 15.11 ? 106 ILE A O   1 
ATOM   860  C  CB  . ILE A 1 118 ? -0.294  1.337   -12.010 1.00 15.63 ? 106 ILE A CB  1 
ATOM   861  C  CG1 . ILE A 1 118 ? -1.158  2.583   -11.808 1.00 17.30 ? 106 ILE A CG1 1 
ATOM   862  C  CG2 . ILE A 1 118 ? -0.627  0.638   -13.403 1.00 17.04 ? 106 ILE A CG2 1 
ATOM   863  C  CD1 . ILE A 1 118 ? -2.677  2.313   -11.873 1.00 17.89 ? 106 ILE A CD1 1 
ATOM   864  N  N   . ASN A 1 119 ? -0.279  -2.002  -11.387 1.00 14.89 ? 107 ASN A N   1 
ATOM   865  C  CA  . ASN A 1 119 ? 0.428   -3.224  -11.766 1.00 15.35 ? 107 ASN A CA  1 
ATOM   866  C  C   . ASN A 1 119 ? 0.199   -3.491  -13.255 1.00 15.42 ? 107 ASN A C   1 
ATOM   867  O  O   . ASN A 1 119 ? -0.889  -3.251  -13.789 1.00 15.38 ? 107 ASN A O   1 
ATOM   868  C  CB  . ASN A 1 119 ? -0.084  -4.423  -10.959 1.00 14.73 ? 107 ASN A CB  1 
ATOM   869  C  CG  . ASN A 1 119 ? 0.482   -5.761  -11.456 1.00 18.22 ? 107 ASN A CG  1 
ATOM   870  O  OD1 . ASN A 1 119 ? -0.094  -6.389  -12.341 1.00 18.29 ? 107 ASN A OD1 1 
ATOM   871  N  ND2 . ASN A 1 119 ? 1.619   -6.203  -10.873 1.00 18.25 ? 107 ASN A ND2 1 
ATOM   872  N  N   . GLU A 1 120 ? 1.234   -3.985  -13.917 1.00 16.21 ? 108 GLU A N   1 
ATOM   873  C  CA  . GLU A 1 120 ? 1.157   -4.316  -15.326 1.00 17.99 ? 108 GLU A CA  1 
ATOM   874  C  C   . GLU A 1 120 ? 1.764   -5.714  -15.477 1.00 18.27 ? 108 GLU A C   1 
ATOM   875  O  O   . GLU A 1 120 ? 2.953   -5.967  -15.165 1.00 17.99 ? 108 GLU A O   1 
ATOM   876  C  CB  . GLU A 1 120 ? 1.897   -3.272  -16.156 1.00 17.27 ? 108 GLU A CB  1 
ATOM   877  C  CG  . GLU A 1 120 ? 1.158   -1.941  -16.089 1.00 20.32 ? 108 GLU A CG  1 
ATOM   878  C  CD  . GLU A 1 120 ? 1.860   -0.799  -16.772 1.00 21.57 ? 108 GLU A CD  1 
ATOM   879  O  OE1 . GLU A 1 120 ? 2.996   -0.979  -17.233 1.00 20.68 ? 108 GLU A OE1 1 
ATOM   880  O  OE2 . GLU A 1 120 ? 1.253   0.297   -16.841 1.00 21.71 ? 108 GLU A OE2 1 
ATOM   881  N  N   . LYS A 1 121 ? 0.930   -6.623  -15.944 1.00 17.89 ? 109 LYS A N   1 
ATOM   882  C  CA  . LYS A 1 121 ? 1.366   -7.994  -16.099 1.00 19.86 ? 109 LYS A CA  1 
ATOM   883  C  C   . LYS A 1 121 ? 0.713   -8.625  -17.334 1.00 18.88 ? 109 LYS A C   1 
ATOM   884  O  O   . LYS A 1 121 ? -0.474  -8.443  -17.564 1.00 18.38 ? 109 LYS A O   1 
ATOM   885  C  CB  . LYS A 1 121 ? 0.987   -8.758  -14.812 1.00 22.34 ? 109 LYS A CB  1 
ATOM   886  C  CG  . LYS A 1 121 ? -0.353  -9.485  -14.874 1.00 30.87 ? 109 LYS A CG  1 
ATOM   887  C  CD  . LYS A 1 121 ? -0.440  -10.668 -13.864 1.00 33.32 ? 109 LYS A CD  1 
ATOM   888  C  CE  . LYS A 1 121 ? 0.891   -11.419 -13.817 1.00 31.36 ? 109 LYS A CE  1 
ATOM   889  N  NZ  . LYS A 1 121 ? 1.757   -10.784 -14.879 1.00 30.41 ? 109 LYS A NZ  1 
ATOM   890  N  N   . ASP A 1 122 ? 1.486   -9.357  -18.132 1.00 18.72 ? 110 ASP A N   1 
ATOM   891  C  CA  . ASP A 1 122 ? 0.946   -10.015 -19.335 1.00 19.40 ? 110 ASP A CA  1 
ATOM   892  C  C   . ASP A 1 122 ? 0.165   -9.075  -20.262 1.00 19.32 ? 110 ASP A C   1 
ATOM   893  O  O   . ASP A 1 122 ? -0.837  -9.479  -20.848 1.00 20.06 ? 110 ASP A O   1 
ATOM   894  C  CB  . ASP A 1 122 ? 0.013   -11.150 -18.916 1.00 20.72 ? 110 ASP A CB  1 
ATOM   895  C  CG  . ASP A 1 122 ? 0.721   -12.212 -18.164 1.00 22.79 ? 110 ASP A CG  1 
ATOM   896  O  OD1 . ASP A 1 122 ? 0.112   -12.830 -17.267 1.00 27.51 ? 110 ASP A OD1 1 
ATOM   897  O  OD2 . ASP A 1 122 ? 1.893   -12.438 -18.500 1.00 23.67 ? 110 ASP A OD2 1 
ATOM   898  N  N   . GLY A 1 123 ? 0.593   -7.826  -20.378 1.00 18.90 ? 111 GLY A N   1 
ATOM   899  C  CA  . GLY A 1 123 ? -0.124  -6.908  -21.247 1.00 16.99 ? 111 GLY A CA  1 
ATOM   900  C  C   . GLY A 1 123 ? -1.376  -6.295  -20.621 1.00 18.40 ? 111 GLY A C   1 
ATOM   901  O  O   . GLY A 1 123 ? -2.083  -5.509  -21.281 1.00 16.84 ? 111 GLY A O   1 
ATOM   902  N  N   . GLU A 1 124 ? -1.662  -6.632  -19.363 1.00 17.73 ? 112 GLU A N   1 
ATOM   903  C  CA  . GLU A 1 124 ? -2.872  -6.090  -18.709 1.00 21.07 ? 112 GLU A CA  1 
ATOM   904  C  C   . GLU A 1 124 ? -2.502  -5.107  -17.598 1.00 18.03 ? 112 GLU A C   1 
ATOM   905  O  O   . GLU A 1 124 ? -1.328  -4.766  -17.434 1.00 18.49 ? 112 GLU A O   1 
ATOM   906  C  CB  . GLU A 1 124 ? -3.709  -7.233  -18.118 1.00 25.52 ? 112 GLU A CB  1 
ATOM   907  C  CG  . GLU A 1 124 ? -4.131  -8.261  -19.139 1.00 36.79 ? 112 GLU A CG  1 
ATOM   908  C  CD  . GLU A 1 124 ? -5.089  -9.301  -18.561 1.00 44.22 ? 112 GLU A CD  1 
ATOM   909  O  OE1 . GLU A 1 124 ? -4.775  -9.905  -17.512 1.00 47.04 ? 112 GLU A OE1 1 
ATOM   910  O  OE2 . GLU A 1 124 ? -6.156  -9.514  -19.172 1.00 49.40 ? 112 GLU A OE2 1 
ATOM   911  N  N   . THR A 1 125 ? -3.487  -4.662  -16.822 1.00 17.02 ? 113 THR A N   1 
ATOM   912  C  CA  . THR A 1 125 ? -3.196  -3.713  -15.738 1.00 15.86 ? 113 THR A CA  1 
ATOM   913  C  C   . THR A 1 125 ? -4.306  -3.753  -14.714 1.00 16.73 ? 113 THR A C   1 
ATOM   914  O  O   . THR A 1 125 ? -5.405  -4.226  -14.996 1.00 16.15 ? 113 THR A O   1 
ATOM   915  C  CB  . THR A 1 125 ? -3.087  -2.229  -16.279 1.00 18.97 ? 113 THR A CB  1 
ATOM   916  O  OG1 . THR A 1 125 ? -2.485  -1.368  -15.286 1.00 18.18 ? 113 THR A OG1 1 
ATOM   917  C  CG2 . THR A 1 125 ? -4.481  -1.656  -16.574 1.00 12.25 ? 113 THR A CG2 1 
ATOM   918  N  N   . PHE A 1 126 ? -4.008  -3.292  -13.507 1.00 15.55 ? 114 PHE A N   1 
ATOM   919  C  CA  . PHE A 1 126 ? -5.040  -3.153  -12.477 1.00 17.23 ? 114 PHE A CA  1 
ATOM   920  C  C   . PHE A 1 126 ? -4.505  -2.144  -11.453 1.00 17.09 ? 114 PHE A C   1 
ATOM   921  O  O   . PHE A 1 126 ? -3.279  -1.874  -11.396 1.00 18.46 ? 114 PHE A O   1 
ATOM   922  C  CB  . PHE A 1 126 ? -5.446  -4.519  -11.849 1.00 17.70 ? 114 PHE A CB  1 
ATOM   923  C  CG  . PHE A 1 126 ? -4.464  -5.080  -10.851 1.00 20.66 ? 114 PHE A CG  1 
ATOM   924  C  CD1 . PHE A 1 126 ? -4.385  -4.567  -9.557  1.00 21.35 ? 114 PHE A CD1 1 
ATOM   925  C  CD2 . PHE A 1 126 ? -3.639  -6.131  -11.201 1.00 18.15 ? 114 PHE A CD2 1 
ATOM   926  C  CE1 . PHE A 1 126 ? -3.490  -5.105  -8.628  1.00 22.72 ? 114 PHE A CE1 1 
ATOM   927  C  CE2 . PHE A 1 126 ? -2.731  -6.675  -10.280 1.00 21.23 ? 114 PHE A CE2 1 
ATOM   928  C  CZ  . PHE A 1 126 ? -2.661  -6.162  -8.994  1.00 21.88 ? 114 PHE A CZ  1 
ATOM   929  N  N   . GLN A 1 127 ? -5.428  -1.530  -10.720 1.00 15.84 ? 115 GLN A N   1 
ATOM   930  C  CA  . GLN A 1 127 ? -5.092  -0.579  -9.672  1.00 17.03 ? 115 GLN A CA  1 
ATOM   931  C  C   . GLN A 1 127 ? -5.199  -1.273  -8.322  1.00 17.92 ? 115 GLN A C   1 
ATOM   932  O  O   . GLN A 1 127 ? -6.086  -2.112  -8.111  1.00 19.35 ? 115 GLN A O   1 
ATOM   933  C  CB  . GLN A 1 127 ? -6.101  0.562   -9.631  1.00 16.87 ? 115 GLN A CB  1 
ATOM   934  C  CG  . GLN A 1 127 ? -6.280  1.340   -10.921 1.00 16.20 ? 115 GLN A CG  1 
ATOM   935  C  CD  . GLN A 1 127 ? -7.226  2.497   -10.687 1.00 16.94 ? 115 GLN A CD  1 
ATOM   936  O  OE1 . GLN A 1 127 ? -8.448  2.389   -10.903 1.00 20.28 ? 115 GLN A OE1 1 
ATOM   937  N  NE2 . GLN A 1 127 ? -6.685  3.594   -10.211 1.00 14.30 ? 115 GLN A NE2 1 
ATOM   938  N  N   . LEU A 1 128 ? -4.325  -0.885  -7.403  1.00 18.10 ? 116 LEU A N   1 
ATOM   939  C  CA  . LEU A 1 128 ? -4.350  -1.419  -6.046  1.00 19.63 ? 116 LEU A CA  1 
ATOM   940  C  C   . LEU A 1 128 ? -4.207  -0.187  -5.174  1.00 19.00 ? 116 LEU A C   1 
ATOM   941  O  O   . LEU A 1 128 ? -3.366  0.680   -5.459  1.00 17.55 ? 116 LEU A O   1 
ATOM   942  C  CB  . LEU A 1 128 ? -3.153  -2.352  -5.818  1.00 21.92 ? 116 LEU A CB  1 
ATOM   943  C  CG  . LEU A 1 128 ? -2.628  -2.948  -4.490  1.00 26.59 ? 116 LEU A CG  1 
ATOM   944  C  CD1 . LEU A 1 128 ? -2.483  -1.873  -3.432  1.00 25.04 ? 116 LEU A CD1 1 
ATOM   945  C  CD2 . LEU A 1 128 ? -3.518  -4.066  -4.015  1.00 27.80 ? 116 LEU A CD2 1 
ATOM   946  N  N   . MET A 1 129 ? -5.027  -0.103  -4.127  1.00 18.09 ? 117 MET A N   1 
ATOM   947  C  CA  . MET A 1 129 ? -4.899  0.998   -3.188  1.00 20.11 ? 117 MET A CA  1 
ATOM   948  C  C   . MET A 1 129 ? -4.736  0.387   -1.815  1.00 19.61 ? 117 MET A C   1 
ATOM   949  O  O   . MET A 1 129 ? -5.351  -0.639  -1.505  1.00 19.52 ? 117 MET A O   1 
ATOM   950  C  CB  . MET A 1 129 ? -6.110  1.932   -3.269  1.00 21.92 ? 117 MET A CB  1 
ATOM   951  C  CG  . MET A 1 129 ? -6.176  2.575   -4.665  1.00 26.39 ? 117 MET A CG  1 
ATOM   952  S  SD  . MET A 1 129 ? -7.033  4.138   -4.716  1.00 31.26 ? 117 MET A SD  1 
ATOM   953  C  CE  . MET A 1 129 ? -5.785  5.042   -3.801  1.00 21.11 ? 117 MET A CE  1 
ATOM   954  N  N   . GLY A 1 130 ? -3.876  0.988   -1.004  1.00 18.82 ? 118 GLY A N   1 
ATOM   955  C  CA  . GLY A 1 130 ? -3.661  0.444   0.317   1.00 18.33 ? 118 GLY A CA  1 
ATOM   956  C  C   . GLY A 1 130 ? -3.672  1.513   1.388   1.00 16.90 ? 118 GLY A C   1 
ATOM   957  O  O   . GLY A 1 130 ? -3.214  2.628   1.173   1.00 17.01 ? 118 GLY A O   1 
ATOM   958  N  N   . LEU A 1 131 ? -4.267  1.170   2.521   1.00 16.43 ? 119 LEU A N   1 
ATOM   959  C  CA  . LEU A 1 131 ? -4.325  2.049   3.678   1.00 16.16 ? 119 LEU A CA  1 
ATOM   960  C  C   . LEU A 1 131 ? -3.518  1.305   4.749   1.00 15.83 ? 119 LEU A C   1 
ATOM   961  O  O   . LEU A 1 131 ? -3.858  0.173   5.139   1.00 15.26 ? 119 LEU A O   1 
ATOM   962  C  CB  . LEU A 1 131 ? -5.767  2.240   4.145   1.00 14.67 ? 119 LEU A CB  1 
ATOM   963  C  CG  . LEU A 1 131 ? -5.848  2.998   5.466   1.00 14.43 ? 119 LEU A CG  1 
ATOM   964  C  CD1 . LEU A 1 131 ? -5.569  4.508   5.221   1.00 10.52 ? 119 LEU A CD1 1 
ATOM   965  C  CD2 . LEU A 1 131 ? -7.262  2.782   6.042   1.00 13.24 ? 119 LEU A CD2 1 
ATOM   966  N  N   . TYR A 1 132 ? -2.423  1.933   5.164   1.00 15.53 ? 120 TYR A N   1 
ATOM   967  C  CA  . TYR A 1 132 ? -1.491  1.410   6.158   1.00 15.81 ? 120 TYR A CA  1 
ATOM   968  C  C   . TYR A 1 132 ? -1.545  2.292   7.411   1.00 16.73 ? 120 TYR A C   1 
ATOM   969  O  O   . TYR A 1 132 ? -1.757  3.506   7.328   1.00 15.35 ? 120 TYR A O   1 
ATOM   970  C  CB  . TYR A 1 132 ? -0.083  1.415   5.551   1.00 15.74 ? 120 TYR A CB  1 
ATOM   971  C  CG  . TYR A 1 132 ? -0.053  0.630   4.272   1.00 16.83 ? 120 TYR A CG  1 
ATOM   972  C  CD1 . TYR A 1 132 ? 0.058   -0.763  4.293   1.00 14.44 ? 120 TYR A CD1 1 
ATOM   973  C  CD2 . TYR A 1 132 ? -0.239  1.265   3.036   1.00 17.55 ? 120 TYR A CD2 1 
ATOM   974  C  CE1 . TYR A 1 132 ? -0.025  -1.504  3.120   1.00 16.40 ? 120 TYR A CE1 1 
ATOM   975  C  CE2 . TYR A 1 132 ? -0.316  0.523   1.847   1.00 16.79 ? 120 TYR A CE2 1 
ATOM   976  C  CZ  . TYR A 1 132 ? -0.212  -0.860  1.896   1.00 17.34 ? 120 TYR A CZ  1 
ATOM   977  O  OH  . TYR A 1 132 ? -0.288  -1.626  0.724   1.00 14.66 ? 120 TYR A OH  1 
ATOM   978  N  N   . GLY A 1 133 ? -1.418  1.667   8.576   1.00 15.88 ? 121 GLY A N   1 
ATOM   979  C  CA  . GLY A 1 133 ? -1.472  2.435   9.800   1.00 15.98 ? 121 GLY A CA  1 
ATOM   980  C  C   . GLY A 1 133 ? -0.236  2.181   10.643  1.00 16.99 ? 121 GLY A C   1 
ATOM   981  O  O   . GLY A 1 133 ? 0.405   1.104   10.529  1.00 16.48 ? 121 GLY A O   1 
ATOM   982  N  N   . ARG A 1 134 ? 0.120   3.172   11.449  1.00 14.80 ? 122 ARG A N   1 
ATOM   983  C  CA  . ARG A 1 134 ? 1.252   3.046   12.374  1.00 17.89 ? 122 ARG A CA  1 
ATOM   984  C  C   . ARG A 1 134 ? 0.908   1.981   13.429  1.00 17.58 ? 122 ARG A C   1 
ATOM   985  O  O   . ARG A 1 134 ? 1.806   1.306   13.926  1.00 19.65 ? 122 ARG A O   1 
ATOM   986  C  CB  . ARG A 1 134 ? 1.557   4.390   13.044  1.00 16.02 ? 122 ARG A CB  1 
ATOM   987  C  CG  . ARG A 1 134 ? 2.207   5.404   12.071  1.00 17.19 ? 122 ARG A CG  1 
ATOM   988  C  CD  . ARG A 1 134 ? 3.560   4.888   11.563  1.00 18.40 ? 122 ARG A CD  1 
ATOM   989  N  NE  . ARG A 1 134 ? 4.361   5.941   10.923  1.00 17.60 ? 122 ARG A NE  1 
ATOM   990  C  CZ  . ARG A 1 134 ? 5.612   5.783   10.509  1.00 17.81 ? 122 ARG A CZ  1 
ATOM   991  N  NH1 . ARG A 1 134 ? 6.251   4.602   10.662  1.00 17.77 ? 122 ARG A NH1 1 
ATOM   992  N  NH2 . ARG A 1 134 ? 6.220   6.802   9.918   1.00 17.84 ? 122 ARG A NH2 1 
ATOM   993  N  N   . GLU A 1 135 ? -0.382  1.826   13.745  1.00 17.27 ? 123 GLU A N   1 
ATOM   994  C  CA  . GLU A 1 135 ? -0.843  0.786   14.679  1.00 17.49 ? 123 GLU A CA  1 
ATOM   995  C  C   . GLU A 1 135 ? -1.565  -0.230  13.797  1.00 16.89 ? 123 GLU A C   1 
ATOM   996  O  O   . GLU A 1 135 ? -1.824  0.056   12.632  1.00 14.77 ? 123 GLU A O   1 
ATOM   997  C  CB  . GLU A 1 135 ? -1.832  1.359   15.711  1.00 17.67 ? 123 GLU A CB  1 
ATOM   998  C  CG  . GLU A 1 135 ? -1.226  2.402   16.623  1.00 20.66 ? 123 GLU A CG  1 
ATOM   999  C  CD  . GLU A 1 135 ? -2.121  2.734   17.824  1.00 22.14 ? 123 GLU A CD  1 
ATOM   1000 O  OE1 . GLU A 1 135 ? -3.321  2.371   17.826  1.00 19.61 ? 123 GLU A OE1 1 
ATOM   1001 O  OE2 . GLU A 1 135 ? -1.608  3.365   18.763  1.00 22.55 ? 123 GLU A OE2 1 
ATOM   1002 N  N   . PRO A 1 136 ? -1.923  -1.414  14.341  1.00 17.15 ? 124 PRO A N   1 
ATOM   1003 C  CA  . PRO A 1 136 ? -2.612  -2.440  13.539  1.00 17.20 ? 124 PRO A CA  1 
ATOM   1004 C  C   . PRO A 1 136 ? -4.057  -2.116  13.131  1.00 18.29 ? 124 PRO A C   1 
ATOM   1005 O  O   . PRO A 1 136 ? -4.753  -2.967  12.579  1.00 19.38 ? 124 PRO A O   1 
ATOM   1006 C  CB  . PRO A 1 136 ? -2.544  -3.704  14.422  1.00 18.96 ? 124 PRO A CB  1 
ATOM   1007 C  CG  . PRO A 1 136 ? -1.379  -3.426  15.396  1.00 16.66 ? 124 PRO A CG  1 
ATOM   1008 C  CD  . PRO A 1 136 ? -1.594  -1.934  15.684  1.00 18.54 ? 124 PRO A CD  1 
ATOM   1009 N  N   . ASP A 1 137 ? -4.518  -0.899  13.414  1.00 17.65 ? 125 ASP A N   1 
ATOM   1010 C  CA  . ASP A 1 137 ? -5.858  -0.488  12.998  1.00 17.54 ? 125 ASP A CA  1 
ATOM   1011 C  C   . ASP A 1 137 ? -5.861  1.039   12.964  1.00 16.97 ? 125 ASP A C   1 
ATOM   1012 O  O   . ASP A 1 137 ? -4.939  1.679   13.461  1.00 14.56 ? 125 ASP A O   1 
ATOM   1013 C  CB  . ASP A 1 137 ? -6.925  -1.007  13.972  1.00 18.81 ? 125 ASP A CB  1 
ATOM   1014 C  CG  . ASP A 1 137 ? -8.333  -1.110  13.318  1.00 22.69 ? 125 ASP A CG  1 
ATOM   1015 O  OD1 . ASP A 1 137 ? -8.508  -0.764  12.125  1.00 18.08 ? 125 ASP A OD1 1 
ATOM   1016 O  OD2 . ASP A 1 137 ? -9.266  -1.544  14.014  1.00 23.99 ? 125 ASP A OD2 1 
ATOM   1017 N  N   . LEU A 1 138 ? -6.912  1.610   12.391  1.00 17.82 ? 126 LEU A N   1 
ATOM   1018 C  CA  . LEU A 1 138 ? -7.045  3.064   12.258  1.00 17.75 ? 126 LEU A CA  1 
ATOM   1019 C  C   . LEU A 1 138 ? -8.463  3.439   12.614  1.00 18.45 ? 126 LEU A C   1 
ATOM   1020 O  O   . LEU A 1 138 ? -9.332  2.564   12.713  1.00 17.54 ? 126 LEU A O   1 
ATOM   1021 C  CB  . LEU A 1 138 ? -6.749  3.473   10.801  1.00 16.42 ? 126 LEU A CB  1 
ATOM   1022 C  CG  . LEU A 1 138 ? -5.268  3.547   10.395  1.00 18.57 ? 126 LEU A CG  1 
ATOM   1023 C  CD1 . LEU A 1 138 ? -5.124  3.701   8.846   1.00 14.45 ? 126 LEU A CD1 1 
ATOM   1024 C  CD2 . LEU A 1 138 ? -4.623  4.743   11.134  1.00 15.95 ? 126 LEU A CD2 1 
ATOM   1025 N  N   . SER A 1 139 ? -8.718  4.738   12.769  1.00 19.47 ? 127 SER A N   1 
ATOM   1026 C  CA  . SER A 1 139 ? -10.060 5.191   13.124  1.00 20.98 ? 127 SER A CA  1 
ATOM   1027 C  C   . SER A 1 139 ? -11.047 5.059   11.971  1.00 21.66 ? 127 SER A C   1 
ATOM   1028 O  O   . SER A 1 139 ? -10.668 5.012   10.790  1.00 19.13 ? 127 SER A O   1 
ATOM   1029 C  CB  . SER A 1 139 ? -10.048 6.650   13.612  1.00 20.58 ? 127 SER A CB  1 
ATOM   1030 O  OG  . SER A 1 139 ? -9.596  7.530   12.595  1.00 23.90 ? 127 SER A OG  1 
ATOM   1031 N  N   . SER A 1 140 ? -12.328 4.998   12.323  1.00 21.12 ? 128 SER A N   1 
ATOM   1032 C  CA  . SER A 1 140 ? -13.364 4.867   11.316  1.00 23.55 ? 128 SER A CA  1 
ATOM   1033 C  C   . SER A 1 140 ? -13.318 6.102   10.406  1.00 22.81 ? 128 SER A C   1 
ATOM   1034 O  O   . SER A 1 140 ? -13.583 5.998   9.214   1.00 21.77 ? 128 SER A O   1 
ATOM   1035 C  CB  . SER A 1 140 ? -14.742 4.697   11.997  1.00 22.78 ? 128 SER A CB  1 
ATOM   1036 O  OG  . SER A 1 140 ? -14.972 5.785   12.865  1.00 32.05 ? 128 SER A OG  1 
ATOM   1037 N  N   . ASP A 1 141 ? -12.968 7.267   10.955  1.00 23.21 ? 129 ASP A N   1 
ATOM   1038 C  CA  . ASP A 1 141 ? -12.872 8.475   10.127  1.00 24.82 ? 129 ASP A CA  1 
ATOM   1039 C  C   . ASP A 1 141 ? -11.767 8.359   9.057   1.00 22.31 ? 129 ASP A C   1 
ATOM   1040 O  O   . ASP A 1 141 ? -11.936 8.812   7.911   1.00 21.06 ? 129 ASP A O   1 
ATOM   1041 C  CB  . ASP A 1 141 ? -12.577 9.713   10.977  1.00 31.29 ? 129 ASP A CB  1 
ATOM   1042 C  CG  . ASP A 1 141 ? -13.770 10.176  11.780  1.00 37.99 ? 129 ASP A CG  1 
ATOM   1043 O  OD1 . ASP A 1 141 ? -14.899 9.706   11.506  1.00 40.98 ? 129 ASP A OD1 1 
ATOM   1044 O  OD2 . ASP A 1 141 ? -13.565 11.028  12.683  1.00 42.68 ? 129 ASP A OD2 1 
ATOM   1045 N  N   . ILE A 1 142 ? -10.615 7.799   9.428   1.00 20.39 ? 130 ILE A N   1 
ATOM   1046 C  CA  . ILE A 1 142 ? -9.530  7.630   8.440   1.00 19.22 ? 130 ILE A CA  1 
ATOM   1047 C  C   . ILE A 1 142 ? -9.950  6.572   7.411   1.00 19.47 ? 130 ILE A C   1 
ATOM   1048 O  O   . ILE A 1 142 ? -9.694  6.716   6.211   1.00 19.72 ? 130 ILE A O   1 
ATOM   1049 C  CB  . ILE A 1 142 ? -8.174  7.206   9.116   1.00 20.45 ? 130 ILE A CB  1 
ATOM   1050 C  CG1 . ILE A 1 142 ? -7.637  8.364   9.954   1.00 20.94 ? 130 ILE A CG1 1 
ATOM   1051 C  CG2 . ILE A 1 142 ? -7.128  6.846   8.047   1.00 16.71 ? 130 ILE A CG2 1 
ATOM   1052 C  CD1 . ILE A 1 142 ? -7.651  9.640   9.196   1.00 24.18 ? 130 ILE A CD1 1 
ATOM   1053 N  N   . LYS A 1 143 ? -10.608 5.508   7.869   1.00 18.92 ? 131 LYS A N   1 
ATOM   1054 C  CA  . LYS A 1 143 ? -11.085 4.462   6.944   1.00 18.12 ? 131 LYS A CA  1 
ATOM   1055 C  C   . LYS A 1 143 ? -12.079 5.062   5.930   1.00 18.72 ? 131 LYS A C   1 
ATOM   1056 O  O   . LYS A 1 143 ? -12.066 4.715   4.722   1.00 16.17 ? 131 LYS A O   1 
ATOM   1057 C  CB  . LYS A 1 143 ? -11.742 3.307   7.719   1.00 17.77 ? 131 LYS A CB  1 
ATOM   1058 C  CG  . LYS A 1 143 ? -10.717 2.503   8.568   1.00 19.40 ? 131 LYS A CG  1 
ATOM   1059 C  CD  . LYS A 1 143 ? -11.329 1.261   9.213   1.00 18.59 ? 131 LYS A CD  1 
ATOM   1060 C  CE  . LYS A 1 143 ? -10.262 0.497   9.992   1.00 16.68 ? 131 LYS A CE  1 
ATOM   1061 N  NZ  . LYS A 1 143 ? -10.756 -0.771  10.573  1.00 14.53 ? 131 LYS A NZ  1 
ATOM   1062 N  N   . GLU A 1 144 ? -12.948 5.947   6.410   1.00 17.38 ? 132 GLU A N   1 
ATOM   1063 C  CA  . GLU A 1 144 ? -13.903 6.628   5.493   1.00 17.66 ? 132 GLU A CA  1 
ATOM   1064 C  C   . GLU A 1 144 ? -13.136 7.522   4.483   1.00 17.76 ? 132 GLU A C   1 
ATOM   1065 O  O   . GLU A 1 144 ? -13.476 7.572   3.301   1.00 16.36 ? 132 GLU A O   1 
ATOM   1066 C  CB  . GLU A 1 144 ? -14.915 7.480   6.294   1.00 19.66 ? 132 GLU A CB  1 
ATOM   1067 C  CG  . GLU A 1 144 ? -15.941 8.272   5.425   1.00 17.81 ? 132 GLU A CG  1 
ATOM   1068 C  CD  . GLU A 1 144 ? -16.760 7.364   4.488   1.00 18.77 ? 132 GLU A CD  1 
ATOM   1069 O  OE1 . GLU A 1 144 ? -16.762 6.127   4.670   1.00 15.08 ? 132 GLU A OE1 1 
ATOM   1070 O  OE2 . GLU A 1 144 ? -17.425 7.890   3.576   1.00 18.33 ? 132 GLU A OE2 1 
ATOM   1071 N  N   . ARG A 1 145 ? -12.088 8.211   4.921   1.00 16.79 ? 133 ARG A N   1 
ATOM   1072 C  CA  . ARG A 1 145 ? -11.319 9.041   3.991   1.00 17.83 ? 133 ARG A CA  1 
ATOM   1073 C  C   . ARG A 1 145 ? -10.691 8.150   2.900   1.00 17.33 ? 133 ARG A C   1 
ATOM   1074 O  O   . ARG A 1 145 ? -10.634 8.541   1.732   1.00 16.39 ? 133 ARG A O   1 
ATOM   1075 C  CB  . ARG A 1 145 ? -10.238 9.835   4.738   1.00 19.32 ? 133 ARG A CB  1 
ATOM   1076 C  CG  . ARG A 1 145 ? -10.767 11.028  5.553   1.00 22.96 ? 133 ARG A CG  1 
ATOM   1077 C  CD  . ARG A 1 145 ? -9.584  11.807  6.225   1.00 23.05 ? 133 ARG A CD  1 
ATOM   1078 N  NE  . ARG A 1 145 ? -8.759  12.462  5.209   1.00 26.88 ? 133 ARG A NE  1 
ATOM   1079 C  CZ  . ARG A 1 145 ? -7.597  13.073  5.439   1.00 28.37 ? 133 ARG A CZ  1 
ATOM   1080 N  NH1 . ARG A 1 145 ? -7.099  13.114  6.661   1.00 24.76 ? 133 ARG A NH1 1 
ATOM   1081 N  NH2 . ARG A 1 145 ? -6.944  13.679  4.447   1.00 27.72 ? 133 ARG A NH2 1 
ATOM   1082 N  N   . PHE A 1 146 ? -10.249 6.952   3.283   1.00 15.93 ? 134 PHE A N   1 
ATOM   1083 C  CA  . PHE A 1 146 ? -9.681  6.018   2.330   1.00 16.30 ? 134 PHE A CA  1 
ATOM   1084 C  C   . PHE A 1 146 ? -10.734 5.575   1.306   1.00 16.26 ? 134 PHE A C   1 
ATOM   1085 O  O   . PHE A 1 146 ? -10.435 5.481   0.119   1.00 17.76 ? 134 PHE A O   1 
ATOM   1086 C  CB  . PHE A 1 146 ? -9.117  4.795   3.043   1.00 14.30 ? 134 PHE A CB  1 
ATOM   1087 C  CG  . PHE A 1 146 ? -8.463  3.823   2.120   1.00 15.37 ? 134 PHE A CG  1 
ATOM   1088 C  CD1 . PHE A 1 146 ? -7.288  4.159   1.445   1.00 17.21 ? 134 PHE A CD1 1 
ATOM   1089 C  CD2 . PHE A 1 146 ? -8.995  2.552   1.938   1.00 16.46 ? 134 PHE A CD2 1 
ATOM   1090 C  CE1 . PHE A 1 146 ? -6.658  3.233   0.621   1.00 17.14 ? 134 PHE A CE1 1 
ATOM   1091 C  CE2 . PHE A 1 146 ? -8.367  1.624   1.107   1.00 15.36 ? 134 PHE A CE2 1 
ATOM   1092 C  CZ  . PHE A 1 146 ? -7.198  1.963   0.451   1.00 15.96 ? 134 PHE A CZ  1 
ATOM   1093 N  N   . ALA A 1 147 ? -11.945 5.274   1.772   1.00 16.06 ? 135 ALA A N   1 
ATOM   1094 C  CA  . ALA A 1 147 ? -13.044 4.886   0.883   1.00 15.70 ? 135 ALA A CA  1 
ATOM   1095 C  C   . ALA A 1 147 ? -13.305 6.018   -0.099  1.00 16.72 ? 135 ALA A C   1 
ATOM   1096 O  O   . ALA A 1 147 ? -13.532 5.753   -1.272  1.00 16.69 ? 135 ALA A O   1 
ATOM   1097 C  CB  . ALA A 1 147 ? -14.330 4.579   1.692   1.00 15.56 ? 135 ALA A CB  1 
ATOM   1098 N  N   . GLN A 1 148 ? -13.272 7.285   0.356   1.00 15.97 ? 136 GLN A N   1 
ATOM   1099 C  CA  . GLN A 1 148 ? -13.479 8.384   -0.585  1.00 15.97 ? 136 GLN A CA  1 
ATOM   1100 C  C   . GLN A 1 148 ? -12.357 8.415   -1.650  1.00 16.10 ? 136 GLN A C   1 
ATOM   1101 O  O   . GLN A 1 148 ? -12.620 8.610   -2.834  1.00 15.24 ? 136 GLN A O   1 
ATOM   1102 C  CB  . GLN A 1 148 ? -13.546 9.755   0.156   1.00 13.65 ? 136 GLN A CB  1 
ATOM   1103 C  CG  . GLN A 1 148 ? -14.687 9.838   1.142   1.00 14.50 ? 136 GLN A CG  1 
ATOM   1104 C  CD  . GLN A 1 148 ? -16.062 9.681   0.434   1.00 15.91 ? 136 GLN A CD  1 
ATOM   1105 O  OE1 . GLN A 1 148 ? -16.990 9.031   0.948   1.00 16.97 ? 136 GLN A OE1 1 
ATOM   1106 N  NE2 . GLN A 1 148 ? -16.180 10.278  -0.735  1.00 13.36 ? 136 GLN A NE2 1 
ATOM   1107 N  N   . LEU A 1 149 ? -11.111 8.212   -1.228  1.00 15.81 ? 137 LEU A N   1 
ATOM   1108 C  CA  . LEU A 1 149 ? -9.983  8.238   -2.150  1.00 16.91 ? 137 LEU A CA  1 
ATOM   1109 C  C   . LEU A 1 149 ? -10.099 7.075   -3.150  1.00 16.84 ? 137 LEU A C   1 
ATOM   1110 O  O   . LEU A 1 149 ? -9.794  7.218   -4.351  1.00 16.98 ? 137 LEU A O   1 
ATOM   1111 C  CB  . LEU A 1 149 ? -8.658  8.155   -1.361  1.00 17.86 ? 137 LEU A CB  1 
ATOM   1112 C  CG  . LEU A 1 149 ? -7.408  8.310   -2.250  1.00 22.03 ? 137 LEU A CG  1 
ATOM   1113 C  CD1 . LEU A 1 149 ? -7.306  9.777   -2.709  1.00 22.66 ? 137 LEU A CD1 1 
ATOM   1114 C  CD2 . LEU A 1 149 ? -6.142  7.902   -1.492  1.00 19.65 ? 137 LEU A CD2 1 
ATOM   1115 N  N   . CYS A 1 150 ? -10.574 5.928   -2.673  1.00 14.65 ? 138 CYS A N   1 
ATOM   1116 C  CA  . CYS A 1 150 ? -10.751 4.779   -3.571  1.00 15.19 ? 138 CYS A CA  1 
ATOM   1117 C  C   . CYS A 1 150 ? -11.824 5.128   -4.619  1.00 13.99 ? 138 CYS A C   1 
ATOM   1118 O  O   . CYS A 1 150 ? -11.685 4.837   -5.813  1.00 13.23 ? 138 CYS A O   1 
ATOM   1119 C  CB  . CYS A 1 150 ? -11.175 3.542   -2.773  1.00 13.34 ? 138 CYS A CB  1 
ATOM   1120 S  SG  . CYS A 1 150 ? -9.832  2.767   -1.851  1.00 18.78 ? 138 CYS A SG  1 
ATOM   1121 N  N   . GLU A 1 151 ? -12.879 5.781   -4.161  1.00 15.61 ? 139 GLU A N   1 
ATOM   1122 C  CA  . GLU A 1 151 ? -13.979 6.185   -5.048  1.00 15.66 ? 139 GLU A CA  1 
ATOM   1123 C  C   . GLU A 1 151 ? -13.495 7.120   -6.155  1.00 16.85 ? 139 GLU A C   1 
ATOM   1124 O  O   . GLU A 1 151 ? -13.949 7.046   -7.295  1.00 17.14 ? 139 GLU A O   1 
ATOM   1125 C  CB  . GLU A 1 151 ? -15.051 6.881   -4.239  1.00 14.64 ? 139 GLU A CB  1 
ATOM   1126 C  CG  . GLU A 1 151 ? -16.282 7.240   -5.069  1.00 15.22 ? 139 GLU A CG  1 
ATOM   1127 C  CD  . GLU A 1 151 ? -17.338 7.990   -4.252  1.00 17.27 ? 139 GLU A CD  1 
ATOM   1128 O  OE1 . GLU A 1 151 ? -18.266 8.599   -4.848  1.00 15.72 ? 139 GLU A OE1 1 
ATOM   1129 O  OE2 . GLU A 1 151 ? -17.243 7.959   -3.009  1.00 15.38 ? 139 GLU A OE2 1 
ATOM   1130 N  N   . GLU A 1 152 ? -12.560 7.992   -5.811  1.00 17.41 ? 140 GLU A N   1 
ATOM   1131 C  CA  . GLU A 1 152 ? -12.014 8.950   -6.766  1.00 18.24 ? 140 GLU A CA  1 
ATOM   1132 C  C   . GLU A 1 152 ? -11.172 8.248   -7.817  1.00 17.26 ? 140 GLU A C   1 
ATOM   1133 O  O   . GLU A 1 152 ? -10.897 8.822   -8.868  1.00 17.50 ? 140 GLU A O   1 
ATOM   1134 C  CB  . GLU A 1 152 ? -11.193 10.016  -6.035  1.00 19.62 ? 140 GLU A CB  1 
ATOM   1135 C  CG  . GLU A 1 152 ? -12.035 10.839  -5.062  1.00 26.47 ? 140 GLU A CG  1 
ATOM   1136 C  CD  . GLU A 1 152 ? -11.219 11.864  -4.286  1.00 32.21 ? 140 GLU A CD  1 
ATOM   1137 O  OE1 . GLU A 1 152 ? -9.981  11.702  -4.192  1.00 31.44 ? 140 GLU A OE1 1 
ATOM   1138 O  OE2 . GLU A 1 152 ? -11.823 12.827  -3.755  1.00 36.27 ? 140 GLU A OE2 1 
ATOM   1139 N  N   . HIS A 1 153 ? -10.767 7.008   -7.541  1.00 15.93 ? 141 HIS A N   1 
ATOM   1140 C  CA  . HIS A 1 153 ? -10.020 6.233   -8.517  1.00 15.79 ? 141 HIS A CA  1 
ATOM   1141 C  C   . HIS A 1 153 ? -10.852 5.159   -9.191  1.00 16.73 ? 141 HIS A C   1 
ATOM   1142 O  O   . HIS A 1 153 ? -10.303 4.269   -9.842  1.00 15.53 ? 141 HIS A O   1 
ATOM   1143 C  CB  . HIS A 1 153 ? -8.785  5.605   -7.884  1.00 16.49 ? 141 HIS A CB  1 
ATOM   1144 C  CG  . HIS A 1 153 ? -7.720  6.604   -7.613  1.00 18.76 ? 141 HIS A CG  1 
ATOM   1145 N  ND1 . HIS A 1 153 ? -7.725  7.411   -6.492  1.00 20.43 ? 141 HIS A ND1 1 
ATOM   1146 C  CD2 . HIS A 1 153 ? -6.696  7.029   -8.382  1.00 19.24 ? 141 HIS A CD2 1 
ATOM   1147 C  CE1 . HIS A 1 153 ? -6.744  8.285   -6.587  1.00 17.44 ? 141 HIS A CE1 1 
ATOM   1148 N  NE2 . HIS A 1 153 ? -6.109  8.075   -7.723  1.00 20.51 ? 141 HIS A NE2 1 
ATOM   1149 N  N   . GLY A 1 154 ? -12.174 5.238   -9.015  1.00 15.79 ? 142 GLY A N   1 
ATOM   1150 C  CA  . GLY A 1 154 ? -13.060 4.294   -9.663  1.00 16.56 ? 142 GLY A CA  1 
ATOM   1151 C  C   . GLY A 1 154 ? -13.105 2.910   -9.041  1.00 17.79 ? 142 GLY A C   1 
ATOM   1152 O  O   . GLY A 1 154 ? -13.428 1.945   -9.721  1.00 18.38 ? 142 GLY A O   1 
ATOM   1153 N  N   . ILE A 1 155 ? -12.809 2.814   -7.753  1.00 17.54 ? 143 ILE A N   1 
ATOM   1154 C  CA  . ILE A 1 155 ? -12.841 1.526   -7.070  1.00 18.12 ? 143 ILE A CA  1 
ATOM   1155 C  C   . ILE A 1 155 ? -14.010 1.537   -6.100  1.00 18.56 ? 143 ILE A C   1 
ATOM   1156 O  O   . ILE A 1 155 ? -14.044 2.309   -5.143  1.00 18.27 ? 143 ILE A O   1 
ATOM   1157 C  CB  . ILE A 1 155 ? -11.506 1.252   -6.285  1.00 18.88 ? 143 ILE A CB  1 
ATOM   1158 C  CG1 . ILE A 1 155 ? -10.323 1.204   -7.251  1.00 18.35 ? 143 ILE A CG1 1 
ATOM   1159 C  CG2 . ILE A 1 155 ? -11.555 -0.104  -5.601  1.00 15.70 ? 143 ILE A CG2 1 
ATOM   1160 C  CD1 . ILE A 1 155 ? -8.976  1.188   -6.546  1.00 19.79 ? 143 ILE A CD1 1 
ATOM   1161 N  N   . LEU A 1 156 ? -14.971 0.669   -6.378  1.00 20.06 ? 144 LEU A N   1 
ATOM   1162 C  CA  . LEU A 1 156 ? -16.181 0.514   -5.573  1.00 20.63 ? 144 LEU A CA  1 
ATOM   1163 C  C   . LEU A 1 156 ? -15.877 0.046   -4.166  1.00 20.14 ? 144 LEU A C   1 
ATOM   1164 O  O   . LEU A 1 156 ? -14.937 -0.740  -3.972  1.00 19.32 ? 144 LEU A O   1 
ATOM   1165 C  CB  . LEU A 1 156 ? -17.055 -0.563  -6.214  1.00 23.56 ? 144 LEU A CB  1 
ATOM   1166 C  CG  . LEU A 1 156 ? -17.755 -0.254  -7.532  1.00 25.08 ? 144 LEU A CG  1 
ATOM   1167 C  CD1 . LEU A 1 156 ? -18.306 -1.554  -8.124  1.00 26.98 ? 144 LEU A CD1 1 
ATOM   1168 C  CD2 . LEU A 1 156 ? -18.855 0.753   -7.274  1.00 24.52 ? 144 LEU A CD2 1 
ATOM   1169 N  N   . ARG A 1 157 ? -16.688 0.466   -3.197  1.00 19.75 ? 145 ARG A N   1 
ATOM   1170 C  CA  . ARG A 1 157 ? -16.486 -0.007  -1.829  1.00 22.07 ? 145 ARG A CA  1 
ATOM   1171 C  C   . ARG A 1 157 ? -16.508 -1.530  -1.725  1.00 21.72 ? 145 ARG A C   1 
ATOM   1172 O  O   . ARG A 1 157 ? -15.788 -2.090  -0.913  1.00 22.29 ? 145 ARG A O   1 
ATOM   1173 C  CB  . ARG A 1 157 ? -17.539 0.546   -0.875  1.00 24.19 ? 145 ARG A CB  1 
ATOM   1174 C  CG  . ARG A 1 157 ? -17.143 1.842   -0.208  1.00 26.14 ? 145 ARG A CG  1 
ATOM   1175 C  CD  . ARG A 1 157 ? -18.365 2.533   0.327   1.00 27.77 ? 145 ARG A CD  1 
ATOM   1176 N  NE  . ARG A 1 157 ? -18.156 3.958   0.553   1.00 28.00 ? 145 ARG A NE  1 
ATOM   1177 C  CZ  . ARG A 1 157 ? -17.806 4.499   1.716   1.00 26.25 ? 145 ARG A CZ  1 
ATOM   1178 N  NH1 . ARG A 1 157 ? -17.610 3.745   2.782   1.00 24.74 ? 145 ARG A NH1 1 
ATOM   1179 N  NH2 . ARG A 1 157 ? -17.669 5.809   1.802   1.00 26.72 ? 145 ARG A NH2 1 
ATOM   1180 N  N   . GLU A 1 158 ? -17.329 -2.212  -2.525  1.00 22.26 ? 146 GLU A N   1 
ATOM   1181 C  CA  . GLU A 1 158 ? -17.361 -3.684  -2.425  1.00 21.65 ? 146 GLU A CA  1 
ATOM   1182 C  C   . GLU A 1 158 ? -16.022 -4.306  -2.831  1.00 20.79 ? 146 GLU A C   1 
ATOM   1183 O  O   . GLU A 1 158 ? -15.779 -5.505  -2.614  1.00 19.31 ? 146 GLU A O   1 
ATOM   1184 C  CB  . GLU A 1 158 ? -18.505 -4.265  -3.260  1.00 24.44 ? 146 GLU A CB  1 
ATOM   1185 C  CG  . GLU A 1 158 ? -18.383 -4.034  -4.727  1.00 30.56 ? 146 GLU A CG  1 
ATOM   1186 C  CD  . GLU A 1 158 ? -19.591 -4.570  -5.475  1.00 36.02 ? 146 GLU A CD  1 
ATOM   1187 O  OE1 . GLU A 1 158 ? -20.726 -4.315  -5.011  1.00 38.96 ? 146 GLU A OE1 1 
ATOM   1188 O  OE2 . GLU A 1 158 ? -19.406 -5.232  -6.530  1.00 38.38 ? 146 GLU A OE2 1 
ATOM   1189 N  N   . ASN A 1 159 ? -15.145 -3.500  -3.431  1.00 18.39 ? 147 ASN A N   1 
ATOM   1190 C  CA  . ASN A 1 159 ? -13.816 -3.993  -3.791  1.00 18.30 ? 147 ASN A CA  1 
ATOM   1191 C  C   . ASN A 1 159 ? -12.759 -3.495  -2.784  1.00 17.63 ? 147 ASN A C   1 
ATOM   1192 O  O   . ASN A 1 159 ? -11.565 -3.501  -3.061  1.00 15.71 ? 147 ASN A O   1 
ATOM   1193 C  CB  . ASN A 1 159 ? -13.419 -3.550  -5.196  1.00 17.92 ? 147 ASN A CB  1 
ATOM   1194 C  CG  . ASN A 1 159 ? -13.919 -4.502  -6.277  1.00 21.87 ? 147 ASN A CG  1 
ATOM   1195 O  OD1 . ASN A 1 159 ? -13.411 -4.508  -7.400  1.00 28.02 ? 147 ASN A OD1 1 
ATOM   1196 N  ND2 . ASN A 1 159 ? -14.895 -5.303  -5.950  1.00 19.20 ? 147 ASN A ND2 1 
ATOM   1197 N  N   . ILE A 1 160 ? -13.213 -3.045  -1.622  1.00 17.54 ? 148 ILE A N   1 
ATOM   1198 C  CA  . ILE A 1 160 ? -12.312 -2.573  -0.580  1.00 16.95 ? 148 ILE A CA  1 
ATOM   1199 C  C   . ILE A 1 160 ? -12.370 -3.582  0.582   1.00 17.45 ? 148 ILE A C   1 
ATOM   1200 O  O   . ILE A 1 160 ? -13.424 -3.807  1.157   1.00 17.48 ? 148 ILE A O   1 
ATOM   1201 C  CB  . ILE A 1 160 ? -12.761 -1.201  -0.065  1.00 18.39 ? 148 ILE A CB  1 
ATOM   1202 C  CG1 . ILE A 1 160 ? -12.700 -0.155  -1.179  1.00 16.91 ? 148 ILE A CG1 1 
ATOM   1203 C  CG2 . ILE A 1 160 ? -11.891 -0.762  1.076   1.00 16.78 ? 148 ILE A CG2 1 
ATOM   1204 C  CD1 . ILE A 1 160 ? -13.236 1.237   -0.652  1.00 18.35 ? 148 ILE A CD1 1 
ATOM   1205 N  N   . ILE A 1 161 ? -11.244 -4.179  0.942   1.00 16.60 ? 149 ILE A N   1 
ATOM   1206 C  CA  . ILE A 1 161 ? -11.250 -5.173  2.022   1.00 17.54 ? 149 ILE A CA  1 
ATOM   1207 C  C   . ILE A 1 161 ? -10.478 -4.746  3.276   1.00 18.30 ? 149 ILE A C   1 
ATOM   1208 O  O   . ILE A 1 161 ? -9.271  -4.526  3.217   1.00 19.11 ? 149 ILE A O   1 
ATOM   1209 C  CB  . ILE A 1 161 ? -10.646 -6.494  1.528   1.00 17.05 ? 149 ILE A CB  1 
ATOM   1210 C  CG1 . ILE A 1 161 ? -11.377 -6.943  0.249   1.00 18.04 ? 149 ILE A CG1 1 
ATOM   1211 C  CG2 . ILE A 1 161 ? -10.774 -7.573  2.622   1.00 17.39 ? 149 ILE A CG2 1 
ATOM   1212 C  CD1 . ILE A 1 161 ? -10.719 -8.181  -0.403  1.00 18.33 ? 149 ILE A CD1 1 
ATOM   1213 N  N   . ASP A 1 162 ? -11.183 -4.657  4.402   1.00 19.44 ? 150 ASP A N   1 
ATOM   1214 C  CA  . ASP A 1 162 ? -10.594 -4.264  5.695   1.00 19.96 ? 150 ASP A CA  1 
ATOM   1215 C  C   . ASP A 1 162 ? -9.955  -5.515  6.260   1.00 21.62 ? 150 ASP A C   1 
ATOM   1216 O  O   . ASP A 1 162 ? -10.660 -6.485  6.558   1.00 20.39 ? 150 ASP A O   1 
ATOM   1217 C  CB  . ASP A 1 162 ? -11.661 -3.782  6.679   1.00 20.86 ? 150 ASP A CB  1 
ATOM   1218 C  CG  . ASP A 1 162 ? -11.047 -3.285  8.009   1.00 21.47 ? 150 ASP A CG  1 
ATOM   1219 O  OD1 . ASP A 1 162 ? -10.163 -3.964  8.548   1.00 21.82 ? 150 ASP A OD1 1 
ATOM   1220 O  OD2 . ASP A 1 162 ? -11.452 -2.214  8.496   1.00 22.20 ? 150 ASP A OD2 1 
ATOM   1221 N  N   . LEU A 1 163 ? -8.633  -5.488  6.421   1.00 21.38 ? 151 LEU A N   1 
ATOM   1222 C  CA  . LEU A 1 163 ? -7.905  -6.655  6.907   1.00 23.42 ? 151 LEU A CA  1 
ATOM   1223 C  C   . LEU A 1 163 ? -7.341  -6.465  8.314   1.00 24.81 ? 151 LEU A C   1 
ATOM   1224 O  O   . LEU A 1 163 ? -6.469  -7.237  8.740   1.00 25.05 ? 151 LEU A O   1 
ATOM   1225 C  CB  . LEU A 1 163 ? -6.748  -6.964  5.940   1.00 20.50 ? 151 LEU A CB  1 
ATOM   1226 C  CG  . LEU A 1 163 ? -7.149  -7.426  4.544   1.00 22.16 ? 151 LEU A CG  1 
ATOM   1227 C  CD1 . LEU A 1 163 ? -5.946  -7.309  3.560   1.00 19.73 ? 151 LEU A CD1 1 
ATOM   1228 C  CD2 . LEU A 1 163 ? -7.658  -8.884  4.618   1.00 21.45 ? 151 LEU A CD2 1 
ATOM   1229 N  N   . SER A 1 164 ? -7.859  -5.470  9.030   1.00 27.28 ? 152 SER A N   1 
ATOM   1230 C  CA  . SER A 1 164 ? -7.379  -5.124  10.363  1.00 31.03 ? 152 SER A CA  1 
ATOM   1231 C  C   . SER A 1 164 ? -7.489  -6.215  11.418  1.00 35.26 ? 152 SER A C   1 
ATOM   1232 O  O   . SER A 1 164 ? -6.669  -6.269  12.336  1.00 36.83 ? 152 SER A O   1 
ATOM   1233 C  CB  . SER A 1 164 ? -8.047  -3.830  10.859  1.00 26.95 ? 152 SER A CB  1 
ATOM   1234 O  OG  . SER A 1 164 ? -9.459  -3.946  10.945  1.00 23.60 ? 152 SER A OG  1 
ATOM   1235 N  N   . ASN A 1 165 ? -8.485  -7.078  11.311  1.00 40.54 ? 153 ASN A N   1 
ATOM   1236 C  CA  . ASN A 1 165 ? -8.588  -8.165  12.274  1.00 46.19 ? 153 ASN A CA  1 
ATOM   1237 C  C   . ASN A 1 165 ? -7.892  -9.418  11.708  1.00 46.78 ? 153 ASN A C   1 
ATOM   1238 O  O   . ASN A 1 165 ? -8.103  -10.535 12.199  1.00 46.33 ? 153 ASN A O   1 
ATOM   1239 C  CB  . ASN A 1 165 ? -10.060 -8.463  12.608  1.00 51.76 ? 153 ASN A CB  1 
ATOM   1240 C  CG  . ASN A 1 165 ? -10.753 -7.298  13.330  1.00 57.34 ? 153 ASN A CG  1 
ATOM   1241 O  OD1 . ASN A 1 165 ? -10.113 -6.498  14.027  1.00 60.26 ? 153 ASN A OD1 1 
ATOM   1242 N  ND2 . ASN A 1 165 ? -12.075 -7.215  13.179  1.00 59.75 ? 153 ASN A ND2 1 
ATOM   1243 N  N   . ALA A 1 166 ? -7.055  -9.227  10.683  1.00 46.35 ? 154 ALA A N   1 
ATOM   1244 C  CA  . ALA A 1 166 ? -6.320  -10.339 10.058  1.00 46.27 ? 154 ALA A CA  1 
ATOM   1245 C  C   . ALA A 1 166 ? -4.862  -10.029 9.670   1.00 46.71 ? 154 ALA A C   1 
ATOM   1246 O  O   . ALA A 1 166 ? -4.251  -10.809 8.936   1.00 45.91 ? 154 ALA A O   1 
ATOM   1247 C  CB  . ALA A 1 166 ? -7.064  -10.813 8.821   1.00 44.54 ? 154 ALA A CB  1 
ATOM   1248 N  N   . ASN A 1 167 ? -4.304  -8.916  10.159  1.00 47.95 ? 155 ASN A N   1 
ATOM   1249 C  CA  . ASN A 1 167 ? -2.933  -8.524  9.804   1.00 50.06 ? 155 ASN A CA  1 
ATOM   1250 C  C   . ASN A 1 167 ? -1.789  -8.987  10.721  1.00 53.01 ? 155 ASN A C   1 
ATOM   1251 O  O   . ASN A 1 167 ? -0.618  -8.720  10.442  1.00 53.01 ? 155 ASN A O   1 
ATOM   1252 C  CB  . ASN A 1 167 ? -2.856  -6.990  9.575   1.00 47.19 ? 155 ASN A CB  1 
ATOM   1253 C  CG  . ASN A 1 167 ? -3.303  -6.166  10.790  1.00 46.23 ? 155 ASN A CG  1 
ATOM   1254 O  OD1 . ASN A 1 167 ? -3.554  -4.948  10.678  1.00 44.27 ? 155 ASN A OD1 1 
ATOM   1255 N  ND2 . ASN A 1 167 ? -3.392  -6.810  11.948  1.00 42.18 ? 155 ASN A ND2 1 
ATOM   1256 N  N   . ARG A 1 168 ? -2.111  -9.685  11.806  1.00 57.14 ? 156 ARG A N   1 
ATOM   1257 C  CA  . ARG A 1 168 ? -1.063  -10.178 12.703  1.00 61.56 ? 156 ARG A CA  1 
ATOM   1258 C  C   . ARG A 1 168 ? -0.852  -11.677 12.509  1.00 62.72 ? 156 ARG A C   1 
ATOM   1259 O  O   . ARG A 1 168 ? -1.778  -12.398 12.142  1.00 63.40 ? 156 ARG A O   1 
ATOM   1260 C  CB  . ARG A 1 168 ? -1.418  -9.909  14.163  1.00 63.31 ? 156 ARG A CB  1 
ATOM   1261 C  CG  . ARG A 1 168 ? -1.573  -8.447  14.532  1.00 65.47 ? 156 ARG A CG  1 
ATOM   1262 C  CD  . ARG A 1 168 ? -1.984  -8.387  15.989  1.00 67.01 ? 156 ARG A CD  1 
ATOM   1263 N  NE  . ARG A 1 168 ? -2.753  -7.196  16.315  1.00 68.06 ? 156 ARG A NE  1 
ATOM   1264 C  CZ  . ARG A 1 168 ? -3.827  -6.790  15.647  1.00 68.50 ? 156 ARG A CZ  1 
ATOM   1265 N  NH1 . ARG A 1 168 ? -4.269  -7.472  14.601  1.00 67.67 ? 156 ARG A NH1 1 
ATOM   1266 N  NH2 . ARG A 1 168 ? -4.470  -5.699  16.037  1.00 70.26 ? 156 ARG A NH2 1 
ATOM   1267 N  N   . CYS A 1 169 ? 0.364   -12.137 12.778  1.00 64.22 ? 157 CYS A N   1 
ATOM   1268 C  CA  . CYS A 1 169 ? 0.717   -13.543 12.607  1.00 65.33 ? 157 CYS A CA  1 
ATOM   1269 C  C   . CYS A 1 169 ? 0.596   -14.466 13.814  1.00 67.27 ? 157 CYS A C   1 
ATOM   1270 O  O   . CYS A 1 169 ? 0.261   -13.982 14.917  1.00 68.78 ? 157 CYS A O   1 
ATOM   1271 C  CB  . CYS A 1 169 ? 2.127   -13.621 12.042  1.00 62.98 ? 157 CYS A CB  1 
ATOM   1272 S  SG  . CYS A 1 169 ? 2.113   -13.009 10.335  1.00 58.89 ? 157 CYS A SG  1 
HETATM 1273 CD CD  . CD  B 2 .   ? -19.514 8.948   -2.831  1.00 20.10 ? 200 CD  A CD  1 
HETATM 1274 CD CD  . CD  C 2 .   ? 16.807  14.333  6.901   1.00 37.00 ? 201 CD  A CD  1 
HETATM 1275 CD CD  . CD  D 2 .   ? -1.802  7.424   -8.802  0.50 31.25 ? 199 CD  A CD  1 
HETATM 1276 CD CD  . CD  E 2 .   ? -4.280  9.722   -7.936  0.50 34.74 ? 198 CD  A CD  1 
HETATM 1277 CD CD  . CD  F 2 .   ? 0.023   14.355  12.826  1.00 53.69 ? 202 CD  A CD  1 
HETATM 1278 C  CAA . HE2 G 3 .   ? 4.132   -4.500  -5.151  1.00 33.26 ? 500 HE2 A CAA 1 
HETATM 1279 C  CAC . HE2 G 3 .   ? 2.735   -4.841  -4.627  1.00 35.04 ? 500 HE2 A CAC 1 
HETATM 1280 C  CAE . HE2 G 3 .   ? 2.472   -4.136  -3.294  1.00 36.41 ? 500 HE2 A CAE 1 
HETATM 1281 C  CAG . HE2 G 3 .   ? 1.173   -4.615  -2.638  1.00 36.01 ? 500 HE2 A CAG 1 
HETATM 1282 C  CAF . HE2 G 3 .   ? 1.060   -4.043  -1.224  1.00 34.86 ? 500 HE2 A CAF 1 
HETATM 1283 C  CAD . HE2 G 3 .   ? -0.128  -4.641  -0.465  1.00 33.48 ? 500 HE2 A CAD 1 
HETATM 1284 O  OAB . HE2 G 3 .   ? -0.093  -4.188  0.893   1.00 25.58 ? 500 HE2 A OAB 1 
HETATM 1285 O  O   . HOH H 4 .   ? -13.928 -12.823 -5.739  1.00 19.71 ? 204 HOH A O   1 
HETATM 1286 O  O   . HOH H 4 .   ? 3.944   -14.038 -10.665 1.00 16.51 ? 205 HOH A O   1 
HETATM 1287 O  O   . HOH H 4 .   ? -11.613 -2.554  13.433  1.00 29.24 ? 208 HOH A O   1 
HETATM 1288 O  O   . HOH H 4 .   ? 2.398   -6.126  -19.019 1.00 17.42 ? 209 HOH A O   1 
HETATM 1289 O  O   . HOH H 4 .   ? -14.110 12.636  -2.863  1.00 25.49 ? 210 HOH A O   1 
HETATM 1290 O  O   . HOH H 4 .   ? -7.576  6.174   -10.932 0.50 22.06 ? 211 HOH A O   1 
HETATM 1291 O  O   . HOH H 4 .   ? -8.192  10.261  -9.031  1.00 19.94 ? 212 HOH A O   1 
HETATM 1292 O  O   . HOH H 4 .   ? -20.255 6.586   -3.080  1.00 17.90 ? 213 HOH A O   1 
HETATM 1293 O  O   . HOH H 4 .   ? -2.588  3.500   13.172  1.00 22.38 ? 214 HOH A O   1 
HETATM 1294 O  O   . HOH H 4 .   ? -14.120 -5.738  4.524   1.00 22.89 ? 216 HOH A O   1 
HETATM 1295 O  O   . HOH H 4 .   ? 2.872   -0.565  -13.623 1.00 21.57 ? 217 HOH A O   1 
HETATM 1296 O  O   . HOH H 4 .   ? 4.547   -5.818  -17.339 1.00 17.65 ? 218 HOH A O   1 
HETATM 1297 O  O   . HOH H 4 .   ? 0.250   -5.683  8.191   1.00 17.17 ? 219 HOH A O   1 
HETATM 1298 O  O   . HOH H 4 .   ? -15.868 5.216   -8.025  1.00 17.12 ? 220 HOH A O   1 
HETATM 1299 O  O   . HOH H 4 .   ? -1.814  -6.559  -14.555 1.00 17.98 ? 221 HOH A O   1 
HETATM 1300 O  O   . HOH H 4 .   ? -16.402 9.261   9.690   1.00 31.73 ? 222 HOH A O   1 
HETATM 1301 O  O   . HOH H 4 .   ? -8.999  -2.223  16.424  1.00 22.06 ? 223 HOH A O   1 
HETATM 1302 O  O   . HOH H 4 .   ? -6.510  6.428   13.578  1.00 19.27 ? 224 HOH A O   1 
HETATM 1303 O  O   . HOH H 4 .   ? -21.518 -3.572  -7.789  1.00 32.54 ? 225 HOH A O   1 
HETATM 1304 O  O   . HOH H 4 .   ? -7.152  -11.117 -17.855 1.00 31.70 ? 226 HOH A O   1 
HETATM 1305 O  O   . HOH H 4 .   ? -0.968  -4.741  -23.826 1.00 25.20 ? 228 HOH A O   1 
HETATM 1306 O  O   . HOH H 4 .   ? 12.117  -1.216  -10.161 1.00 31.42 ? 229 HOH A O   1 
HETATM 1307 O  O   . HOH H 4 .   ? 3.328   14.832  15.055  1.00 29.33 ? 230 HOH A O   1 
HETATM 1308 O  O   . HOH H 4 .   ? -0.377  -9.268  -11.368 1.00 23.32 ? 231 HOH A O   1 
HETATM 1309 O  O   . HOH H 4 .   ? -6.289  -5.360  -17.871 1.00 25.15 ? 232 HOH A O   1 
HETATM 1310 O  O   . HOH H 4 .   ? -8.062  -3.248  -14.949 1.00 29.71 ? 233 HOH A O   1 
HETATM 1311 O  O   . HOH H 4 .   ? 11.397  13.817  0.661   1.00 29.72 ? 235 HOH A O   1 
HETATM 1312 O  O   . HOH H 4 .   ? -7.335  -1.004  -13.969 1.00 17.15 ? 236 HOH A O   1 
HETATM 1313 O  O   . HOH H 4 .   ? 12.854  -6.245  -4.847  1.00 39.07 ? 237 HOH A O   1 
HETATM 1314 O  O   . HOH H 4 .   ? -13.285 -6.922  -9.490  1.00 31.08 ? 238 HOH A O   1 
HETATM 1315 O  O   . HOH H 4 .   ? -17.125 7.465   13.275  1.00 42.07 ? 239 HOH A O   1 
HETATM 1316 O  O   . HOH H 4 .   ? 3.004   2.215   -14.530 1.00 32.92 ? 240 HOH A O   1 
HETATM 1317 O  O   . HOH H 4 .   ? 0.885   4.126   20.107  1.00 25.71 ? 241 HOH A O   1 
HETATM 1318 O  O   . HOH H 4 .   ? -16.539 6.145   -1.133  1.00 28.35 ? 242 HOH A O   1 
HETATM 1319 O  O   . HOH H 4 .   ? 7.182   -10.523 -12.019 1.00 33.47 ? 243 HOH A O   1 
HETATM 1320 O  O   . HOH H 4 .   ? -11.648 1.440   13.126  1.00 25.30 ? 244 HOH A O   1 
HETATM 1321 O  O   . HOH H 4 .   ? -17.978 10.593  3.935   1.00 22.46 ? 245 HOH A O   1 
HETATM 1322 O  O   . HOH H 4 .   ? 14.927  9.006   -0.118  1.00 35.06 ? 246 HOH A O   1 
HETATM 1323 O  O   . HOH H 4 .   ? -2.993  -11.383 -20.718 1.00 24.39 ? 247 HOH A O   1 
HETATM 1324 O  O   . HOH H 4 .   ? -3.684  -8.260  -14.379 1.00 32.04 ? 248 HOH A O   1 
HETATM 1325 O  O   . HOH H 4 .   ? 1.715   4.984   -10.611 1.00 43.04 ? 249 HOH A O   1 
HETATM 1326 O  O   . HOH H 4 .   ? 13.069  -1.852  -7.815  1.00 37.06 ? 250 HOH A O   1 
HETATM 1327 O  O   . HOH H 4 .   ? 0.333   10.880  -5.524  1.00 37.73 ? 251 HOH A O   1 
HETATM 1328 O  O   . HOH H 4 .   ? 7.328   10.112  10.941  1.00 27.65 ? 252 HOH A O   1 
HETATM 1329 O  O   . HOH H 4 .   ? 12.240  -4.428  -8.313  1.00 41.60 ? 254 HOH A O   1 
HETATM 1330 O  O   . HOH H 4 .   ? -14.219 -1.045  -8.945  1.00 34.19 ? 255 HOH A O   1 
HETATM 1331 O  O   . HOH H 4 .   ? -7.170  -14.854 -5.393  1.00 39.31 ? 256 HOH A O   1 
HETATM 1332 O  O   . HOH H 4 .   ? -0.656  8.552   16.038  1.00 26.39 ? 257 HOH A O   1 
HETATM 1333 O  O   . HOH H 4 .   ? -9.475  10.196  12.950  1.00 38.58 ? 258 HOH A O   1 
HETATM 1334 O  O   . HOH H 4 .   ? 5.219   17.030  4.490   1.00 33.18 ? 259 HOH A O   1 
HETATM 1335 O  O   . HOH H 4 .   ? 17.756  9.645   6.218   1.00 50.95 ? 260 HOH A O   1 
HETATM 1336 O  O   . HOH H 4 .   ? -4.941  -10.523 -21.956 1.00 30.30 ? 261 HOH A O   1 
HETATM 1337 O  O   . HOH H 4 .   ? 7.040   -11.791 -8.503  1.00 33.84 ? 262 HOH A O   1 
HETATM 1338 O  O   . HOH H 4 .   ? -9.133  13.546  -2.254  1.00 47.62 ? 263 HOH A O   1 
HETATM 1339 O  O   . HOH H 4 .   ? -12.918 5.201   15.233  1.00 28.18 ? 264 HOH A O   1 
HETATM 1340 O  O   . HOH H 4 .   ? 7.686   15.129  -3.967  1.00 42.06 ? 265 HOH A O   1 
HETATM 1341 O  O   . HOH H 4 .   ? -13.974 -1.390  7.517   1.00 33.36 ? 266 HOH A O   1 
HETATM 1342 O  O   . HOH H 4 .   ? 5.011   -4.035  11.941  1.00 37.81 ? 267 HOH A O   1 
HETATM 1343 O  O   . HOH H 4 .   ? -13.374 -7.670  6.199   1.00 47.57 ? 268 HOH A O   1 
HETATM 1344 O  O   . HOH H 4 .   ? 17.741  -2.832  8.364   1.00 54.67 ? 269 HOH A O   1 
HETATM 1345 O  O   . HOH H 4 .   ? -1.268  16.507  -0.091  1.00 50.24 ? 270 HOH A O   1 
HETATM 1346 O  O   . HOH H 4 .   ? -13.445 7.735   13.682  1.00 37.08 ? 271 HOH A O   1 
HETATM 1347 O  O   . HOH H 4 .   ? 5.779   11.912  14.669  1.00 31.39 ? 272 HOH A O   1 
HETATM 1348 O  O   . HOH H 4 .   ? -1.435  -11.428 8.941   1.00 39.72 ? 273 HOH A O   1 
HETATM 1349 O  O   . HOH H 4 .   ? 5.736   -24.377 6.988   1.00 56.64 ? 274 HOH A O   1 
HETATM 1350 O  O   . HOH H 4 .   ? -2.444  -14.358 -0.239  1.00 36.81 ? 275 HOH A O   1 
HETATM 1351 O  O   . HOH H 4 .   ? -11.068 -11.575 1.471   1.00 41.21 ? 276 HOH A O   1 
HETATM 1352 O  O   . HOH H 4 .   ? -14.741 10.421  -3.170  1.00 27.30 ? 277 HOH A O   1 
HETATM 1353 O  O   . HOH H 4 .   ? -12.763 -6.147  9.971   1.00 47.85 ? 278 HOH A O   1 
HETATM 1354 O  O   . HOH H 4 .   ? 4.204   16.290  13.312  1.00 8.70  ? 280 HOH A O   1 
HETATM 1355 O  O   . HOH H 4 .   ? 1.360   19.005  -0.261  1.00 17.64 ? 281 HOH A O   1 
HETATM 1356 O  O   . HOH H 4 .   ? 6.961   -10.700 10.139  1.00 31.91 ? 283 HOH A O   1 
HETATM 1357 O  O   . HOH H 4 .   ? -11.060 -0.064  -13.472 0.50 26.79 ? 284 HOH A O   1 
HETATM 1358 O  O   . HOH H 4 .   ? -3.290  -13.143 -7.488  1.00 25.37 ? 285 HOH A O   1 
HETATM 1359 O  O   . HOH H 4 .   ? 11.045  12.477  -1.956  1.00 31.06 ? 286 HOH A O   1 
HETATM 1360 O  O   . HOH H 4 .   ? 11.505  6.483   11.426  1.00 34.74 ? 287 HOH A O   1 
HETATM 1361 O  O   . HOH H 4 .   ? 1.796   4.425   -14.236 1.00 31.88 ? 288 HOH A O   1 
HETATM 1362 O  O   . HOH H 4 .   ? -18.468 4.799   -2.675  1.00 39.63 ? 289 HOH A O   1 
HETATM 1363 O  O   . HOH H 4 .   ? -5.794  -11.655 -15.983 1.00 40.08 ? 290 HOH A O   1 
HETATM 1364 O  O   . HOH H 4 .   ? 11.102  8.980   -7.554  1.00 29.14 ? 291 HOH A O   1 
HETATM 1365 O  O   . HOH H 4 .   ? 4.827   3.736   -15.548 1.00 33.04 ? 292 HOH A O   1 
HETATM 1366 O  O   . HOH H 4 .   ? 18.900  3.753   -2.239  1.00 32.40 ? 293 HOH A O   1 
HETATM 1367 O  O   . HOH H 4 .   ? -4.060  12.777  10.985  1.00 28.11 ? 294 HOH A O   1 
HETATM 1368 O  O   . HOH H 4 .   ? -4.674  14.452  9.572   1.00 41.95 ? 295 HOH A O   1 
HETATM 1369 O  O   . HOH H 4 .   ? -1.171  10.750  -7.271  1.00 34.69 ? 296 HOH A O   1 
HETATM 1370 O  O   . HOH H 4 .   ? 9.062   -16.601 6.422   1.00 43.20 ? 297 HOH A O   1 
HETATM 1371 O  O   . HOH H 4 .   ? -9.850  11.298  0.912   1.00 38.85 ? 299 HOH A O   1 
HETATM 1372 O  O   . HOH H 4 .   ? 4.797   -4.459  15.100  1.00 48.34 ? 300 HOH A O   1 
HETATM 1373 O  O   . HOH H 4 .   ? -0.165  -6.206  11.184  1.00 40.41 ? 301 HOH A O   1 
HETATM 1374 O  O   . HOH H 4 .   ? 14.362  -0.050  -4.703  1.00 57.85 ? 302 HOH A O   1 
HETATM 1375 O  O   . HOH H 4 .   ? 0.942   5.603   17.279  1.00 38.52 ? 303 HOH A O   1 
HETATM 1376 O  O   . HOH H 4 .   ? -11.665 -9.916  5.906   1.00 50.49 ? 304 HOH A O   1 
HETATM 1377 O  O   . HOH H 4 .   ? -1.829  -13.157 2.022   1.00 33.58 ? 305 HOH A O   1 
HETATM 1378 O  O   . HOH H 4 .   ? -7.424  -6.832  -20.187 1.00 49.36 ? 306 HOH A O   1 
HETATM 1379 O  O   . HOH H 4 .   ? -5.000  -13.435 4.648   1.00 40.79 ? 307 HOH A O   1 
HETATM 1380 O  O   . HOH H 4 .   ? 5.898   8.700   12.890  1.00 31.42 ? 308 HOH A O   1 
HETATM 1381 O  O   . HOH H 4 .   ? -18.960 9.368   9.229   1.00 48.05 ? 309 HOH A O   1 
HETATM 1382 O  O   . HOH H 4 .   ? -2.852  13.445  -3.573  1.00 43.99 ? 310 HOH A O   1 
HETATM 1383 O  O   . HOH H 4 .   ? 9.562   -1.701  11.158  1.00 44.00 ? 311 HOH A O   1 
HETATM 1384 O  O   . HOH H 4 .   ? 0.404   -15.737 -2.782  1.00 51.44 ? 312 HOH A O   1 
HETATM 1385 O  O   . HOH H 4 .   ? -1.723  -12.584 -9.992  1.00 38.86 ? 313 HOH A O   1 
HETATM 1386 O  O   . HOH H 4 .   ? 16.701  3.873   -6.978  1.00 50.46 ? 314 HOH A O   1 
HETATM 1387 O  O   . HOH H 4 .   ? -10.138 -15.211 -5.196  1.00 46.25 ? 315 HOH A O   1 
HETATM 1388 O  O   . HOH H 4 .   ? -20.922 -6.730  -7.767  1.00 56.80 ? 316 HOH A O   1 
HETATM 1389 O  O   . HOH H 4 .   ? -6.119  -4.525  14.377  1.00 38.73 ? 317 HOH A O   1 
HETATM 1390 O  O   . HOH H 4 .   ? -7.113  -21.216 14.625  1.00 51.88 ? 318 HOH A O   1 
HETATM 1391 O  O   . HOH H 4 .   ? -18.173 10.855  -2.180  1.00 16.09 ? 319 HOH A O   1 
HETATM 1392 O  O   . HOH H 4 .   ? -21.214 9.714   -4.413  1.00 23.35 ? 320 HOH A O   1 
HETATM 1393 O  O   . HOH H 4 .   ? 2.985   17.290  0.020   1.00 29.08 ? 321 HOH A O   1 
HETATM 1394 O  O   . HOH H 4 .   ? 17.902  16.541  6.654   1.00 22.11 ? 322 HOH A O   1 
HETATM 1395 O  O   . HOH H 4 .   ? 17.691  13.598  5.441   1.00 27.13 ? 323 HOH A O   1 
HETATM 1396 O  O   . HOH H 4 .   ? 16.717  13.908  9.125   1.00 20.60 ? 324 HOH A O   1 
HETATM 1397 O  O   . HOH H 4 .   ? -9.276  -15.584 -11.404 1.00 29.76 ? 325 HOH A O   1 
HETATM 1398 O  O   . HOH H 4 .   ? -8.915  -14.182 -12.699 1.00 28.27 ? 326 HOH A O   1 
HETATM 1399 O  O   . HOH H 4 .   ? 15.740  1.223   8.489   1.00 31.50 ? 412 HOH A O   1 
HETATM 1400 O  O   . HOH H 4 .   ? 2.390   -4.396  16.258  1.00 27.22 ? 413 HOH A O   1 
HETATM 1401 O  O   . HOH H 4 .   ? -2.053  13.717  11.915  1.00 30.00 ? 414 HOH A O   1 
HETATM 1402 O  O   . HOH H 4 .   ? -12.320 -2.320  -14.390 0.50 41.48 ? 415 HOH A O   1 
HETATM 1403 O  O   . HOH H 4 .   ? 6.772   -3.320  16.079  1.00 46.33 ? 416 HOH A O   1 
HETATM 1404 O  O   . HOH H 4 .   ? -14.245 -10.072 1.053   1.00 38.96 ? 417 HOH A O   1 
HETATM 1405 O  O   . HOH H 4 .   ? 11.474  1.817   -13.045 1.00 41.72 ? 418 HOH A O   1 
HETATM 1406 O  O   . HOH H 4 .   ? -15.368 3.612   -2.927  1.00 36.53 ? 419 HOH A O   1 
HETATM 1407 O  O   . HOH H 4 .   ? -24.069 -3.287  -7.531  1.00 50.23 ? 420 HOH A O   1 
HETATM 1408 O  O   . HOH H 4 .   ? -11.365 -10.256 -9.792  1.00 39.52 ? 421 HOH A O   1 
HETATM 1409 O  O   . HOH H 4 .   ? -12.099 -13.851 2.666   1.00 49.19 ? 422 HOH A O   1 
HETATM 1410 O  O   . HOH H 4 .   ? 10.229  10.167  -2.805  1.00 42.96 ? 423 HOH A O   1 
HETATM 1411 O  O   . HOH H 4 .   ? 7.369   3.986   -14.976 1.00 53.37 ? 424 HOH A O   1 
HETATM 1412 O  O   . HOH H 4 .   ? -18.872 10.351  7.063   1.00 45.51 ? 425 HOH A O   1 
HETATM 1413 O  O   . HOH H 4 .   ? -7.431  12.071  1.262   1.00 46.13 ? 426 HOH A O   1 
HETATM 1414 O  O   . HOH H 4 .   ? 9.572   8.228   11.637  1.00 54.10 ? 427 HOH A O   1 
HETATM 1415 O  O   . HOH H 4 .   ? 4.341   14.804  11.241  1.00 38.48 ? 428 HOH A O   1 
HETATM 1416 O  O   . HOH H 4 .   ? -8.155  -3.372  -17.589 1.00 43.13 ? 429 HOH A O   1 
HETATM 1417 O  O   . HOH H 4 .   ? -0.435  6.190   15.544  1.00 44.85 ? 430 HOH A O   1 
HETATM 1418 O  O   . HOH H 4 .   ? -9.648  12.715  2.749   1.00 47.01 ? 431 HOH A O   1 
HETATM 1419 O  O   . HOH H 4 .   ? 7.912   6.466   -14.260 1.00 57.04 ? 432 HOH A O   1 
HETATM 1420 O  O   . HOH H 4 .   ? 17.895  18.404  4.565   1.00 56.10 ? 433 HOH A O   1 
HETATM 1421 O  O   . HOH H 4 .   ? -1.235  13.242  -5.539  1.00 53.69 ? 434 HOH A O   1 
HETATM 1422 O  O   . HOH H 4 .   ? -2.661  -10.707 -16.088 1.00 46.75 ? 435 HOH A O   1 
HETATM 1423 O  O   . HOH H 4 .   ? 13.004  2.733   -11.221 1.00 49.15 ? 436 HOH A O   1 
HETATM 1424 O  O   . HOH H 4 .   ? 0.305   -6.595  15.644  1.00 50.27 ? 437 HOH A O   1 
HETATM 1425 O  O   . HOH H 4 .   ? 11.659  -13.385 2.667   1.00 55.65 ? 438 HOH A O   1 
HETATM 1426 O  O   . HOH H 4 .   ? -10.188 -15.978 -9.160  1.00 48.80 ? 439 HOH A O   1 
HETATM 1427 O  O   . HOH H 4 .   ? 16.859  10.745  -17.307 1.00 56.91 ? 440 HOH A O   1 
HETATM 1428 O  O   . HOH H 4 .   ? -8.405  -10.236 14.935  1.00 57.68 ? 441 HOH A O   1 
HETATM 1429 O  O   . HOH H 4 .   ? 0.221   10.875  -9.467  1.00 46.46 ? 442 HOH A O   1 
HETATM 1430 O  O   . HOH H 4 .   ? -11.384 -18.298 1.134   1.00 45.84 ? 443 HOH A O   1 
HETATM 1431 O  O   . HOH H 4 .   ? 2.822   0.122   -1.013  1.00 40.53 ? 444 HOH A O   1 
HETATM 1432 O  O   . HOH H 4 .   ? -2.345  8.681   -6.742  1.00 18.00 ? 445 HOH A O   1 
HETATM 1433 O  O   . HOH H 4 .   ? 0.123   6.242   -8.251  1.00 24.27 ? 446 HOH A O   1 
HETATM 1434 O  O   . HOH H 4 .   ? -5.058  10.775  -5.893  1.00 28.76 ? 447 HOH A O   1 
HETATM 1435 O  O   . HOH H 4 .   ? 0.297   11.826  12.215  1.00 31.01 ? 448 HOH A O   1 
# 
